data_8OJ6
#
_entry.id   8OJ6
#
_cell.length_a   1.00
_cell.length_b   1.00
_cell.length_c   1.00
_cell.angle_alpha   90.00
_cell.angle_beta   90.00
_cell.angle_gamma   90.00
#
_symmetry.space_group_name_H-M   'P 1'
#
loop_
_entity.id
_entity.type
_entity.pdbx_description
1 polymer 'DNA polymerase catalytic subunit'
2 polymer 'DNA polymerase processivity factor'
3 polymer 'DNA (22-MER)'
4 polymer 'DNA (48-MER)'
5 non-polymer 'MAGNESIUM ION'
6 water water
#
loop_
_entity_poly.entity_id
_entity_poly.type
_entity_poly.pdbx_seq_one_letter_code
_entity_poly.pdbx_strand_id
1 'polypeptide(L)'
;MFSGGGGPLSPGGKSAARAASGFFAPAGPRGASRGPPPCLRQNFYNPYLAPVGTQQKPTGPTQRHTYYSECDEFRFIAPR
VLDEDAPPEKRAGVHDGHLKRAPKVYCGGDERDVLRVGSGGFWPRRSRLWGGVDHAPAGFNPTVTVFHVYDILENVEHAY
GMRAAQFHARFMDAITPTGTVITLLGLTPEGHRVAVHVYGTRQYFYMNKEEVDRHLQCRAPRDLCERMAAALRESPGASF
RGISADHFEAEVVERTDVYYYETRPALFYRVYVRSGRVLSYLCDNFCPAIKKYEGGVDATTRFILDNPGFVTFGWYRLKP
GRNNTLAQPRAPMAFGTSSDVEFNCTADNLAIEGGMSDLPAYKLMCFDIECKAGGEDELAFPVAGHPEDLVIQISCLLYD
LSTTALEHVLLFSLGSCDLPESHLNELAARGLPTPVVLEFDSEFEMLLAFMTLVKQYGPEFVTGYNIINFDWPFLLAKLT
DIYKVPLDGYGRMNGRGVFRVWDIGQSHFQKRSKIKVNGMVNIDMYGIITDKIKLSSYKLNAVAEAVLKDKKKDLSYRDI
PAYYAAGPAQRGVIGEYCIQDSLLVGQLFFKFLPHLELSAVARLAGINITRTIYDGQQIRVFTCLLRLADQKGFILPDTQ
GRFRGAGGEAPKRPAAAREDEERPEEEGEDEDEREEGGGEREPEGARETAGRHVGYQGARVLDPTSGFHVNPVVVFDFAS
LYPSIIQAHNLCFSTLSLRADAVAHLEAGKDYLEIEVGGRRLFFVKAHVRESLLSILLRDWLAMRKQIRSRIPQSSPEEA
VLLDKQQAAIKVVCNSVYGFTGVQHGLLPCLHVAATVTTIGREMLLATREYVHARWAAFEQLLADFPEAADMRAPGPYSM
RIIYGDTDSIFVLCRGLTAAGLTAVGDKMASHISRALFLPPIKLECEKTFTKLLLIAKKKYIGVIYGGKMLIKGVDLVRK
NNCAFINRTSRALVDLLFYDDTVSGAAAALAERPAEEWLARPLPEGLQAFGAVLVDAHRRITDPERDIQDFVLTAELSRH
PRAYTNKRLAHLTVYYKLMARRAQVPSIKDRIPYVIVAQTREVEETVARLAALRELDAAAPGDEPAPPAALPSPAKRPRE
TPSPADPPGGASKPRKLLVSELAEDPAYAIAHGVALNTDYYFSHLLGAACVTFKALFGNNAKITESLLKRFIPEVWHPPD
DVAARLRTAGFGAVGAGATAEETRRMLHRAFDTLA
;
A
2 'polypeptide(L)'
;MTDSPGGVAPASPVEDASDASLGQPEEGAPCQVVLQGAELNGILQAFAPLRTSLLDSLLVMGDRGILIHNTIFGEQVFLP
LEHSQFSRYRWRGPTAAFLSLVDQKRSLLSVFRANQYPDLRRVELAITGQAPFRTLVQRIWTTTSDGEAVELASETLMKR
ELTSFVVLVPQGTPDVQLRLTRPQLTKVLNATGADSATPTTFELGVNGKFSVFTTSTCVTFAAREEGVSSSTSTQVQILS
NALTKAGQAAANAKTVYGENTHRTFSVVVDDCSMRAVLRRLQVGGGTLKFFLTTPVPSLCVTATGPNAVSAVFLLKPQKI
CLDWLGHSQGSPSAGSSASRASGSEPTDSQDSASDAVSHGDPEDLDGAARAGEAGALHACPMPSSTTRVTPTTKRGRSGG
EDARADTALKKPKTGSPTAPPPADPVPLDTEDDSDAADGTAARPAAPDARSGSRYACYFRDLPTGEASPGAFSAFRGGPQ
TPYGFGFP
;
B
3 'polydeoxyribonucleotide'
;(DC)(DA)(DG)(DT)(DC)(DA)(DC)(DG)(DA)(DC)(DG)(DT)(DT)(DG)(DT)(DA)(DG)(DA)(DG)(DC)
(DG)(DA)
;
C
4 'polydeoxyribonucleotide'
;(DC)(DG)(DA)(DA)(DA)(DG)(DT)(DA)(DC)(DG)(DT)(DT)(DA)(DT)(DT)(DG)(DC)(DG)(DA)(DC)
(DT)(DG)(DG)(DC)(DC)(DG)(DT)(DC)(DG)(DC)(DT)(DC)(DT)(DA)(DC)(DA)(DA)(DC)(DG)(DT)
(DC)(DG)(DT)(DG)(DA)(DC)(DT)(DG)
;
D
#
# COMPACT_ATOMS: atom_id res chain seq x y z
N THR A 59 -55.99 -10.72 -19.42
CA THR A 59 -54.80 -9.93 -19.85
C THR A 59 -53.82 -9.83 -18.69
N GLY A 60 -52.72 -9.07 -18.92
CA GLY A 60 -51.63 -8.95 -17.97
C GLY A 60 -50.33 -9.44 -18.59
N PRO A 61 -49.14 -9.01 -18.10
CA PRO A 61 -47.88 -9.50 -18.64
C PRO A 61 -47.75 -11.01 -18.46
N THR A 62 -47.14 -11.66 -19.47
CA THR A 62 -46.94 -13.10 -19.47
C THR A 62 -46.22 -13.52 -18.18
N GLN A 63 -45.13 -12.82 -17.86
CA GLN A 63 -44.42 -13.01 -16.61
C GLN A 63 -44.63 -11.77 -15.74
N ARG A 64 -44.91 -11.97 -14.46
CA ARG A 64 -45.26 -10.88 -13.56
C ARG A 64 -44.07 -9.95 -13.38
N HIS A 65 -44.33 -8.64 -13.42
CA HIS A 65 -43.36 -7.64 -13.04
C HIS A 65 -43.31 -7.54 -11.52
N THR A 66 -42.11 -7.51 -10.94
CA THR A 66 -41.96 -7.53 -9.49
C THR A 66 -41.55 -6.18 -8.91
N TYR A 67 -41.23 -5.20 -9.75
CA TYR A 67 -40.98 -3.85 -9.26
C TYR A 67 -42.31 -3.18 -8.93
N TYR A 68 -42.27 -2.11 -8.15
CA TYR A 68 -43.48 -1.41 -7.74
C TYR A 68 -43.93 -0.44 -8.82
N SER A 69 -45.04 -0.77 -9.45
CA SER A 69 -45.77 0.11 -10.33
C SER A 69 -46.81 0.91 -9.54
N GLU A 70 -47.22 0.38 -8.38
CA GLU A 70 -48.13 1.08 -7.49
C GLU A 70 -47.86 0.72 -6.04
N CYS A 71 -48.34 1.58 -5.15
CA CYS A 71 -48.06 1.49 -3.73
C CYS A 71 -48.97 2.48 -3.01
N ASP A 72 -49.60 2.05 -1.92
CA ASP A 72 -50.49 2.93 -1.17
C ASP A 72 -50.33 2.76 0.35
N GLU A 73 -49.40 1.90 0.79
CA GLU A 73 -49.00 1.89 2.18
C GLU A 73 -47.50 1.64 2.26
N PHE A 74 -46.84 2.40 3.13
CA PHE A 74 -45.42 2.28 3.33
C PHE A 74 -45.04 2.76 4.73
N ARG A 75 -43.85 2.34 5.14
CA ARG A 75 -43.25 2.78 6.37
C ARG A 75 -42.66 4.17 6.23
N PHE A 76 -43.30 5.17 6.80
CA PHE A 76 -42.82 6.54 6.79
C PHE A 76 -41.77 6.74 7.87
N ILE A 77 -40.52 7.04 7.48
CA ILE A 77 -39.44 7.38 8.38
C ILE A 77 -38.85 8.70 7.91
N ALA A 78 -38.73 9.63 8.84
CA ALA A 78 -38.35 10.98 8.50
C ALA A 78 -37.82 11.68 9.75
N PRO A 79 -36.80 12.54 9.62
CA PRO A 79 -36.33 13.36 10.74
C PRO A 79 -37.39 14.32 11.26
N ARG A 80 -37.54 14.35 12.58
CA ARG A 80 -38.52 15.21 13.23
C ARG A 80 -38.14 16.67 13.06
N VAL A 81 -36.87 16.96 12.82
CA VAL A 81 -36.36 18.31 12.67
C VAL A 81 -36.95 19.01 11.45
N LEU A 82 -37.58 18.26 10.53
CA LEU A 82 -38.23 18.82 9.36
C LEU A 82 -39.59 19.45 9.69
N ASP A 83 -40.11 19.21 10.90
CA ASP A 83 -41.35 19.81 11.34
C ASP A 83 -41.07 21.20 11.95
N GLU A 84 -41.16 22.25 11.13
CA GLU A 84 -40.61 23.55 11.48
C GLU A 84 -41.40 24.21 12.61
N ASP A 85 -42.70 23.89 12.72
CA ASP A 85 -43.57 24.52 13.70
C ASP A 85 -43.56 23.75 15.03
N ALA A 86 -42.87 22.59 15.08
CA ALA A 86 -42.81 21.80 16.29
C ALA A 86 -41.92 22.49 17.33
N PRO A 87 -42.24 22.38 18.64
CA PRO A 87 -41.35 22.84 19.70
C PRO A 87 -40.05 22.01 19.71
N PRO A 88 -38.90 22.59 20.13
CA PRO A 88 -37.63 21.84 20.16
C PRO A 88 -37.64 20.60 21.04
N GLU A 89 -38.62 20.50 21.95
CA GLU A 89 -38.84 19.30 22.75
C GLU A 89 -39.14 18.08 21.87
N LYS A 90 -39.46 18.33 20.59
CA LYS A 90 -40.00 17.31 19.70
C LYS A 90 -39.26 17.28 18.36
N ARG A 91 -38.04 17.85 18.29
CA ARG A 91 -37.33 17.94 17.02
C ARG A 91 -36.19 16.93 16.93
N ALA A 92 -36.05 16.04 17.91
CA ALA A 92 -35.02 15.00 17.87
C ALA A 92 -35.53 13.76 17.15
N GLY A 93 -34.60 12.98 16.58
CA GLY A 93 -34.90 11.63 16.12
C GLY A 93 -35.81 11.57 14.90
N VAL A 94 -36.53 10.46 14.74
CA VAL A 94 -37.33 10.20 13.55
C VAL A 94 -38.73 9.79 13.94
N HIS A 95 -39.71 10.22 13.15
CA HIS A 95 -40.99 9.55 13.04
C HIS A 95 -40.79 8.20 12.36
N ASP A 96 -41.55 7.19 12.80
CA ASP A 96 -41.48 5.85 12.21
C ASP A 96 -42.81 5.15 12.42
N GLY A 97 -43.62 5.13 11.36
CA GLY A 97 -44.93 4.48 11.41
C GLY A 97 -45.50 4.32 10.02
N HIS A 98 -46.48 3.43 9.89
CA HIS A 98 -47.00 3.09 8.58
C HIS A 98 -48.05 4.11 8.20
N LEU A 99 -48.07 4.44 6.91
CA LEU A 99 -48.89 5.53 6.41
C LEU A 99 -49.58 5.11 5.13
N LYS A 100 -50.89 5.37 5.04
CA LYS A 100 -51.71 4.92 3.92
C LYS A 100 -51.89 6.08 2.94
N ARG A 101 -50.79 6.42 2.27
CA ARG A 101 -50.78 7.28 1.10
C ARG A 101 -50.00 6.59 -0.02
N ALA A 102 -50.28 6.98 -1.26
CA ALA A 102 -49.34 6.75 -2.34
C ALA A 102 -48.12 7.64 -2.10
N PRO A 103 -46.89 7.13 -2.27
CA PRO A 103 -45.68 7.96 -2.22
C PRO A 103 -45.67 9.17 -3.13
N LYS A 104 -45.34 10.34 -2.54
CA LYS A 104 -45.33 11.61 -3.24
C LYS A 104 -43.91 12.09 -3.47
N VAL A 105 -43.75 12.88 -4.51
CA VAL A 105 -42.54 13.65 -4.75
C VAL A 105 -42.94 15.10 -5.04
N TYR A 106 -42.14 16.04 -4.53
CA TYR A 106 -42.40 17.45 -4.68
C TYR A 106 -41.28 18.03 -5.53
N CYS A 107 -41.62 18.98 -6.40
CA CYS A 107 -40.61 19.54 -7.27
C CYS A 107 -41.09 20.88 -7.80
N GLY A 108 -40.34 21.94 -7.49
CA GLY A 108 -40.65 23.28 -7.95
C GLY A 108 -42.07 23.73 -7.62
N GLY A 109 -42.56 23.36 -6.42
CA GLY A 109 -43.89 23.73 -5.97
C GLY A 109 -44.99 22.82 -6.52
N ASP A 110 -44.62 21.90 -7.41
CA ASP A 110 -45.54 20.93 -7.96
C ASP A 110 -45.41 19.63 -7.15
N GLU A 111 -46.35 18.71 -7.36
CA GLU A 111 -46.46 17.48 -6.59
C GLU A 111 -46.97 16.38 -7.52
N ARG A 112 -46.39 15.19 -7.39
CA ARG A 112 -46.79 14.05 -8.20
C ARG A 112 -46.67 12.78 -7.39
N ASP A 113 -47.37 11.74 -7.85
CA ASP A 113 -47.13 10.41 -7.33
C ASP A 113 -45.80 9.90 -7.90
N VAL A 114 -44.97 9.32 -7.04
CA VAL A 114 -43.69 8.79 -7.46
C VAL A 114 -43.88 7.78 -8.59
N LEU A 115 -44.98 7.02 -8.57
CA LEU A 115 -45.12 5.86 -9.41
C LEU A 115 -46.00 6.10 -10.63
N ARG A 116 -46.50 7.33 -10.82
CA ARG A 116 -47.33 7.60 -11.96
C ARG A 116 -46.47 7.90 -13.17
N VAL A 117 -46.82 7.26 -14.29
CA VAL A 117 -46.22 7.52 -15.59
C VAL A 117 -47.27 8.20 -16.45
N GLY A 118 -46.89 9.31 -17.09
CA GLY A 118 -47.89 10.17 -17.73
C GLY A 118 -47.26 11.29 -18.56
N SER A 119 -48.04 12.37 -18.72
CA SER A 119 -47.71 13.46 -19.62
C SER A 119 -46.61 14.33 -19.00
N GLY A 120 -46.65 14.47 -17.67
CA GLY A 120 -45.61 15.18 -16.95
C GLY A 120 -44.49 14.22 -16.56
N GLY A 121 -43.73 14.63 -15.53
CA GLY A 121 -42.69 13.80 -14.97
C GLY A 121 -41.50 14.66 -14.55
N PHE A 122 -41.01 14.43 -13.34
CA PHE A 122 -39.92 15.21 -12.81
C PHE A 122 -38.57 14.63 -13.18
N TRP A 123 -38.51 13.44 -13.75
CA TRP A 123 -37.26 12.85 -14.20
C TRP A 123 -37.48 12.13 -15.51
N PRO A 124 -36.46 12.02 -16.38
CA PRO A 124 -36.61 11.37 -17.68
C PRO A 124 -36.89 9.88 -17.64
N ARG A 125 -37.53 9.38 -18.69
CA ARG A 125 -37.81 7.96 -18.84
C ARG A 125 -37.35 7.48 -20.22
N ARG A 126 -36.93 6.22 -20.26
CA ARG A 126 -36.54 5.53 -21.48
C ARG A 126 -37.19 4.17 -21.45
N SER A 127 -38.46 4.18 -21.08
CA SER A 127 -39.22 2.98 -20.81
C SER A 127 -40.55 3.02 -21.56
N ARG A 128 -40.94 1.84 -22.02
CA ARG A 128 -42.16 1.66 -22.78
C ARG A 128 -43.30 1.17 -21.89
N LEU A 129 -43.08 0.09 -21.13
CA LEU A 129 -44.11 -0.48 -20.31
C LEU A 129 -43.95 0.02 -18.90
N TRP A 130 -45.05 0.05 -18.17
CA TRP A 130 -45.03 0.35 -16.76
C TRP A 130 -46.18 -0.43 -16.12
N GLY A 131 -45.82 -1.33 -15.19
CA GLY A 131 -46.67 -2.48 -14.93
C GLY A 131 -47.04 -3.14 -16.26
N GLY A 132 -48.34 -3.28 -16.54
CA GLY A 132 -48.77 -3.85 -17.80
C GLY A 132 -49.14 -2.82 -18.87
N VAL A 133 -49.16 -1.53 -18.55
CA VAL A 133 -49.61 -0.51 -19.50
C VAL A 133 -48.50 -0.20 -20.52
N ASP A 134 -48.86 -0.18 -21.82
CA ASP A 134 -47.97 0.27 -22.87
C ASP A 134 -48.10 1.77 -23.07
N HIS A 135 -47.00 2.50 -22.85
CA HIS A 135 -46.98 3.95 -22.93
C HIS A 135 -46.34 4.44 -24.23
N ALA A 136 -45.95 3.54 -25.15
CA ALA A 136 -45.44 3.99 -26.43
C ALA A 136 -46.55 4.66 -27.23
N PRO A 137 -46.25 5.71 -28.04
CA PRO A 137 -47.27 6.36 -28.85
C PRO A 137 -47.87 5.34 -29.82
N ALA A 138 -49.16 5.50 -30.11
CA ALA A 138 -49.86 4.58 -30.98
C ALA A 138 -49.10 4.45 -32.31
N GLY A 139 -49.02 3.21 -32.81
CA GLY A 139 -48.35 2.93 -34.07
C GLY A 139 -46.82 2.81 -33.93
N PHE A 140 -46.29 2.91 -32.71
CA PHE A 140 -44.86 2.76 -32.47
C PHE A 140 -44.46 1.32 -32.77
N ASN A 141 -43.57 1.14 -33.75
CA ASN A 141 -43.22 -0.20 -34.20
C ASN A 141 -41.91 -0.16 -34.99
N PRO A 142 -40.79 0.28 -34.37
CA PRO A 142 -39.55 0.51 -35.11
C PRO A 142 -39.00 -0.74 -35.78
N THR A 143 -38.51 -0.58 -37.01
CA THR A 143 -37.77 -1.62 -37.67
C THR A 143 -36.37 -1.68 -37.08
N VAL A 144 -35.94 -2.88 -36.71
CA VAL A 144 -34.59 -3.11 -36.25
C VAL A 144 -33.86 -3.99 -37.26
N THR A 145 -32.76 -3.45 -37.75
CA THR A 145 -31.78 -4.18 -38.55
C THR A 145 -30.53 -4.39 -37.73
N VAL A 146 -29.87 -3.29 -37.35
CA VAL A 146 -28.64 -3.33 -36.58
C VAL A 146 -28.91 -2.85 -35.17
N PHE A 147 -28.20 -3.47 -34.23
CA PHE A 147 -28.26 -3.09 -32.84
C PHE A 147 -26.92 -3.42 -32.20
N HIS A 148 -26.56 -2.63 -31.19
CA HIS A 148 -25.36 -2.84 -30.43
C HIS A 148 -25.69 -3.62 -29.17
N VAL A 149 -24.92 -4.64 -28.85
CA VAL A 149 -25.09 -5.41 -27.63
C VAL A 149 -24.04 -4.97 -26.65
N TYR A 150 -24.44 -4.63 -25.42
CA TYR A 150 -23.48 -4.33 -24.36
C TYR A 150 -23.49 -5.39 -23.26
N ASP A 151 -24.56 -6.16 -23.15
CA ASP A 151 -24.67 -7.13 -22.07
C ASP A 151 -25.50 -8.33 -22.52
N ILE A 152 -25.22 -9.47 -21.88
CA ILE A 152 -25.87 -10.72 -22.22
C ILE A 152 -26.33 -11.39 -20.95
N LEU A 153 -27.63 -11.72 -20.89
CA LEU A 153 -28.23 -12.43 -19.78
C LEU A 153 -28.49 -13.85 -20.21
N GLU A 154 -28.56 -14.78 -19.25
CA GLU A 154 -29.01 -16.12 -19.54
C GLU A 154 -30.00 -16.48 -18.47
N ASN A 155 -31.20 -16.80 -18.92
CA ASN A 155 -32.34 -17.10 -18.06
C ASN A 155 -32.97 -18.41 -18.53
N VAL A 156 -33.72 -19.07 -17.66
CA VAL A 156 -34.43 -20.27 -18.08
C VAL A 156 -35.90 -19.94 -18.28
N GLU A 157 -36.41 -20.28 -19.46
CA GLU A 157 -37.82 -20.17 -19.77
C GLU A 157 -38.42 -21.58 -19.84
N HIS A 158 -39.73 -21.64 -19.58
CA HIS A 158 -40.49 -22.88 -19.68
C HIS A 158 -41.66 -22.67 -20.63
N ALA A 159 -41.85 -23.62 -21.53
CA ALA A 159 -42.93 -23.53 -22.51
C ALA A 159 -44.29 -23.31 -21.84
N TYR A 160 -44.53 -23.89 -20.66
CA TYR A 160 -45.83 -23.78 -20.02
C TYR A 160 -46.06 -22.35 -19.54
N GLY A 161 -45.01 -21.71 -19.00
CA GLY A 161 -45.11 -20.32 -18.62
C GLY A 161 -45.30 -19.38 -19.79
N MET A 162 -44.82 -19.80 -20.97
CA MET A 162 -44.94 -19.00 -22.19
C MET A 162 -46.19 -19.33 -23.00
N ARG A 163 -47.15 -20.06 -22.42
CA ARG A 163 -48.36 -20.51 -23.11
C ARG A 163 -49.02 -19.41 -23.93
N ALA A 164 -49.27 -18.27 -23.26
CA ALA A 164 -50.17 -17.23 -23.74
C ALA A 164 -49.43 -16.10 -24.43
N ALA A 165 -48.09 -16.10 -24.39
CA ALA A 165 -47.30 -15.34 -25.34
C ALA A 165 -47.41 -16.06 -26.68
N GLN A 166 -47.47 -15.33 -27.79
CA GLN A 166 -47.82 -15.97 -29.04
C GLN A 166 -46.57 -16.36 -29.82
N PHE A 167 -45.64 -17.04 -29.16
CA PHE A 167 -44.36 -17.34 -29.77
C PHE A 167 -44.54 -18.36 -30.88
N HIS A 168 -43.79 -18.21 -31.98
CA HIS A 168 -43.73 -19.21 -33.04
C HIS A 168 -43.20 -20.54 -32.50
N ALA A 169 -43.61 -21.64 -33.14
CA ALA A 169 -43.30 -22.97 -32.69
C ALA A 169 -41.80 -23.22 -32.54
N ARG A 170 -40.97 -22.63 -33.42
CA ARG A 170 -39.50 -22.73 -33.32
C ARG A 170 -39.01 -22.46 -31.90
N PHE A 171 -39.55 -21.43 -31.25
CA PHE A 171 -39.03 -21.01 -29.96
C PHE A 171 -39.59 -21.91 -28.85
N MET A 172 -40.89 -22.22 -28.97
CA MET A 172 -41.58 -23.04 -28.02
C MET A 172 -40.89 -24.41 -27.93
N ASP A 173 -40.48 -24.97 -29.07
CA ASP A 173 -39.72 -26.20 -29.11
C ASP A 173 -38.49 -26.08 -28.21
N ALA A 174 -37.74 -24.99 -28.33
CA ALA A 174 -36.46 -24.88 -27.65
C ALA A 174 -36.60 -24.85 -26.14
N ILE A 175 -37.74 -24.41 -25.63
CA ILE A 175 -37.97 -24.41 -24.19
C ILE A 175 -39.12 -25.35 -23.88
N THR A 176 -39.25 -26.45 -24.64
CA THR A 176 -40.45 -27.28 -24.58
C THR A 176 -40.66 -27.81 -23.18
N PRO A 177 -39.76 -28.66 -22.64
CA PRO A 177 -39.88 -28.96 -21.23
C PRO A 177 -39.44 -27.64 -20.60
N THR A 178 -38.25 -27.18 -20.96
CA THR A 178 -37.62 -26.00 -20.41
C THR A 178 -36.43 -25.70 -21.31
N GLY A 179 -35.85 -24.51 -21.18
CA GLY A 179 -34.69 -24.18 -21.97
C GLY A 179 -34.04 -22.90 -21.49
N THR A 180 -32.81 -22.68 -21.93
CA THR A 180 -32.05 -21.52 -21.55
C THR A 180 -32.13 -20.53 -22.69
N VAL A 181 -32.45 -19.28 -22.37
CA VAL A 181 -32.60 -18.24 -23.36
C VAL A 181 -31.53 -17.21 -23.10
N ILE A 182 -30.74 -16.91 -24.13
CA ILE A 182 -29.70 -15.88 -24.05
C ILE A 182 -30.37 -14.57 -24.45
N THR A 183 -30.37 -13.58 -23.59
CA THR A 183 -30.90 -12.28 -23.94
C THR A 183 -29.76 -11.32 -24.22
N LEU A 184 -29.70 -10.84 -25.45
CA LEU A 184 -28.79 -9.78 -25.82
C LEU A 184 -29.45 -8.44 -25.49
N LEU A 185 -28.82 -7.60 -24.71
CA LEU A 185 -29.35 -6.30 -24.38
C LEU A 185 -28.59 -5.22 -25.12
N GLY A 186 -29.31 -4.24 -25.66
CA GLY A 186 -28.66 -3.32 -26.56
C GLY A 186 -29.44 -2.08 -26.92
N LEU A 187 -28.89 -1.30 -27.85
CA LEU A 187 -29.53 -0.14 -28.42
C LEU A 187 -29.54 -0.26 -29.94
N THR A 188 -30.54 0.37 -30.57
CA THR A 188 -30.49 0.60 -31.99
C THR A 188 -29.71 1.87 -32.20
N PRO A 189 -29.23 2.17 -33.43
CA PRO A 189 -28.60 3.45 -33.69
C PRO A 189 -29.54 4.67 -33.56
N GLU A 190 -30.85 4.45 -33.59
CA GLU A 190 -31.81 5.50 -33.31
C GLU A 190 -32.07 5.64 -31.82
N GLY A 191 -31.48 4.76 -31.00
CA GLY A 191 -31.52 4.90 -29.55
C GLY A 191 -32.63 4.13 -28.86
N HIS A 192 -33.30 3.21 -29.56
CA HIS A 192 -34.28 2.36 -28.93
C HIS A 192 -33.59 1.25 -28.14
N ARG A 193 -34.09 0.92 -26.95
CA ARG A 193 -33.56 -0.18 -26.17
C ARG A 193 -34.11 -1.51 -26.68
N VAL A 194 -33.22 -2.46 -26.84
CA VAL A 194 -33.53 -3.69 -27.54
C VAL A 194 -33.25 -4.86 -26.60
N ALA A 195 -34.09 -5.87 -26.63
CA ALA A 195 -33.70 -7.17 -26.11
C ALA A 195 -33.91 -8.22 -27.17
N VAL A 196 -32.86 -8.96 -27.51
CA VAL A 196 -33.04 -10.07 -28.44
C VAL A 196 -32.89 -11.37 -27.67
N HIS A 197 -33.95 -12.16 -27.63
CA HIS A 197 -33.97 -13.42 -26.95
C HIS A 197 -33.59 -14.48 -27.95
N VAL A 198 -32.44 -15.12 -27.70
CA VAL A 198 -31.94 -16.15 -28.58
C VAL A 198 -32.27 -17.49 -27.95
N TYR A 199 -32.88 -18.38 -28.74
CA TYR A 199 -33.33 -19.71 -28.37
C TYR A 199 -32.43 -20.76 -29.01
N GLY A 200 -32.23 -21.86 -28.29
CA GLY A 200 -31.59 -23.03 -28.87
C GLY A 200 -30.15 -23.25 -28.43
N THR A 201 -29.61 -22.42 -27.55
CA THR A 201 -28.30 -22.67 -26.98
C THR A 201 -28.42 -23.62 -25.79
N ARG A 202 -27.77 -24.77 -25.87
CA ARG A 202 -27.70 -25.71 -24.76
C ARG A 202 -26.28 -25.80 -24.25
N GLN A 203 -26.14 -25.86 -22.93
CA GLN A 203 -24.88 -26.21 -22.33
C GLN A 203 -24.65 -27.70 -22.48
N TYR A 204 -23.37 -28.09 -22.49
CA TYR A 204 -23.02 -29.50 -22.54
C TYR A 204 -21.73 -29.75 -21.79
N PHE A 205 -21.57 -30.99 -21.32
CA PHE A 205 -20.34 -31.46 -20.73
C PHE A 205 -20.03 -32.82 -21.34
N TYR A 206 -18.79 -33.29 -21.13
CA TYR A 206 -18.39 -34.59 -21.63
C TYR A 206 -17.99 -35.52 -20.49
N MET A 207 -18.13 -36.82 -20.75
CA MET A 207 -17.65 -37.88 -19.88
C MET A 207 -17.13 -38.96 -20.78
N ASN A 208 -16.05 -39.60 -20.35
CA ASN A 208 -15.41 -40.62 -21.14
C ASN A 208 -16.33 -41.81 -21.28
N LYS A 209 -16.57 -42.28 -22.52
CA LYS A 209 -17.57 -43.29 -22.78
C LYS A 209 -17.20 -44.61 -22.09
N GLU A 210 -15.94 -44.99 -22.17
CA GLU A 210 -15.49 -46.25 -21.62
C GLU A 210 -15.69 -46.26 -20.11
N GLU A 211 -15.41 -45.13 -19.47
CA GLU A 211 -15.47 -45.04 -18.02
C GLU A 211 -16.91 -45.09 -17.53
N VAL A 212 -17.82 -44.39 -18.20
CA VAL A 212 -19.19 -44.34 -17.73
C VAL A 212 -19.90 -45.64 -18.10
N ASP A 213 -19.54 -46.27 -19.22
CA ASP A 213 -20.09 -47.57 -19.56
C ASP A 213 -19.68 -48.62 -18.51
N ARG A 214 -18.45 -48.55 -18.00
CA ARG A 214 -18.04 -49.44 -16.92
C ARG A 214 -18.79 -49.14 -15.63
N HIS A 215 -18.93 -47.85 -15.28
CA HIS A 215 -19.48 -47.45 -13.99
C HIS A 215 -20.99 -47.65 -13.92
N LEU A 216 -21.72 -47.39 -15.02
CA LEU A 216 -23.19 -47.38 -15.03
C LEU A 216 -23.80 -48.49 -15.89
N GLN A 217 -22.98 -49.21 -16.68
CA GLN A 217 -23.44 -50.32 -17.51
C GLN A 217 -24.42 -49.86 -18.59
N CYS A 218 -24.17 -48.66 -19.15
CA CYS A 218 -24.97 -48.13 -20.23
C CYS A 218 -24.77 -48.92 -21.52
N ARG A 219 -25.88 -49.27 -22.18
CA ARG A 219 -25.82 -49.94 -23.48
C ARG A 219 -25.83 -48.93 -24.61
N ALA A 220 -26.29 -47.70 -24.32
CA ALA A 220 -26.65 -46.73 -25.36
C ALA A 220 -26.66 -45.32 -24.79
N PRO A 221 -26.60 -44.26 -25.62
CA PRO A 221 -26.72 -42.89 -25.12
C PRO A 221 -28.02 -42.60 -24.36
N ARG A 222 -29.11 -43.30 -24.72
CA ARG A 222 -30.39 -43.12 -24.06
C ARG A 222 -30.36 -43.69 -22.64
N ASP A 223 -29.60 -44.79 -22.42
CA ASP A 223 -29.43 -45.32 -21.07
C ASP A 223 -28.82 -44.24 -20.17
N LEU A 224 -27.83 -43.52 -20.71
CA LEU A 224 -27.13 -42.53 -19.92
C LEU A 224 -28.11 -41.42 -19.48
N CYS A 225 -29.00 -41.02 -20.37
CA CYS A 225 -30.00 -40.02 -20.07
C CYS A 225 -30.96 -40.51 -18.98
N GLU A 226 -31.35 -41.79 -19.04
CA GLU A 226 -32.19 -42.39 -18.02
C GLU A 226 -31.49 -42.38 -16.67
N ARG A 227 -30.19 -42.73 -16.64
CA ARG A 227 -29.40 -42.70 -15.41
C ARG A 227 -29.35 -41.30 -14.80
N MET A 228 -29.20 -40.27 -15.64
CA MET A 228 -29.02 -38.90 -15.20
C MET A 228 -30.32 -38.36 -14.63
N ALA A 229 -31.44 -38.62 -15.31
CA ALA A 229 -32.74 -38.18 -14.83
C ALA A 229 -33.04 -38.82 -13.49
N ALA A 230 -32.79 -40.13 -13.38
CA ALA A 230 -33.01 -40.87 -12.15
C ALA A 230 -32.20 -40.26 -11.01
N ALA A 231 -30.93 -39.95 -11.27
CA ALA A 231 -30.04 -39.40 -10.26
C ALA A 231 -30.51 -38.02 -9.77
N LEU A 232 -31.28 -37.30 -10.57
CA LEU A 232 -31.79 -35.99 -10.20
C LEU A 232 -33.14 -36.08 -9.49
N ARG A 233 -33.91 -37.14 -9.83
CA ARG A 233 -35.21 -37.38 -9.25
C ARG A 233 -35.05 -37.77 -7.79
N GLU A 234 -34.21 -38.77 -7.50
CA GLU A 234 -33.90 -39.08 -6.11
C GLU A 234 -32.76 -38.17 -5.66
N SER A 235 -33.13 -36.95 -5.27
CA SER A 235 -32.20 -35.91 -4.88
C SER A 235 -32.71 -35.18 -3.63
N PRO A 236 -31.84 -34.86 -2.64
CA PRO A 236 -32.22 -33.96 -1.55
C PRO A 236 -32.77 -32.61 -2.02
N GLY A 237 -33.76 -32.09 -1.29
CA GLY A 237 -34.43 -30.86 -1.69
C GLY A 237 -35.54 -31.11 -2.71
N ALA A 238 -35.45 -32.25 -3.43
CA ALA A 238 -36.44 -32.70 -4.41
C ALA A 238 -36.75 -31.65 -5.47
N SER A 239 -35.74 -30.86 -5.87
CA SER A 239 -35.96 -29.66 -6.66
C SER A 239 -36.20 -29.99 -8.13
N PHE A 240 -35.68 -31.13 -8.62
CA PHE A 240 -35.82 -31.47 -10.03
C PHE A 240 -37.07 -32.31 -10.21
N ARG A 241 -38.22 -31.76 -9.78
CA ARG A 241 -39.49 -32.45 -9.88
C ARG A 241 -39.82 -32.63 -11.36
N GLY A 242 -40.14 -33.87 -11.75
CA GLY A 242 -40.64 -34.16 -13.08
C GLY A 242 -39.58 -34.01 -14.17
N ILE A 243 -38.30 -33.98 -13.77
CA ILE A 243 -37.21 -34.06 -14.73
C ILE A 243 -37.23 -35.46 -15.33
N SER A 244 -36.92 -35.54 -16.62
CA SER A 244 -37.16 -36.75 -17.39
C SER A 244 -35.94 -37.03 -18.26
N ALA A 245 -35.86 -38.25 -18.81
CA ALA A 245 -34.73 -38.62 -19.65
C ALA A 245 -34.68 -37.70 -20.86
N ASP A 246 -35.81 -37.10 -21.22
CA ASP A 246 -35.92 -36.29 -22.42
C ASP A 246 -35.49 -34.84 -22.19
N HIS A 247 -35.20 -34.47 -20.94
CA HIS A 247 -34.52 -33.22 -20.67
C HIS A 247 -33.05 -33.27 -21.10
N PHE A 248 -32.57 -34.46 -21.47
CA PHE A 248 -31.19 -34.70 -21.86
C PHE A 248 -31.11 -35.24 -23.27
N GLU A 249 -30.02 -34.89 -23.95
CA GLU A 249 -29.58 -35.57 -25.15
C GLU A 249 -28.12 -35.96 -24.92
N ALA A 250 -27.74 -37.15 -25.36
CA ALA A 250 -26.35 -37.56 -25.31
C ALA A 250 -25.97 -38.10 -26.67
N GLU A 251 -24.71 -37.87 -27.05
CA GLU A 251 -24.17 -38.36 -28.29
C GLU A 251 -22.71 -38.75 -28.09
N VAL A 252 -22.19 -39.63 -28.94
CA VAL A 252 -20.83 -40.10 -28.81
C VAL A 252 -19.96 -39.33 -29.79
N VAL A 253 -18.86 -38.76 -29.29
CA VAL A 253 -17.92 -38.02 -30.11
C VAL A 253 -16.50 -38.50 -29.83
N GLU A 254 -15.57 -38.21 -30.73
CA GLU A 254 -14.16 -38.46 -30.49
C GLU A 254 -13.47 -37.16 -30.12
N ARG A 255 -12.78 -37.15 -28.99
CA ARG A 255 -12.04 -35.97 -28.54
C ARG A 255 -10.78 -36.42 -27.83
N THR A 256 -9.92 -35.45 -27.50
CA THR A 256 -8.73 -35.72 -26.71
C THR A 256 -8.75 -34.84 -25.48
N ASP A 257 -8.37 -35.39 -24.32
CA ASP A 257 -8.06 -34.55 -23.17
C ASP A 257 -6.81 -33.71 -23.47
N VAL A 258 -6.88 -32.41 -23.22
CA VAL A 258 -5.84 -31.45 -23.56
C VAL A 258 -4.50 -31.69 -22.86
N TYR A 259 -4.48 -32.39 -21.73
CA TYR A 259 -3.24 -32.56 -20.98
C TYR A 259 -2.39 -33.68 -21.57
N TYR A 260 -1.11 -33.38 -21.87
CA TYR A 260 -0.07 -34.34 -22.26
C TYR A 260 -0.13 -34.68 -23.74
N TYR A 261 1.04 -34.89 -24.34
CA TYR A 261 1.17 -35.22 -25.75
C TYR A 261 0.77 -36.67 -26.01
N GLU A 262 0.92 -37.53 -25.00
CA GLU A 262 0.69 -38.97 -25.17
C GLU A 262 -0.80 -39.28 -25.18
N THR A 263 -1.62 -38.45 -24.51
CA THR A 263 -3.06 -38.66 -24.41
C THR A 263 -3.61 -39.01 -25.80
N ARG A 264 -4.23 -40.19 -25.89
CA ARG A 264 -4.78 -40.67 -27.15
C ARG A 264 -6.19 -40.10 -27.26
N PRO A 265 -6.71 -39.88 -28.48
CA PRO A 265 -8.13 -39.60 -28.67
C PRO A 265 -8.98 -40.75 -28.14
N ALA A 266 -10.16 -40.41 -27.65
CA ALA A 266 -11.07 -41.39 -27.08
C ALA A 266 -12.50 -40.98 -27.36
N LEU A 267 -13.42 -41.92 -27.18
CA LEU A 267 -14.83 -41.63 -27.29
C LEU A 267 -15.33 -41.07 -25.98
N PHE A 268 -16.15 -40.03 -26.11
CA PHE A 268 -16.82 -39.41 -24.99
C PHE A 268 -18.29 -39.33 -25.31
N TYR A 269 -19.13 -39.43 -24.29
CA TYR A 269 -20.49 -38.95 -24.45
C TYR A 269 -20.46 -37.44 -24.23
N ARG A 270 -20.86 -36.69 -25.25
CA ARG A 270 -21.28 -35.31 -25.03
C ARG A 270 -22.72 -35.32 -24.57
N VAL A 271 -23.03 -34.63 -23.48
CA VAL A 271 -24.37 -34.63 -22.90
C VAL A 271 -24.87 -33.20 -22.92
N TYR A 272 -25.94 -32.95 -23.65
CA TYR A 272 -26.62 -31.67 -23.65
C TYR A 272 -27.59 -31.60 -22.50
N VAL A 273 -27.59 -30.46 -21.83
CA VAL A 273 -28.46 -30.19 -20.70
C VAL A 273 -29.13 -28.85 -20.97
N ARG A 274 -30.42 -28.76 -20.64
CA ARG A 274 -31.22 -27.59 -20.95
C ARG A 274 -31.13 -26.48 -19.91
N SER A 275 -30.49 -26.71 -18.77
CA SER A 275 -30.49 -25.78 -17.65
C SER A 275 -29.15 -25.77 -16.93
N GLY A 276 -28.72 -24.60 -16.48
CA GLY A 276 -27.52 -24.46 -15.67
C GLY A 276 -27.65 -25.15 -14.32
N ARG A 277 -28.85 -25.12 -13.72
CA ARG A 277 -29.06 -25.70 -12.40
C ARG A 277 -28.79 -27.19 -12.48
N VAL A 278 -29.31 -27.80 -13.55
CA VAL A 278 -29.18 -29.23 -13.75
C VAL A 278 -27.71 -29.54 -13.91
N LEU A 279 -27.05 -28.80 -14.79
CA LEU A 279 -25.69 -29.11 -15.16
C LEU A 279 -24.79 -29.01 -13.93
N SER A 280 -25.00 -27.98 -13.13
CA SER A 280 -24.17 -27.77 -11.96
C SER A 280 -24.40 -28.87 -10.93
N TYR A 281 -25.65 -29.31 -10.76
CA TYR A 281 -25.94 -30.44 -9.89
C TYR A 281 -25.27 -31.71 -10.42
N LEU A 282 -25.45 -32.05 -11.70
CA LEU A 282 -24.84 -33.25 -12.24
C LEU A 282 -23.32 -33.22 -12.08
N CYS A 283 -22.71 -32.05 -12.21
CA CYS A 283 -21.26 -31.97 -12.14
C CYS A 283 -20.74 -32.14 -10.71
N ASP A 284 -21.58 -31.82 -9.72
CA ASP A 284 -21.24 -32.03 -8.32
C ASP A 284 -21.58 -33.45 -7.86
N ASN A 285 -22.63 -34.07 -8.42
CA ASN A 285 -23.30 -35.17 -7.73
C ASN A 285 -23.51 -36.43 -8.56
N PHE A 286 -23.28 -36.43 -9.89
CA PHE A 286 -23.75 -37.54 -10.70
C PHE A 286 -22.89 -38.79 -10.49
N CYS A 287 -21.62 -38.68 -10.83
CA CYS A 287 -20.68 -39.78 -10.72
C CYS A 287 -19.34 -39.17 -10.35
N PRO A 288 -19.06 -38.94 -9.06
CA PRO A 288 -17.85 -38.20 -8.68
C PRO A 288 -16.57 -38.89 -9.12
N ALA A 289 -16.65 -40.19 -9.39
CA ALA A 289 -15.47 -40.97 -9.74
C ALA A 289 -15.04 -40.70 -11.19
N ILE A 290 -15.96 -40.14 -11.98
CA ILE A 290 -15.83 -40.07 -13.43
C ILE A 290 -15.58 -38.61 -13.82
N LYS A 291 -14.48 -38.39 -14.53
CA LYS A 291 -14.01 -37.04 -14.80
C LYS A 291 -14.97 -36.38 -15.78
N LYS A 292 -15.24 -35.10 -15.55
CA LYS A 292 -16.09 -34.31 -16.40
C LYS A 292 -15.26 -33.26 -17.11
N TYR A 293 -15.74 -32.89 -18.29
CA TYR A 293 -15.06 -31.91 -19.11
C TYR A 293 -16.04 -30.85 -19.54
N GLU A 294 -15.69 -29.60 -19.22
CA GLU A 294 -16.39 -28.41 -19.66
C GLU A 294 -17.76 -28.22 -18.98
N GLY A 295 -18.01 -28.95 -17.90
CA GLY A 295 -19.22 -28.76 -17.13
C GLY A 295 -19.33 -27.38 -16.50
N GLY A 296 -18.21 -26.68 -16.34
CA GLY A 296 -18.24 -25.36 -15.75
C GLY A 296 -18.57 -24.24 -16.74
N VAL A 297 -18.61 -24.56 -18.04
CA VAL A 297 -18.80 -23.55 -19.06
C VAL A 297 -20.28 -23.13 -19.08
N ASP A 298 -20.57 -21.81 -19.11
CA ASP A 298 -21.94 -21.31 -19.04
C ASP A 298 -22.56 -21.18 -20.43
N ALA A 299 -23.87 -20.92 -20.47
CA ALA A 299 -24.57 -20.93 -21.74
C ALA A 299 -24.13 -19.78 -22.61
N THR A 300 -23.80 -18.66 -21.99
CA THR A 300 -23.33 -17.51 -22.73
C THR A 300 -22.05 -17.85 -23.48
N THR A 301 -21.13 -18.52 -22.80
CA THR A 301 -19.90 -18.90 -23.43
C THR A 301 -20.21 -19.82 -24.59
N ARG A 302 -21.11 -20.77 -24.38
CA ARG A 302 -21.43 -21.69 -25.45
C ARG A 302 -21.99 -20.93 -26.64
N PHE A 303 -22.86 -19.94 -26.37
CA PHE A 303 -23.45 -19.14 -27.42
C PHE A 303 -22.37 -18.41 -28.21
N ILE A 304 -21.41 -17.83 -27.54
CA ILE A 304 -20.36 -17.06 -28.16
C ILE A 304 -19.40 -17.94 -28.96
N LEU A 305 -19.10 -19.14 -28.46
CA LEU A 305 -18.07 -19.96 -29.09
C LEU A 305 -18.65 -20.80 -30.21
N ASP A 306 -19.93 -21.18 -30.11
CA ASP A 306 -20.55 -22.04 -31.08
C ASP A 306 -20.89 -21.27 -32.35
N ASN A 307 -20.80 -19.94 -32.31
CA ASN A 307 -21.15 -19.10 -33.45
C ASN A 307 -19.95 -18.28 -33.90
N PRO A 308 -19.31 -18.57 -35.05
CA PRO A 308 -18.05 -17.90 -35.40
C PRO A 308 -18.14 -16.37 -35.47
N GLY A 309 -17.27 -15.73 -34.71
CA GLY A 309 -17.10 -14.30 -34.86
C GLY A 309 -17.95 -13.49 -33.90
N PHE A 310 -18.91 -14.14 -33.22
CA PHE A 310 -19.83 -13.46 -32.33
C PHE A 310 -19.08 -12.88 -31.14
N VAL A 311 -19.54 -11.72 -30.66
CA VAL A 311 -18.88 -11.00 -29.57
C VAL A 311 -19.90 -10.70 -28.49
N THR A 312 -19.39 -10.45 -27.29
CA THR A 312 -20.19 -10.10 -26.13
C THR A 312 -20.39 -8.59 -26.07
N PHE A 313 -19.70 -7.83 -26.90
CA PHE A 313 -19.86 -6.39 -26.91
C PHE A 313 -19.62 -5.89 -28.31
N GLY A 314 -20.61 -5.24 -28.92
CA GLY A 314 -20.46 -4.89 -30.33
C GLY A 314 -21.75 -4.90 -31.12
N TRP A 315 -21.63 -4.65 -32.42
CA TRP A 315 -22.76 -4.50 -33.32
C TRP A 315 -23.13 -5.82 -33.97
N TYR A 316 -24.43 -6.03 -34.03
CA TYR A 316 -25.03 -7.17 -34.67
C TYR A 316 -26.08 -6.69 -35.65
N ARG A 317 -26.46 -7.61 -36.53
CA ARG A 317 -27.56 -7.42 -37.45
C ARG A 317 -28.52 -8.60 -37.30
N LEU A 318 -29.82 -8.35 -37.49
CA LEU A 318 -30.79 -9.43 -37.70
C LEU A 318 -30.80 -9.79 -39.17
N LYS A 319 -31.04 -11.07 -39.49
CA LYS A 319 -31.04 -11.57 -40.86
C LYS A 319 -31.87 -12.83 -41.00
N PRO A 320 -32.27 -13.23 -42.23
CA PRO A 320 -32.85 -14.54 -42.49
C PRO A 320 -31.96 -15.71 -42.07
N GLY A 321 -32.57 -16.65 -41.37
CA GLY A 321 -31.88 -17.84 -40.90
C GLY A 321 -32.03 -19.02 -41.86
N ARG A 322 -31.91 -20.22 -41.29
CA ARG A 322 -31.63 -21.44 -42.00
C ARG A 322 -32.62 -21.66 -43.15
N ASN A 323 -33.91 -21.69 -42.84
CA ASN A 323 -34.95 -21.92 -43.85
C ASN A 323 -35.73 -20.64 -44.09
N ASN A 324 -34.97 -19.55 -44.31
CA ASN A 324 -35.45 -18.19 -44.43
C ASN A 324 -36.27 -17.77 -43.21
N THR A 325 -35.92 -18.26 -42.02
CA THR A 325 -36.67 -17.88 -40.83
C THR A 325 -36.31 -16.45 -40.41
N LEU A 326 -37.23 -15.79 -39.72
CA LEU A 326 -37.01 -14.41 -39.31
C LEU A 326 -37.20 -14.27 -37.80
N ALA A 327 -36.53 -13.28 -37.23
CA ALA A 327 -36.74 -12.91 -35.85
C ALA A 327 -38.17 -12.42 -35.64
N GLN A 328 -38.85 -13.01 -34.67
CA GLN A 328 -40.22 -12.66 -34.33
C GLN A 328 -40.21 -11.49 -33.36
N PRO A 329 -40.92 -10.37 -33.61
CA PRO A 329 -41.12 -9.36 -32.57
C PRO A 329 -42.03 -9.89 -31.47
N ARG A 330 -41.65 -9.69 -30.20
CA ARG A 330 -42.55 -9.99 -29.11
C ARG A 330 -43.64 -8.93 -29.01
N ALA A 331 -44.87 -9.35 -28.67
CA ALA A 331 -45.93 -8.45 -28.29
C ALA A 331 -45.56 -7.81 -26.96
N PRO A 332 -45.88 -6.52 -26.72
CA PRO A 332 -45.47 -5.84 -25.48
C PRO A 332 -45.81 -6.56 -24.17
N MET A 333 -46.96 -7.25 -24.09
CA MET A 333 -47.31 -8.03 -22.92
C MET A 333 -46.37 -9.21 -22.65
N ALA A 334 -45.63 -9.68 -23.65
CA ALA A 334 -44.67 -10.74 -23.45
C ALA A 334 -43.25 -10.23 -23.25
N PHE A 335 -43.05 -8.94 -22.97
CA PHE A 335 -41.69 -8.45 -22.80
C PHE A 335 -41.09 -8.95 -21.49
N GLY A 336 -39.82 -9.37 -21.55
CA GLY A 336 -39.15 -9.80 -20.34
C GLY A 336 -38.50 -8.63 -19.62
N THR A 337 -38.25 -7.55 -20.35
CA THR A 337 -37.36 -6.51 -19.88
C THR A 337 -37.96 -5.15 -20.12
N SER A 338 -37.34 -4.16 -19.53
CA SER A 338 -37.70 -2.78 -19.80
C SER A 338 -37.05 -2.28 -21.09
N SER A 339 -37.23 -3.03 -22.18
CA SER A 339 -36.81 -2.60 -23.51
C SER A 339 -37.93 -1.87 -24.25
N ASP A 340 -37.60 -1.25 -25.37
CA ASP A 340 -38.57 -0.63 -26.26
C ASP A 340 -39.08 -1.64 -27.28
N VAL A 341 -38.20 -2.54 -27.69
CA VAL A 341 -38.54 -3.58 -28.65
C VAL A 341 -37.83 -4.85 -28.24
N GLU A 342 -38.48 -6.00 -28.44
CA GLU A 342 -37.93 -7.30 -28.10
C GLU A 342 -38.17 -8.28 -29.25
N PHE A 343 -37.24 -9.23 -29.44
CA PHE A 343 -37.33 -10.21 -30.50
C PHE A 343 -37.02 -11.61 -29.99
N ASN A 344 -37.61 -12.61 -30.63
CA ASN A 344 -37.27 -14.00 -30.45
C ASN A 344 -36.51 -14.38 -31.70
N CYS A 345 -35.40 -15.10 -31.54
CA CYS A 345 -34.64 -15.56 -32.69
C CYS A 345 -33.75 -16.72 -32.31
N THR A 346 -33.16 -17.36 -33.32
CA THR A 346 -32.12 -18.34 -33.10
C THR A 346 -30.82 -17.72 -33.57
N ALA A 347 -29.70 -18.37 -33.26
CA ALA A 347 -28.41 -17.75 -33.51
C ALA A 347 -28.17 -17.53 -35.00
N ASP A 348 -28.85 -18.31 -35.86
CA ASP A 348 -28.67 -18.17 -37.29
C ASP A 348 -29.40 -16.94 -37.83
N ASN A 349 -30.19 -16.27 -36.99
CA ASN A 349 -30.78 -14.99 -37.36
C ASN A 349 -29.86 -13.82 -37.04
N LEU A 350 -28.65 -14.07 -36.58
CA LEU A 350 -27.76 -13.04 -36.09
C LEU A 350 -26.48 -13.03 -36.91
N ALA A 351 -25.87 -11.86 -37.04
CA ALA A 351 -24.58 -11.73 -37.70
C ALA A 351 -23.86 -10.54 -37.13
N ILE A 352 -22.53 -10.58 -37.11
CA ILE A 352 -21.79 -9.42 -36.66
C ILE A 352 -21.82 -8.37 -37.76
N GLU A 353 -22.18 -7.15 -37.37
CA GLU A 353 -22.18 -6.04 -38.29
C GLU A 353 -20.79 -5.45 -38.28
N GLY A 354 -19.89 -6.05 -39.05
CA GLY A 354 -18.53 -5.56 -39.17
C GLY A 354 -18.49 -4.18 -39.82
N GLY A 355 -17.46 -3.41 -39.48
CA GLY A 355 -17.29 -2.08 -40.04
C GLY A 355 -18.02 -1.02 -39.23
N MET A 356 -19.19 -1.38 -38.67
CA MET A 356 -19.87 -0.52 -37.73
C MET A 356 -19.05 -0.50 -36.43
N SER A 357 -18.87 0.70 -35.88
CA SER A 357 -17.70 0.98 -35.04
C SER A 357 -18.08 1.65 -33.74
N ASP A 358 -18.79 2.78 -33.86
CA ASP A 358 -18.97 3.74 -32.79
C ASP A 358 -19.97 3.21 -31.79
N LEU A 359 -19.79 3.61 -30.53
CA LEU A 359 -20.68 3.26 -29.45
C LEU A 359 -22.00 4.00 -29.64
N PRO A 360 -23.16 3.33 -29.49
CA PRO A 360 -24.45 4.01 -29.54
C PRO A 360 -24.69 4.86 -28.30
N ALA A 361 -25.88 5.47 -28.22
CA ALA A 361 -26.16 6.49 -27.22
C ALA A 361 -26.55 5.91 -25.85
N TYR A 362 -25.67 5.10 -25.28
CA TYR A 362 -25.92 4.55 -23.96
C TYR A 362 -25.89 5.65 -22.92
N LYS A 363 -26.64 5.48 -21.84
CA LYS A 363 -26.67 6.48 -20.78
C LYS A 363 -25.84 5.98 -19.60
N LEU A 364 -25.07 6.88 -19.00
CA LEU A 364 -24.33 6.59 -17.78
C LEU A 364 -24.96 7.34 -16.62
N MET A 365 -25.27 6.65 -15.53
CA MET A 365 -25.69 7.34 -14.34
C MET A 365 -24.52 7.38 -13.38
N CYS A 366 -24.17 8.58 -12.93
CA CYS A 366 -23.13 8.71 -11.92
C CYS A 366 -23.83 9.15 -10.66
N PHE A 367 -23.75 8.38 -9.57
CA PHE A 367 -24.56 8.72 -8.40
C PHE A 367 -23.79 8.67 -7.10
N ASP A 368 -24.29 9.42 -6.11
CA ASP A 368 -23.67 9.48 -4.80
C ASP A 368 -24.74 9.77 -3.75
N ILE A 369 -24.82 8.94 -2.70
CA ILE A 369 -25.73 9.16 -1.58
C ILE A 369 -25.02 9.86 -0.43
N GLU A 370 -25.76 10.66 0.34
CA GLU A 370 -25.30 11.06 1.64
C GLU A 370 -26.31 10.68 2.72
N CYS A 371 -25.77 10.31 3.88
CA CYS A 371 -26.52 9.77 4.99
C CYS A 371 -26.35 10.61 6.24
N LYS A 372 -27.28 10.43 7.16
CA LYS A 372 -27.31 11.13 8.42
C LYS A 372 -27.62 10.09 9.49
N ALA A 373 -26.95 10.19 10.65
CA ALA A 373 -27.26 9.32 11.75
C ALA A 373 -28.47 9.88 12.49
N GLY A 374 -29.27 9.00 13.09
CA GLY A 374 -30.48 9.40 13.77
C GLY A 374 -30.54 9.00 15.25
N GLY A 375 -29.65 8.10 15.69
CA GLY A 375 -29.62 7.63 17.06
C GLY A 375 -29.24 8.76 18.03
N GLU A 376 -29.09 8.40 19.31
CA GLU A 376 -28.85 9.39 20.35
C GLU A 376 -27.55 10.15 20.06
N ASP A 377 -26.53 9.42 19.58
CA ASP A 377 -25.28 10.00 19.15
C ASP A 377 -25.37 10.36 17.67
N GLU A 378 -25.49 11.67 17.38
CA GLU A 378 -25.60 12.15 16.01
C GLU A 378 -24.23 12.26 15.33
N LEU A 379 -23.13 12.11 16.09
CA LEU A 379 -21.80 12.14 15.51
C LEU A 379 -21.30 10.72 15.21
N ALA A 380 -22.05 9.70 15.62
CA ALA A 380 -21.76 8.34 15.20
C ALA A 380 -21.98 8.23 13.69
N PHE A 381 -21.19 7.41 13.02
CA PHE A 381 -21.31 7.23 11.57
C PHE A 381 -22.53 6.35 11.31
N PRO A 382 -23.39 6.67 10.32
CA PRO A 382 -24.64 5.93 10.10
C PRO A 382 -24.48 4.48 9.64
N VAL A 383 -25.43 3.62 10.02
CA VAL A 383 -25.23 2.18 10.05
C VAL A 383 -26.11 1.42 9.04
N ALA A 384 -27.12 2.05 8.43
CA ALA A 384 -28.00 1.42 7.45
C ALA A 384 -29.00 0.46 8.13
N GLY A 385 -28.54 -0.58 8.82
CA GLY A 385 -29.43 -1.48 9.53
C GLY A 385 -30.22 -0.81 10.65
N HIS A 386 -29.67 0.28 11.20
CA HIS A 386 -30.40 1.16 12.11
C HIS A 386 -31.46 1.92 11.32
N PRO A 387 -32.78 1.75 11.59
CA PRO A 387 -33.82 2.43 10.81
C PRO A 387 -33.67 3.95 10.76
N GLU A 388 -33.24 4.55 11.87
CA GLU A 388 -33.16 6.00 12.00
C GLU A 388 -31.91 6.60 11.34
N ASP A 389 -30.95 5.79 10.89
CA ASP A 389 -29.81 6.33 10.17
C ASP A 389 -30.16 6.45 8.68
N LEU A 390 -30.60 7.63 8.24
CA LEU A 390 -31.30 7.77 6.97
C LEU A 390 -30.38 8.22 5.84
N VAL A 391 -30.71 7.73 4.63
CA VAL A 391 -30.27 8.39 3.41
C VAL A 391 -31.01 9.73 3.33
N ILE A 392 -30.29 10.83 3.18
CA ILE A 392 -30.93 12.15 3.18
C ILE A 392 -30.84 12.79 1.80
N GLN A 393 -29.84 12.43 1.00
CA GLN A 393 -29.72 12.97 -0.35
C GLN A 393 -29.17 11.92 -1.29
N ILE A 394 -29.60 11.99 -2.55
CA ILE A 394 -28.99 11.19 -3.59
C ILE A 394 -28.74 12.11 -4.76
N SER A 395 -27.46 12.32 -5.06
CA SER A 395 -27.10 13.05 -6.27
C SER A 395 -27.10 12.04 -7.38
N CYS A 396 -27.59 12.46 -8.53
CA CYS A 396 -27.75 11.55 -9.66
C CYS A 396 -27.51 12.33 -10.95
N LEU A 397 -26.39 12.03 -11.60
CA LEU A 397 -26.00 12.70 -12.84
C LEU A 397 -26.17 11.75 -14.02
N LEU A 398 -26.88 12.19 -15.05
CA LEU A 398 -27.14 11.34 -16.21
C LEU A 398 -26.37 11.88 -17.39
N TYR A 399 -25.53 11.02 -17.96
CA TYR A 399 -24.63 11.38 -19.04
C TYR A 399 -24.95 10.55 -20.28
N ASP A 400 -24.63 11.07 -21.46
CA ASP A 400 -24.67 10.28 -22.68
C ASP A 400 -23.25 9.81 -23.01
N LEU A 401 -23.01 8.50 -23.02
CA LEU A 401 -21.67 7.97 -23.17
C LEU A 401 -21.08 8.24 -24.55
N SER A 402 -21.94 8.41 -25.54
CA SER A 402 -21.49 8.54 -26.90
C SER A 402 -20.90 9.93 -27.12
N THR A 403 -21.39 10.93 -26.38
CA THR A 403 -20.96 12.32 -26.57
C THR A 403 -20.24 12.87 -25.34
N THR A 404 -20.28 12.13 -24.23
CA THR A 404 -19.72 12.57 -22.95
C THR A 404 -20.56 13.69 -22.34
N ALA A 405 -21.71 14.04 -22.94
CA ALA A 405 -22.49 15.18 -22.49
C ALA A 405 -23.25 14.85 -21.19
N LEU A 406 -23.20 15.76 -20.22
CA LEU A 406 -24.10 15.69 -19.10
C LEU A 406 -25.48 16.17 -19.55
N GLU A 407 -26.51 15.33 -19.33
CA GLU A 407 -27.85 15.60 -19.81
C GLU A 407 -28.76 16.03 -18.68
N HIS A 408 -28.64 15.41 -17.51
CA HIS A 408 -29.51 15.74 -16.38
C HIS A 408 -28.75 15.74 -15.08
N VAL A 409 -29.14 16.65 -14.19
CA VAL A 409 -28.59 16.72 -12.85
C VAL A 409 -29.78 16.65 -11.93
N LEU A 410 -29.84 15.60 -11.13
CA LEU A 410 -31.01 15.33 -10.31
C LEU A 410 -30.57 15.17 -8.89
N LEU A 411 -31.23 15.90 -8.01
CA LEU A 411 -30.89 15.82 -6.61
C LEU A 411 -32.14 15.39 -5.88
N PHE A 412 -32.05 14.22 -5.24
CA PHE A 412 -33.11 13.69 -4.41
C PHE A 412 -32.83 14.16 -3.00
N SER A 413 -33.81 14.73 -2.31
CA SER A 413 -33.58 15.22 -0.95
C SER A 413 -34.75 14.90 -0.04
N LEU A 414 -34.41 14.32 1.11
CA LEU A 414 -35.37 14.12 2.17
C LEU A 414 -35.47 15.42 2.95
N GLY A 415 -36.62 16.07 2.81
CA GLY A 415 -36.79 17.44 3.27
C GLY A 415 -36.58 18.41 2.11
N SER A 416 -37.04 19.64 2.32
CA SER A 416 -36.88 20.73 1.38
C SER A 416 -35.42 21.13 1.26
N CYS A 417 -35.03 21.66 0.10
CA CYS A 417 -33.61 21.85 -0.20
C CYS A 417 -33.42 22.92 -1.27
N ASP A 418 -33.04 24.13 -0.86
CA ASP A 418 -32.81 25.22 -1.79
C ASP A 418 -31.32 25.32 -2.13
N LEU A 419 -30.93 24.92 -3.34
CA LEU A 419 -29.54 24.98 -3.73
C LEU A 419 -29.07 26.43 -3.75
N PRO A 420 -27.85 26.72 -3.28
CA PRO A 420 -27.35 28.08 -3.25
C PRO A 420 -27.17 28.64 -4.66
N GLU A 421 -27.37 29.95 -4.79
CA GLU A 421 -27.39 30.59 -6.09
C GLU A 421 -25.99 30.58 -6.68
N SER A 422 -24.96 30.61 -5.80
CA SER A 422 -23.58 30.58 -6.24
C SER A 422 -23.27 29.28 -6.99
N HIS A 423 -23.81 28.16 -6.50
CA HIS A 423 -23.63 26.86 -7.14
C HIS A 423 -24.41 26.79 -8.45
N LEU A 424 -25.62 27.35 -8.48
CA LEU A 424 -26.39 27.37 -9.71
C LEU A 424 -25.71 28.20 -10.79
N ASN A 425 -25.07 29.30 -10.40
CA ASN A 425 -24.37 30.15 -11.35
C ASN A 425 -23.11 29.47 -11.85
N GLU A 426 -22.41 28.73 -11.00
CA GLU A 426 -21.22 28.01 -11.43
C GLU A 426 -21.60 26.93 -12.45
N LEU A 427 -22.73 26.26 -12.22
CA LEU A 427 -23.18 25.23 -13.15
C LEU A 427 -23.59 25.87 -14.46
N ALA A 428 -24.28 27.02 -14.38
CA ALA A 428 -24.77 27.71 -15.55
C ALA A 428 -23.60 28.21 -16.40
N ALA A 429 -22.53 28.68 -15.73
CA ALA A 429 -21.33 29.14 -16.41
C ALA A 429 -20.68 28.01 -17.19
N ARG A 430 -20.60 26.84 -16.56
CA ARG A 430 -19.92 25.69 -17.13
C ARG A 430 -20.76 25.03 -18.22
N GLY A 431 -21.98 25.53 -18.44
CA GLY A 431 -22.84 25.03 -19.51
C GLY A 431 -23.49 23.71 -19.13
N LEU A 432 -23.78 23.54 -17.83
CA LEU A 432 -24.31 22.31 -17.29
C LEU A 432 -25.79 22.48 -16.99
N PRO A 433 -26.61 21.43 -17.18
CA PRO A 433 -28.06 21.55 -17.03
C PRO A 433 -28.45 21.90 -15.61
N THR A 434 -29.49 22.73 -15.46
CA THR A 434 -29.92 23.21 -14.16
C THR A 434 -30.38 22.03 -13.31
N PRO A 435 -29.90 21.89 -12.07
CA PRO A 435 -30.32 20.77 -11.24
C PRO A 435 -31.81 20.82 -10.94
N VAL A 436 -32.50 19.71 -11.25
CA VAL A 436 -33.82 19.45 -10.71
C VAL A 436 -33.65 18.93 -9.30
N VAL A 437 -34.36 19.54 -8.34
CA VAL A 437 -34.36 19.07 -6.97
C VAL A 437 -35.70 18.44 -6.69
N LEU A 438 -35.65 17.19 -6.26
CA LEU A 438 -36.82 16.41 -5.91
C LEU A 438 -36.89 16.27 -4.42
N GLU A 439 -38.03 16.64 -3.82
CA GLU A 439 -38.16 16.66 -2.38
C GLU A 439 -39.12 15.58 -1.94
N PHE A 440 -38.81 14.98 -0.79
CA PHE A 440 -39.58 13.89 -0.26
C PHE A 440 -39.82 14.13 1.21
N ASP A 441 -40.95 13.66 1.72
CA ASP A 441 -41.23 13.76 3.13
C ASP A 441 -40.62 12.60 3.90
N SER A 442 -40.29 11.47 3.25
CA SER A 442 -39.75 10.33 3.96
C SER A 442 -38.68 9.59 3.16
N GLU A 443 -37.89 8.77 3.88
CA GLU A 443 -36.78 8.07 3.29
C GLU A 443 -37.30 7.12 2.22
N PHE A 444 -38.35 6.38 2.56
CA PHE A 444 -38.89 5.39 1.65
C PHE A 444 -39.28 6.00 0.30
N GLU A 445 -39.95 7.14 0.34
CA GLU A 445 -40.44 7.75 -0.88
C GLU A 445 -39.26 8.19 -1.74
N MET A 446 -38.21 8.68 -1.10
CA MET A 446 -37.01 9.06 -1.82
C MET A 446 -36.32 7.84 -2.41
N LEU A 447 -36.10 6.77 -1.65
CA LEU A 447 -35.44 5.60 -2.20
C LEU A 447 -36.30 4.95 -3.29
N LEU A 448 -37.62 4.93 -3.10
CA LEU A 448 -38.49 4.36 -4.09
C LEU A 448 -38.37 5.14 -5.38
N ALA A 449 -38.33 6.46 -5.27
CA ALA A 449 -38.21 7.32 -6.41
C ALA A 449 -36.89 7.09 -7.13
N PHE A 450 -35.82 6.89 -6.38
CA PHE A 450 -34.54 6.66 -7.01
C PHE A 450 -34.58 5.31 -7.74
N MET A 451 -35.08 4.27 -7.08
CA MET A 451 -35.12 2.96 -7.71
C MET A 451 -36.05 3.01 -8.91
N THR A 452 -37.07 3.86 -8.85
CA THR A 452 -37.97 4.06 -9.96
C THR A 452 -37.22 4.69 -11.11
N LEU A 453 -36.42 5.72 -10.83
CA LEU A 453 -35.65 6.36 -11.89
C LEU A 453 -34.71 5.32 -12.49
N VAL A 454 -34.10 4.49 -11.66
CA VAL A 454 -33.18 3.49 -12.15
C VAL A 454 -33.91 2.53 -13.09
N LYS A 455 -35.15 2.16 -12.75
CA LYS A 455 -35.90 1.21 -13.56
C LYS A 455 -36.39 1.89 -14.83
N GLN A 456 -36.91 3.12 -14.73
CA GLN A 456 -37.60 3.74 -15.83
C GLN A 456 -36.66 4.38 -16.82
N TYR A 457 -35.52 4.87 -16.35
CA TYR A 457 -34.52 5.48 -17.21
C TYR A 457 -33.52 4.43 -17.64
N GLY A 458 -33.28 3.44 -16.78
CA GLY A 458 -32.56 2.25 -17.19
C GLY A 458 -31.16 2.56 -17.73
N PRO A 459 -30.29 3.27 -16.97
CA PRO A 459 -28.94 3.57 -17.45
C PRO A 459 -28.16 2.27 -17.64
N GLU A 460 -27.51 2.14 -18.79
CA GLU A 460 -26.82 0.91 -19.11
C GLU A 460 -25.55 0.82 -18.28
N PHE A 461 -25.01 1.97 -17.88
CA PHE A 461 -23.79 2.06 -17.09
C PHE A 461 -24.03 2.89 -15.86
N VAL A 462 -23.47 2.46 -14.74
CA VAL A 462 -23.62 3.18 -13.49
C VAL A 462 -22.23 3.33 -12.91
N THR A 463 -21.93 4.56 -12.51
CA THR A 463 -20.68 4.81 -11.85
C THR A 463 -20.92 5.63 -10.60
N GLY A 464 -19.83 5.76 -9.88
CA GLY A 464 -19.77 6.52 -8.66
C GLY A 464 -18.40 6.27 -8.06
N TYR A 465 -18.22 6.70 -6.83
CA TYR A 465 -16.96 6.57 -6.15
C TYR A 465 -17.21 5.85 -4.84
N ASN A 466 -16.71 4.62 -4.74
CA ASN A 466 -16.92 3.75 -3.60
C ASN A 466 -18.37 3.31 -3.52
N ILE A 467 -19.03 3.22 -4.67
CA ILE A 467 -20.40 2.79 -4.71
C ILE A 467 -20.49 1.32 -4.29
N ILE A 468 -19.49 0.50 -4.58
CA ILE A 468 -19.59 -0.91 -4.27
C ILE A 468 -19.48 -1.14 -2.77
N ASN A 469 -18.63 -0.39 -2.06
CA ASN A 469 -18.42 -0.62 -0.65
C ASN A 469 -19.44 0.11 0.19
N PHE A 470 -19.88 1.32 -0.21
CA PHE A 470 -20.76 2.11 0.63
C PHE A 470 -22.10 2.44 -0.02
N ASP A 471 -22.10 3.19 -1.12
CA ASP A 471 -23.34 3.81 -1.60
C ASP A 471 -24.38 2.73 -1.95
N TRP A 472 -24.03 1.70 -2.73
CA TRP A 472 -24.98 0.65 -3.08
C TRP A 472 -25.39 -0.20 -1.88
N PRO A 473 -24.47 -0.83 -1.12
CA PRO A 473 -24.89 -1.59 0.04
C PRO A 473 -25.83 -0.86 1.00
N PHE A 474 -25.61 0.42 1.27
CA PHE A 474 -26.44 1.16 2.21
C PHE A 474 -27.88 1.26 1.70
N LEU A 475 -28.04 1.53 0.39
CA LEU A 475 -29.34 1.57 -0.24
C LEU A 475 -30.02 0.22 -0.21
N LEU A 476 -29.30 -0.84 -0.57
CA LEU A 476 -29.92 -2.15 -0.68
C LEU A 476 -30.30 -2.64 0.71
N ALA A 477 -29.49 -2.31 1.72
CA ALA A 477 -29.82 -2.63 3.09
C ALA A 477 -31.13 -1.96 3.46
N LYS A 478 -31.28 -0.67 3.16
CA LYS A 478 -32.52 0.00 3.53
C LYS A 478 -33.69 -0.67 2.84
N LEU A 479 -33.56 -0.86 1.52
CA LEU A 479 -34.64 -1.33 0.70
C LEU A 479 -35.06 -2.75 1.06
N THR A 480 -34.15 -3.58 1.57
CA THR A 480 -34.45 -4.98 1.82
C THR A 480 -34.66 -5.29 3.31
N ASP A 481 -34.03 -4.53 4.20
CA ASP A 481 -34.15 -4.81 5.63
C ASP A 481 -35.22 -3.93 6.27
N ILE A 482 -35.20 -2.62 6.01
CA ILE A 482 -36.10 -1.71 6.68
C ILE A 482 -37.45 -1.78 5.98
N TYR A 483 -37.43 -1.44 4.70
CA TYR A 483 -38.56 -1.65 3.80
C TYR A 483 -38.34 -3.04 3.26
N LYS A 484 -39.33 -3.63 2.62
CA LYS A 484 -39.18 -5.03 2.26
C LYS A 484 -39.31 -5.16 0.76
N VAL A 485 -38.66 -4.23 0.06
CA VAL A 485 -38.82 -4.10 -1.37
C VAL A 485 -37.99 -5.18 -2.03
N PRO A 486 -38.59 -6.03 -2.89
CA PRO A 486 -37.80 -6.97 -3.70
C PRO A 486 -37.08 -6.23 -4.82
N LEU A 487 -35.77 -6.46 -4.93
CA LEU A 487 -34.93 -5.77 -5.90
C LEU A 487 -34.90 -6.47 -7.26
N ASP A 488 -35.47 -7.67 -7.38
CA ASP A 488 -35.23 -8.52 -8.54
C ASP A 488 -35.89 -8.00 -9.83
N GLY A 489 -36.77 -7.00 -9.72
CA GLY A 489 -37.38 -6.37 -10.88
C GLY A 489 -36.75 -5.04 -11.25
N TYR A 490 -35.74 -4.59 -10.49
CA TYR A 490 -35.24 -3.23 -10.60
C TYR A 490 -34.06 -3.10 -11.54
N GLY A 491 -33.50 -4.20 -12.02
CA GLY A 491 -32.56 -4.15 -13.13
C GLY A 491 -33.34 -4.12 -14.44
N ARG A 492 -32.77 -4.71 -15.49
CA ARG A 492 -33.34 -4.66 -16.81
C ARG A 492 -34.51 -5.63 -16.90
N MET A 493 -34.39 -6.82 -16.33
CA MET A 493 -35.50 -7.75 -16.33
C MET A 493 -36.60 -7.21 -15.41
N ASN A 494 -37.84 -7.61 -15.66
CA ASN A 494 -38.96 -7.06 -14.95
C ASN A 494 -39.22 -7.84 -13.67
N GLY A 495 -38.61 -9.00 -13.52
CA GLY A 495 -38.54 -9.66 -12.23
C GLY A 495 -37.56 -10.81 -12.36
N ARG A 496 -37.16 -11.40 -11.23
CA ARG A 496 -36.34 -12.59 -11.19
C ARG A 496 -34.90 -12.35 -11.65
N GLY A 497 -34.48 -11.09 -11.77
CA GLY A 497 -33.13 -10.80 -12.17
C GLY A 497 -32.23 -10.63 -10.94
N VAL A 498 -30.92 -10.75 -11.16
CA VAL A 498 -29.95 -10.57 -10.10
C VAL A 498 -29.82 -9.08 -9.81
N PHE A 499 -29.75 -8.76 -8.52
CA PHE A 499 -29.47 -7.40 -8.08
C PHE A 499 -28.78 -7.50 -6.72
N ARG A 500 -27.47 -7.72 -6.72
CA ARG A 500 -26.81 -8.23 -5.53
C ARG A 500 -25.40 -7.65 -5.35
N VAL A 501 -25.05 -7.40 -4.07
CA VAL A 501 -23.70 -7.03 -3.67
C VAL A 501 -23.07 -8.18 -2.88
N TRP A 502 -21.80 -8.45 -3.18
CA TRP A 502 -20.96 -9.35 -2.41
C TRP A 502 -19.80 -8.55 -1.82
N ASP A 503 -19.71 -8.43 -0.50
CA ASP A 503 -18.48 -7.94 0.10
C ASP A 503 -17.51 -9.09 0.17
N ILE A 504 -16.25 -8.77 0.44
CA ILE A 504 -15.22 -9.79 0.63
C ILE A 504 -15.53 -10.65 1.86
N GLY A 505 -15.88 -10.03 2.98
CA GLY A 505 -16.25 -10.78 4.17
C GLY A 505 -15.09 -11.65 4.66
N GLN A 506 -15.41 -12.91 5.03
CA GLN A 506 -14.40 -13.85 5.50
C GLN A 506 -13.77 -14.62 4.33
N SER A 507 -14.33 -14.47 3.11
CA SER A 507 -13.96 -15.31 1.97
C SER A 507 -12.48 -15.13 1.61
N HIS A 508 -11.70 -16.18 1.89
CA HIS A 508 -10.26 -16.17 1.74
C HIS A 508 -9.86 -15.87 0.28
N PHE A 509 -10.68 -16.37 -0.65
CA PHE A 509 -10.36 -16.37 -2.07
C PHE A 509 -10.56 -14.98 -2.68
N GLN A 510 -11.65 -14.32 -2.27
CA GLN A 510 -12.29 -13.28 -3.05
C GLN A 510 -11.44 -12.02 -3.12
N LYS A 511 -11.14 -11.58 -4.35
CA LYS A 511 -10.16 -10.54 -4.59
C LYS A 511 -10.73 -9.16 -4.27
N ARG A 512 -12.02 -8.96 -4.58
CA ARG A 512 -12.67 -7.67 -4.45
C ARG A 512 -14.15 -7.84 -4.08
N SER A 513 -14.75 -6.78 -3.55
CA SER A 513 -16.19 -6.67 -3.48
C SER A 513 -16.79 -6.54 -4.87
N LYS A 514 -17.99 -7.09 -5.08
CA LYS A 514 -18.61 -7.16 -6.40
C LYS A 514 -20.06 -6.69 -6.32
N ILE A 515 -20.58 -6.19 -7.46
CA ILE A 515 -22.01 -5.95 -7.59
C ILE A 515 -22.45 -6.46 -8.95
N LYS A 516 -23.58 -7.17 -8.99
CA LYS A 516 -24.17 -7.61 -10.24
C LYS A 516 -25.61 -7.15 -10.27
N VAL A 517 -25.96 -6.31 -11.24
CA VAL A 517 -27.33 -5.93 -11.48
C VAL A 517 -27.59 -6.30 -12.93
N ASN A 518 -28.64 -7.09 -13.16
CA ASN A 518 -28.67 -7.97 -14.30
C ASN A 518 -28.37 -7.23 -15.61
N GLY A 519 -28.94 -6.05 -15.87
CA GLY A 519 -28.58 -5.43 -17.15
C GLY A 519 -27.86 -4.07 -17.03
N MET A 520 -27.07 -3.89 -15.98
CA MET A 520 -26.56 -2.58 -15.62
C MET A 520 -25.08 -2.73 -15.26
N VAL A 521 -24.21 -2.22 -16.09
CA VAL A 521 -22.77 -2.34 -15.88
C VAL A 521 -22.34 -1.35 -14.81
N ASN A 522 -21.97 -1.83 -13.63
CA ASN A 522 -21.47 -0.97 -12.58
C ASN A 522 -19.96 -0.86 -12.68
N ILE A 523 -19.47 0.36 -12.80
CA ILE A 523 -18.05 0.63 -12.78
C ILE A 523 -17.80 1.59 -11.62
N ASP A 524 -17.06 1.15 -10.60
CA ASP A 524 -16.74 2.00 -9.49
C ASP A 524 -15.41 2.70 -9.77
N MET A 525 -15.40 4.02 -9.75
CA MET A 525 -14.18 4.75 -10.06
C MET A 525 -13.16 4.55 -8.96
N TYR A 526 -13.57 4.24 -7.74
CA TYR A 526 -12.62 3.94 -6.69
C TYR A 526 -11.77 2.72 -7.08
N GLY A 527 -12.41 1.70 -7.62
CA GLY A 527 -11.67 0.56 -8.11
C GLY A 527 -10.74 0.88 -9.28
N ILE A 528 -11.20 1.71 -10.22
CA ILE A 528 -10.42 2.06 -11.40
C ILE A 528 -9.17 2.84 -10.97
N ILE A 529 -9.35 3.84 -10.10
CA ILE A 529 -8.31 4.81 -9.79
C ILE A 529 -7.16 4.13 -9.03
N THR A 530 -7.49 3.25 -8.08
CA THR A 530 -6.48 2.60 -7.27
C THR A 530 -5.65 1.64 -8.11
N ASP A 531 -6.08 1.39 -9.36
CA ASP A 531 -5.39 0.45 -10.22
C ASP A 531 -4.62 1.17 -11.33
N LYS A 532 -4.60 2.51 -11.31
CA LYS A 532 -3.99 3.27 -12.39
C LYS A 532 -3.21 4.48 -11.85
N ILE A 533 -3.39 4.81 -10.57
CA ILE A 533 -2.61 5.86 -9.92
C ILE A 533 -2.19 5.35 -8.54
N LYS A 534 -0.94 5.64 -8.14
CA LYS A 534 -0.43 5.23 -6.84
C LYS A 534 -0.50 6.43 -5.89
N LEU A 535 -1.42 6.37 -4.92
CA LEU A 535 -1.61 7.44 -3.95
C LEU A 535 -1.62 6.82 -2.57
N SER A 536 -1.13 7.55 -1.57
CA SER A 536 -1.18 7.11 -0.20
C SER A 536 -2.62 7.09 0.30
N SER A 537 -3.45 8.01 -0.22
CA SER A 537 -4.85 8.12 0.13
C SER A 537 -5.69 8.20 -1.15
N TYR A 538 -6.88 7.61 -1.09
CA TYR A 538 -7.79 7.61 -2.21
C TYR A 538 -9.13 8.23 -1.84
N LYS A 539 -9.16 9.14 -0.87
CA LYS A 539 -10.32 9.99 -0.68
C LYS A 539 -10.53 10.77 -1.97
N LEU A 540 -11.80 11.11 -2.24
CA LEU A 540 -12.16 11.65 -3.54
C LEU A 540 -11.45 12.98 -3.75
N ASN A 541 -11.31 13.79 -2.70
CA ASN A 541 -10.72 15.12 -2.87
C ASN A 541 -9.20 15.04 -3.03
N ALA A 542 -8.55 14.04 -2.44
CA ALA A 542 -7.14 13.80 -2.72
C ALA A 542 -6.95 13.36 -4.18
N VAL A 543 -7.84 12.51 -4.69
CA VAL A 543 -7.75 12.05 -6.07
C VAL A 543 -8.04 13.21 -7.02
N ALA A 544 -8.96 14.10 -6.65
CA ALA A 544 -9.26 15.26 -7.46
C ALA A 544 -8.02 16.13 -7.58
N GLU A 545 -7.34 16.38 -6.46
CA GLU A 545 -6.14 17.20 -6.43
C GLU A 545 -5.04 16.54 -7.27
N ALA A 546 -4.92 15.22 -7.21
CA ALA A 546 -3.84 14.49 -7.86
C ALA A 546 -4.07 14.33 -9.35
N VAL A 547 -5.31 14.05 -9.77
CA VAL A 547 -5.59 13.63 -11.13
C VAL A 547 -6.18 14.77 -11.95
N LEU A 548 -7.13 15.50 -11.36
CA LEU A 548 -7.85 16.55 -12.08
C LEU A 548 -7.16 17.90 -11.90
N LYS A 549 -6.31 18.00 -10.87
CA LYS A 549 -5.59 19.21 -10.46
C LYS A 549 -6.57 20.27 -9.93
N ASP A 550 -7.65 19.81 -9.27
CA ASP A 550 -8.61 20.66 -8.60
C ASP A 550 -8.56 20.46 -7.09
N LYS A 551 -8.21 21.53 -6.34
CA LYS A 551 -8.51 21.58 -4.92
C LYS A 551 -10.02 21.74 -4.77
N LYS A 552 -10.64 20.89 -3.96
CA LYS A 552 -12.08 20.94 -3.71
C LYS A 552 -12.36 20.65 -2.24
N LYS A 553 -13.23 21.47 -1.64
CA LYS A 553 -13.68 21.27 -0.28
C LYS A 553 -14.54 20.00 -0.24
N ASP A 554 -14.59 19.37 0.94
CA ASP A 554 -15.29 18.10 1.09
C ASP A 554 -15.93 18.03 2.47
N LEU A 555 -17.27 17.97 2.50
CA LEU A 555 -18.03 18.06 3.73
C LEU A 555 -17.81 16.83 4.61
N SER A 556 -17.43 17.07 5.88
CA SER A 556 -17.28 16.02 6.88
C SER A 556 -18.64 15.40 7.22
N TYR A 557 -18.67 14.10 7.50
CA TYR A 557 -19.91 13.48 7.97
C TYR A 557 -20.35 14.13 9.28
N ARG A 558 -19.43 14.67 10.08
CA ARG A 558 -19.76 15.26 11.38
C ARG A 558 -20.35 16.66 11.23
N ASP A 559 -20.25 17.27 10.04
CA ASP A 559 -20.87 18.56 9.78
C ASP A 559 -22.32 18.39 9.31
N ILE A 560 -22.64 17.24 8.72
CA ILE A 560 -23.93 17.02 8.07
C ILE A 560 -25.11 17.25 9.01
N PRO A 561 -25.16 16.68 10.25
CA PRO A 561 -26.31 16.87 11.12
C PRO A 561 -26.67 18.32 11.42
N ALA A 562 -25.67 19.17 11.65
CA ALA A 562 -25.94 20.57 11.93
C ALA A 562 -26.49 21.26 10.68
N TYR A 563 -25.92 20.95 9.51
CA TYR A 563 -26.39 21.54 8.26
C TYR A 563 -27.82 21.08 7.96
N TYR A 564 -28.16 19.83 8.34
CA TYR A 564 -29.49 19.30 8.08
C TYR A 564 -30.54 20.04 8.90
N ALA A 565 -30.28 20.22 10.20
CA ALA A 565 -31.26 20.79 11.11
C ALA A 565 -31.30 22.30 11.02
N ALA A 566 -30.49 22.90 10.13
CA ALA A 566 -30.41 24.34 10.02
C ALA A 566 -31.33 24.88 8.93
N GLY A 567 -32.42 24.16 8.60
CA GLY A 567 -33.39 24.64 7.63
C GLY A 567 -33.03 24.28 6.19
N PRO A 568 -33.85 24.72 5.20
CA PRO A 568 -33.69 24.34 3.80
C PRO A 568 -32.42 24.78 3.09
N ALA A 569 -31.98 26.02 3.30
CA ALA A 569 -30.82 26.58 2.62
C ALA A 569 -29.55 25.79 2.97
N GLN A 570 -29.45 25.34 4.22
CA GLN A 570 -28.31 24.57 4.69
C GLN A 570 -28.35 23.19 4.06
N ARG A 571 -29.53 22.60 3.99
CA ARG A 571 -29.70 21.36 3.26
C ARG A 571 -29.27 21.53 1.81
N GLY A 572 -29.51 22.73 1.26
CA GLY A 572 -29.01 23.11 -0.03
C GLY A 572 -27.49 23.02 -0.12
N VAL A 573 -26.81 23.38 0.96
CA VAL A 573 -25.36 23.29 0.95
C VAL A 573 -24.93 21.85 0.89
N ILE A 574 -25.59 20.97 1.64
CA ILE A 574 -25.31 19.55 1.52
C ILE A 574 -25.53 19.14 0.06
N GLY A 575 -26.60 19.63 -0.56
CA GLY A 575 -26.90 19.39 -1.96
C GLY A 575 -25.75 19.77 -2.88
N GLU A 576 -25.21 20.98 -2.67
CA GLU A 576 -24.13 21.51 -3.47
C GLU A 576 -22.94 20.54 -3.42
N TYR A 577 -22.55 20.16 -2.21
CA TYR A 577 -21.47 19.21 -2.03
C TYR A 577 -21.72 17.90 -2.77
N CYS A 578 -22.94 17.36 -2.66
CA CYS A 578 -23.25 16.07 -3.24
C CYS A 578 -23.14 16.13 -4.76
N ILE A 579 -23.59 17.24 -5.34
CA ILE A 579 -23.52 17.42 -6.78
C ILE A 579 -22.08 17.61 -7.22
N GLN A 580 -21.31 18.42 -6.49
CA GLN A 580 -19.90 18.67 -6.82
C GLN A 580 -19.13 17.35 -6.80
N ASP A 581 -19.40 16.50 -5.80
CA ASP A 581 -18.79 15.19 -5.72
C ASP A 581 -19.07 14.43 -7.01
N SER A 582 -20.34 14.36 -7.41
CA SER A 582 -20.73 13.55 -8.54
C SER A 582 -20.16 14.09 -9.85
N LEU A 583 -19.94 15.41 -9.95
CA LEU A 583 -19.31 16.00 -11.13
C LEU A 583 -17.82 15.66 -11.21
N LEU A 584 -17.13 15.61 -10.07
CA LEU A 584 -15.74 15.18 -10.06
C LEU A 584 -15.66 13.76 -10.59
N VAL A 585 -16.57 12.92 -10.13
CA VAL A 585 -16.51 11.52 -10.50
C VAL A 585 -16.80 11.38 -11.99
N GLY A 586 -17.75 12.16 -12.50
CA GLY A 586 -17.98 12.28 -13.94
C GLY A 586 -16.70 12.58 -14.71
N GLN A 587 -15.96 13.60 -14.29
CA GLN A 587 -14.71 13.96 -14.92
C GLN A 587 -13.69 12.83 -14.90
N LEU A 588 -13.53 12.16 -13.76
CA LEU A 588 -12.62 11.03 -13.67
C LEU A 588 -13.03 9.97 -14.70
N PHE A 589 -14.31 9.62 -14.71
CA PHE A 589 -14.81 8.62 -15.63
C PHE A 589 -14.44 8.96 -17.08
N PHE A 590 -14.68 10.21 -17.50
CA PHE A 590 -14.46 10.59 -18.88
C PHE A 590 -12.98 10.84 -19.17
N LYS A 591 -12.15 10.94 -18.15
CA LYS A 591 -10.71 10.94 -18.37
C LYS A 591 -10.23 9.53 -18.71
N PHE A 592 -10.53 8.56 -17.83
CA PHE A 592 -9.96 7.24 -17.96
C PHE A 592 -10.70 6.35 -18.95
N LEU A 593 -11.97 6.69 -19.24
CA LEU A 593 -12.81 5.96 -20.19
C LEU A 593 -12.76 4.47 -19.88
N PRO A 594 -13.13 4.08 -18.66
CA PRO A 594 -12.95 2.71 -18.20
C PRO A 594 -13.81 1.74 -19.02
N HIS A 595 -14.95 2.20 -19.51
CA HIS A 595 -15.84 1.37 -20.30
C HIS A 595 -15.19 0.96 -21.62
N LEU A 596 -14.31 1.80 -22.18
CA LEU A 596 -13.66 1.48 -23.43
C LEU A 596 -12.58 0.44 -23.22
N GLU A 597 -11.79 0.57 -22.14
CA GLU A 597 -10.82 -0.45 -21.78
C GLU A 597 -11.52 -1.79 -21.58
N LEU A 598 -12.55 -1.77 -20.75
CA LEU A 598 -13.21 -2.97 -20.31
C LEU A 598 -13.92 -3.65 -21.46
N SER A 599 -14.56 -2.86 -22.32
CA SER A 599 -15.24 -3.45 -23.46
C SER A 599 -14.23 -4.04 -24.43
N ALA A 600 -13.04 -3.44 -24.56
CA ALA A 600 -12.02 -3.97 -25.42
C ALA A 600 -11.60 -5.36 -24.93
N VAL A 601 -11.37 -5.49 -23.62
CA VAL A 601 -11.02 -6.79 -23.06
C VAL A 601 -12.19 -7.77 -23.21
N ALA A 602 -13.41 -7.32 -22.94
CA ALA A 602 -14.59 -8.15 -23.09
C ALA A 602 -14.70 -8.73 -24.49
N ARG A 603 -14.54 -7.88 -25.51
CA ARG A 603 -14.59 -8.33 -26.90
C ARG A 603 -13.54 -9.39 -27.20
N LEU A 604 -12.31 -9.12 -26.79
CA LEU A 604 -11.21 -10.02 -27.07
C LEU A 604 -11.41 -11.37 -26.38
N ALA A 605 -11.80 -11.35 -25.12
CA ALA A 605 -11.81 -12.55 -24.31
C ALA A 605 -13.06 -13.40 -24.55
N GLY A 606 -14.12 -12.81 -25.10
CA GLY A 606 -15.34 -13.53 -25.36
C GLY A 606 -16.21 -13.74 -24.11
N ILE A 607 -16.01 -12.92 -23.08
CA ILE A 607 -16.85 -12.92 -21.90
C ILE A 607 -17.61 -11.59 -21.83
N ASN A 608 -18.70 -11.54 -21.08
CA ASN A 608 -19.50 -10.33 -21.00
C ASN A 608 -18.77 -9.27 -20.18
N ILE A 609 -19.18 -8.01 -20.31
CA ILE A 609 -18.49 -6.86 -19.74
C ILE A 609 -18.48 -6.99 -18.22
N THR A 610 -19.56 -7.52 -17.65
CA THR A 610 -19.72 -7.65 -16.21
C THR A 610 -18.66 -8.60 -15.64
N ARG A 611 -18.51 -9.76 -16.27
CA ARG A 611 -17.50 -10.72 -15.88
C ARG A 611 -16.11 -10.16 -16.14
N THR A 612 -15.96 -9.35 -17.18
CA THR A 612 -14.70 -8.68 -17.44
C THR A 612 -14.29 -7.83 -16.23
N ILE A 613 -15.23 -7.29 -15.47
CA ILE A 613 -14.90 -6.36 -14.43
C ILE A 613 -14.69 -7.06 -13.08
N TYR A 614 -15.44 -8.11 -12.79
CA TYR A 614 -15.48 -8.61 -11.44
C TYR A 614 -14.95 -10.04 -11.31
N ASP A 615 -14.64 -10.74 -12.41
CA ASP A 615 -14.50 -12.19 -12.34
C ASP A 615 -13.06 -12.71 -12.47
N GLY A 616 -12.05 -11.84 -12.55
CA GLY A 616 -10.66 -12.26 -12.43
C GLY A 616 -9.94 -12.33 -13.77
N GLN A 617 -8.76 -12.92 -13.78
CA GLN A 617 -7.94 -12.97 -14.98
C GLN A 617 -8.07 -14.33 -15.63
N GLN A 618 -8.31 -15.37 -14.85
CA GLN A 618 -8.28 -16.71 -15.39
C GLN A 618 -9.32 -16.91 -16.46
N ILE A 619 -10.55 -16.44 -16.21
CA ILE A 619 -11.66 -16.75 -17.07
C ILE A 619 -11.42 -16.14 -18.45
N ARG A 620 -10.55 -15.11 -18.53
CA ARG A 620 -10.24 -14.48 -19.80
C ARG A 620 -9.41 -15.42 -20.67
N VAL A 621 -8.31 -15.94 -20.12
CA VAL A 621 -7.51 -16.91 -20.86
C VAL A 621 -8.33 -18.17 -21.08
N PHE A 622 -9.04 -18.64 -20.04
CA PHE A 622 -9.77 -19.89 -20.12
C PHE A 622 -10.70 -19.88 -21.31
N THR A 623 -11.43 -18.77 -21.52
CA THR A 623 -12.43 -18.70 -22.57
C THR A 623 -11.76 -18.68 -23.93
N CYS A 624 -10.60 -18.04 -24.06
CA CYS A 624 -9.89 -18.00 -25.32
C CYS A 624 -9.26 -19.34 -25.63
N LEU A 625 -8.77 -20.00 -24.59
CA LEU A 625 -8.20 -21.32 -24.74
C LEU A 625 -9.28 -22.33 -25.09
N LEU A 626 -10.46 -22.17 -24.52
CA LEU A 626 -11.60 -22.99 -24.85
C LEU A 626 -11.99 -22.85 -26.31
N ARG A 627 -12.02 -21.63 -26.83
CA ARG A 627 -12.34 -21.43 -28.24
C ARG A 627 -11.38 -22.20 -29.14
N LEU A 628 -10.08 -22.14 -28.82
CA LEU A 628 -9.08 -22.77 -29.66
C LEU A 628 -9.07 -24.29 -29.47
N ALA A 629 -9.23 -24.74 -28.24
CA ALA A 629 -9.23 -26.17 -27.96
C ALA A 629 -10.35 -26.87 -28.71
N ASP A 630 -11.52 -26.22 -28.78
CA ASP A 630 -12.67 -26.73 -29.49
C ASP A 630 -12.32 -27.04 -30.94
N GLN A 631 -11.78 -26.06 -31.68
CA GLN A 631 -11.54 -26.27 -33.10
C GLN A 631 -10.35 -27.18 -33.36
N LYS A 632 -9.66 -27.63 -32.31
CA LYS A 632 -8.56 -28.56 -32.45
C LYS A 632 -8.97 -29.98 -32.02
N GLY A 633 -10.15 -30.13 -31.41
CA GLY A 633 -10.59 -31.44 -30.98
C GLY A 633 -10.18 -31.77 -29.55
N PHE A 634 -9.81 -30.76 -28.78
CA PHE A 634 -9.45 -30.99 -27.40
C PHE A 634 -10.61 -30.61 -26.51
N ILE A 635 -10.70 -31.26 -25.36
CA ILE A 635 -11.67 -30.91 -24.32
C ILE A 635 -10.92 -30.61 -23.03
N LEU A 636 -11.45 -29.68 -22.24
CA LEU A 636 -10.81 -29.23 -21.02
C LEU A 636 -11.48 -29.88 -19.81
N PRO A 637 -10.73 -30.59 -18.94
CA PRO A 637 -11.32 -31.21 -17.77
C PRO A 637 -11.58 -30.24 -16.63
N ASP A 638 -12.62 -30.54 -15.86
CA ASP A 638 -12.92 -29.75 -14.67
C ASP A 638 -12.26 -30.39 -13.47
N THR A 639 -11.64 -29.58 -12.62
CA THR A 639 -11.21 -30.05 -11.31
C THR A 639 -12.43 -30.16 -10.40
N GLN A 640 -12.42 -31.14 -9.51
CA GLN A 640 -13.47 -31.31 -8.52
C GLN A 640 -13.19 -30.44 -7.30
N GLY A 641 -14.26 -29.85 -6.74
CA GLY A 641 -14.18 -29.12 -5.48
C GLY A 641 -13.36 -27.84 -5.57
N ARG A 642 -13.22 -27.16 -4.42
CA ARG A 642 -12.40 -25.96 -4.29
C ARG A 642 -11.24 -26.02 -5.30
N ARG A 692 3.19 -24.65 1.19
CA ARG A 692 1.96 -24.08 0.55
C ARG A 692 2.13 -22.61 0.15
N HIS A 693 3.28 -22.01 0.47
CA HIS A 693 3.57 -20.63 0.07
C HIS A 693 3.63 -20.52 -1.44
N VAL A 694 4.49 -21.34 -2.08
CA VAL A 694 4.71 -21.24 -3.52
C VAL A 694 4.65 -22.64 -4.14
N GLY A 695 4.14 -22.69 -5.38
CA GLY A 695 4.01 -23.95 -6.09
C GLY A 695 5.27 -24.34 -6.85
N TYR A 696 6.12 -23.35 -7.16
CA TYR A 696 7.31 -23.58 -7.95
C TYR A 696 8.28 -22.44 -7.80
N GLN A 697 9.52 -22.65 -8.26
CA GLN A 697 10.55 -21.65 -8.22
C GLN A 697 10.35 -20.62 -9.33
N GLY A 698 10.54 -19.35 -9.00
CA GLY A 698 10.30 -18.26 -9.92
C GLY A 698 11.57 -17.79 -10.61
N ALA A 699 11.71 -16.47 -10.73
CA ALA A 699 12.80 -15.82 -11.46
C ALA A 699 14.05 -15.71 -10.61
N ARG A 700 15.22 -15.69 -11.27
CA ARG A 700 16.45 -15.24 -10.63
C ARG A 700 16.49 -13.71 -10.55
N VAL A 701 16.95 -13.22 -9.40
CA VAL A 701 17.47 -11.87 -9.28
C VAL A 701 18.94 -12.03 -8.94
N LEU A 702 19.80 -11.46 -9.79
CA LEU A 702 21.23 -11.51 -9.56
C LEU A 702 21.54 -10.74 -8.29
N ASP A 703 22.60 -11.14 -7.58
CA ASP A 703 23.08 -10.31 -6.50
C ASP A 703 23.64 -9.04 -7.12
N PRO A 704 23.14 -7.84 -6.76
CA PRO A 704 23.69 -6.60 -7.31
C PRO A 704 25.10 -6.31 -6.79
N THR A 705 25.91 -5.73 -7.66
CA THR A 705 27.07 -4.98 -7.22
C THR A 705 26.57 -3.67 -6.64
N SER A 706 26.28 -3.69 -5.32
CA SER A 706 25.66 -2.56 -4.64
C SER A 706 26.63 -1.39 -4.60
N GLY A 707 26.17 -0.19 -5.01
CA GLY A 707 26.98 1.00 -4.99
C GLY A 707 26.42 2.13 -5.84
N PHE A 708 27.10 3.27 -5.83
CA PHE A 708 26.77 4.42 -6.66
C PHE A 708 27.67 4.45 -7.89
N HIS A 709 27.10 4.16 -9.05
CA HIS A 709 27.84 3.99 -10.30
C HIS A 709 27.71 5.26 -11.13
N VAL A 710 28.84 5.87 -11.48
CA VAL A 710 28.84 7.10 -12.26
C VAL A 710 29.29 6.85 -13.69
N ASN A 711 29.81 5.64 -13.98
CA ASN A 711 30.01 5.22 -15.35
C ASN A 711 28.68 4.80 -15.96
N PRO A 712 28.51 4.86 -17.30
CA PRO A 712 27.24 4.48 -17.93
C PRO A 712 26.81 3.04 -17.66
N VAL A 713 25.51 2.86 -17.45
CA VAL A 713 24.96 1.52 -17.29
C VAL A 713 23.90 1.32 -18.38
N VAL A 714 24.08 0.31 -19.22
CA VAL A 714 23.07 -0.01 -20.23
C VAL A 714 22.10 -1.04 -19.65
N VAL A 715 20.82 -0.90 -19.94
CA VAL A 715 19.85 -1.91 -19.56
C VAL A 715 19.39 -2.67 -20.79
N PHE A 716 19.68 -3.97 -20.83
CA PHE A 716 19.08 -4.87 -21.79
C PHE A 716 17.90 -5.53 -21.11
N ASP A 717 16.76 -5.56 -21.78
CA ASP A 717 15.60 -6.22 -21.23
C ASP A 717 14.91 -7.00 -22.34
N PHE A 718 14.45 -8.21 -22.02
CA PHE A 718 13.68 -9.04 -22.93
C PHE A 718 12.27 -8.52 -23.02
N ALA A 719 11.72 -8.37 -24.22
CA ALA A 719 10.37 -7.91 -24.42
C ALA A 719 9.39 -9.08 -24.30
N SER A 720 8.39 -8.99 -23.41
CA SER A 720 7.41 -10.04 -23.20
C SER A 720 8.11 -11.39 -23.06
N LEU A 721 9.01 -11.46 -22.06
CA LEU A 721 9.87 -12.62 -21.87
C LEU A 721 9.06 -13.90 -21.80
N TYR A 722 8.12 -13.98 -20.84
CA TYR A 722 7.45 -15.23 -20.59
C TYR A 722 6.58 -15.61 -21.76
N PRO A 723 5.77 -14.70 -22.35
CA PRO A 723 5.09 -15.01 -23.59
C PRO A 723 6.02 -15.53 -24.68
N SER A 724 7.15 -14.89 -24.88
CA SER A 724 8.05 -15.30 -25.93
C SER A 724 8.63 -16.68 -25.69
N ILE A 725 8.93 -17.03 -24.42
CA ILE A 725 9.43 -18.34 -24.06
C ILE A 725 8.39 -19.40 -24.38
N ILE A 726 7.13 -19.13 -24.04
CA ILE A 726 6.05 -20.05 -24.35
C ILE A 726 5.99 -20.31 -25.85
N GLN A 727 6.19 -19.28 -26.69
CA GLN A 727 6.15 -19.44 -28.14
C GLN A 727 7.40 -20.12 -28.67
N ALA A 728 8.55 -19.69 -28.18
CA ALA A 728 9.84 -20.17 -28.62
C ALA A 728 10.03 -21.65 -28.36
N HIS A 729 9.57 -22.15 -27.22
CA HIS A 729 9.80 -23.52 -26.84
C HIS A 729 8.52 -24.34 -26.92
N ASN A 730 7.46 -23.79 -27.50
CA ASN A 730 6.26 -24.55 -27.84
C ASN A 730 5.66 -25.17 -26.59
N LEU A 731 5.56 -24.39 -25.53
CA LEU A 731 5.12 -24.91 -24.25
C LEU A 731 3.60 -24.96 -24.20
N CYS A 732 3.07 -26.09 -23.73
CA CYS A 732 1.63 -26.25 -23.57
C CYS A 732 1.32 -27.43 -22.69
N PHE A 733 0.06 -27.53 -22.26
CA PHE A 733 -0.49 -28.74 -21.69
C PHE A 733 -0.33 -29.87 -22.67
N SER A 734 -0.73 -29.58 -23.91
CA SER A 734 -0.87 -30.60 -24.93
C SER A 734 0.46 -30.96 -25.53
N THR A 735 1.55 -30.29 -25.14
CA THR A 735 2.85 -30.63 -25.73
C THR A 735 3.80 -31.22 -24.71
N LEU A 736 3.40 -31.17 -23.44
CA LEU A 736 4.20 -31.70 -22.37
C LEU A 736 4.04 -33.21 -22.30
N SER A 737 5.16 -33.90 -22.03
CA SER A 737 5.12 -35.25 -21.49
C SER A 737 6.04 -35.37 -20.30
N LEU A 738 5.58 -36.12 -19.30
CA LEU A 738 6.36 -36.53 -18.14
C LEU A 738 7.10 -37.82 -18.48
N ARG A 739 6.46 -38.72 -19.21
CA ARG A 739 7.06 -40.02 -19.52
C ARG A 739 8.07 -39.85 -20.65
N ALA A 740 9.25 -40.45 -20.49
CA ALA A 740 10.22 -40.54 -21.58
C ALA A 740 9.72 -41.49 -22.67
N ASP A 741 8.91 -42.49 -22.28
CA ASP A 741 8.26 -43.44 -23.17
C ASP A 741 7.48 -42.74 -24.29
N ALA A 742 6.95 -41.55 -23.98
CA ALA A 742 6.02 -40.83 -24.83
C ALA A 742 6.72 -40.23 -26.04
N VAL A 743 8.05 -40.05 -25.96
CA VAL A 743 8.79 -39.39 -27.03
C VAL A 743 9.82 -40.33 -27.67
N ALA A 744 9.78 -41.63 -27.37
CA ALA A 744 10.79 -42.57 -27.84
C ALA A 744 10.84 -42.66 -29.36
N HIS A 745 9.70 -42.41 -30.03
CA HIS A 745 9.62 -42.43 -31.47
C HIS A 745 10.14 -41.13 -32.10
N LEU A 746 10.42 -40.12 -31.28
CA LEU A 746 10.93 -38.83 -31.75
C LEU A 746 12.44 -38.74 -31.53
N GLU A 747 13.09 -37.80 -32.22
CA GLU A 747 14.53 -37.61 -32.09
C GLU A 747 14.84 -36.47 -31.11
N ALA A 748 15.65 -36.76 -30.08
CA ALA A 748 16.03 -35.75 -29.12
C ALA A 748 16.72 -34.59 -29.83
N GLY A 749 16.48 -33.39 -29.32
CA GLY A 749 17.07 -32.20 -29.90
C GLY A 749 16.18 -31.55 -30.95
N LYS A 750 15.81 -32.30 -31.99
CA LYS A 750 15.13 -31.67 -33.13
C LYS A 750 13.61 -31.87 -33.05
N ASP A 751 13.13 -32.84 -32.27
CA ASP A 751 11.70 -33.06 -32.12
C ASP A 751 11.21 -32.60 -30.76
N TYR A 752 12.07 -32.56 -29.75
CA TYR A 752 11.60 -32.16 -28.43
C TYR A 752 12.69 -31.56 -27.57
N LEU A 753 12.25 -30.69 -26.67
CA LEU A 753 13.08 -30.15 -25.63
C LEU A 753 13.00 -31.09 -24.45
N GLU A 754 14.14 -31.47 -23.91
CA GLU A 754 14.18 -32.14 -22.64
C GLU A 754 14.78 -31.14 -21.65
N ILE A 755 14.13 -30.99 -20.51
CA ILE A 755 14.50 -29.96 -19.57
C ILE A 755 14.18 -30.46 -18.17
N GLU A 756 15.06 -30.18 -17.21
CA GLU A 756 14.82 -30.52 -15.84
C GLU A 756 14.29 -29.31 -15.10
N VAL A 757 13.19 -29.54 -14.38
CA VAL A 757 12.32 -28.52 -13.85
C VAL A 757 11.82 -29.04 -12.52
N GLY A 758 12.05 -28.28 -11.45
CA GLY A 758 11.63 -28.66 -10.12
C GLY A 758 12.19 -30.01 -9.69
N GLY A 759 13.32 -30.41 -10.30
CA GLY A 759 13.96 -31.67 -9.99
C GLY A 759 13.25 -32.87 -10.63
N ARG A 760 12.75 -32.65 -11.85
CA ARG A 760 12.08 -33.67 -12.65
C ARG A 760 12.28 -33.38 -14.13
N ARG A 761 12.37 -34.46 -14.90
CA ARG A 761 12.73 -34.42 -16.31
C ARG A 761 11.45 -34.30 -17.13
N LEU A 762 11.31 -33.19 -17.88
CA LEU A 762 10.12 -32.90 -18.65
C LEU A 762 10.48 -32.89 -20.13
N PHE A 763 9.50 -33.24 -20.96
CA PHE A 763 9.66 -33.24 -22.40
C PHE A 763 8.58 -32.35 -22.98
N PHE A 764 8.97 -31.45 -23.87
CA PHE A 764 7.98 -30.69 -24.64
C PHE A 764 8.31 -30.88 -26.08
N VAL A 765 7.33 -31.28 -26.87
CA VAL A 765 7.58 -31.59 -28.26
C VAL A 765 7.61 -30.26 -28.97
N LYS A 766 8.32 -30.18 -30.09
CA LYS A 766 8.46 -28.93 -30.83
C LYS A 766 7.28 -28.75 -31.75
N ALA A 767 7.16 -27.54 -32.31
CA ALA A 767 5.93 -27.08 -32.93
C ALA A 767 5.59 -27.91 -34.16
N HIS A 768 6.58 -28.54 -34.79
CA HIS A 768 6.33 -29.27 -36.02
C HIS A 768 5.90 -30.72 -35.75
N VAL A 769 5.88 -31.10 -34.48
CA VAL A 769 5.27 -32.35 -34.04
C VAL A 769 3.83 -32.05 -33.63
N ARG A 770 3.68 -31.09 -32.74
CA ARG A 770 2.38 -30.57 -32.39
C ARG A 770 2.55 -29.12 -31.94
N GLU A 771 1.73 -28.22 -32.49
CA GLU A 771 1.79 -26.82 -32.13
C GLU A 771 1.01 -26.59 -30.84
N SER A 772 1.65 -25.89 -29.91
CA SER A 772 1.08 -25.48 -28.65
C SER A 772 -0.11 -24.54 -28.81
N LEU A 773 -1.16 -24.80 -28.03
CA LEU A 773 -2.36 -23.98 -27.99
C LEU A 773 -2.05 -22.62 -27.40
N LEU A 774 -1.26 -22.61 -26.31
CA LEU A 774 -0.84 -21.37 -25.68
C LEU A 774 -0.02 -20.57 -26.67
N SER A 775 0.84 -21.24 -27.41
CA SER A 775 1.65 -20.57 -28.39
C SER A 775 0.76 -19.94 -29.46
N ILE A 776 -0.23 -20.71 -29.98
CA ILE A 776 -1.15 -20.21 -30.99
C ILE A 776 -1.89 -18.97 -30.48
N LEU A 777 -2.37 -18.98 -29.23
CA LEU A 777 -3.03 -17.82 -28.69
C LEU A 777 -2.12 -16.61 -28.73
N LEU A 778 -0.91 -16.77 -28.23
CA LEU A 778 -0.01 -15.65 -28.06
C LEU A 778 0.43 -15.13 -29.43
N ARG A 779 0.74 -16.01 -30.36
CA ARG A 779 1.12 -15.57 -31.69
C ARG A 779 0.02 -14.76 -32.36
N ASP A 780 -1.21 -15.27 -32.30
CA ASP A 780 -2.31 -14.61 -32.97
C ASP A 780 -2.60 -13.25 -32.34
N TRP A 781 -2.54 -13.17 -31.01
CA TRP A 781 -2.71 -11.90 -30.30
C TRP A 781 -1.58 -10.93 -30.60
N LEU A 782 -0.34 -11.39 -30.63
CA LEU A 782 0.76 -10.48 -30.83
C LEU A 782 0.77 -9.97 -32.27
N ALA A 783 0.36 -10.80 -33.22
CA ALA A 783 0.20 -10.36 -34.60
C ALA A 783 -0.85 -9.25 -34.65
N MET A 784 -1.97 -9.50 -33.98
CA MET A 784 -3.10 -8.59 -33.91
C MET A 784 -2.65 -7.28 -33.29
N ARG A 785 -1.83 -7.33 -32.24
CA ARG A 785 -1.39 -6.12 -31.57
C ARG A 785 -0.47 -5.29 -32.46
N LYS A 786 0.47 -5.95 -33.15
CA LYS A 786 1.38 -5.25 -34.03
C LYS A 786 0.58 -4.61 -35.18
N GLN A 787 -0.42 -5.31 -35.70
CA GLN A 787 -1.31 -4.79 -36.73
C GLN A 787 -2.01 -3.53 -36.24
N ILE A 788 -2.56 -3.54 -35.02
CA ILE A 788 -3.26 -2.38 -34.48
C ILE A 788 -2.33 -1.18 -34.33
N ARG A 789 -1.14 -1.38 -33.75
CA ARG A 789 -0.21 -0.29 -33.49
C ARG A 789 0.33 0.30 -34.80
N SER A 790 0.25 -0.47 -35.90
CA SER A 790 0.68 0.02 -37.21
C SER A 790 -0.31 1.03 -37.79
N ARG A 791 -1.54 1.08 -37.25
CA ARG A 791 -2.56 1.98 -37.75
C ARG A 791 -2.76 3.22 -36.87
N ILE A 792 -2.22 3.23 -35.64
CA ILE A 792 -2.50 4.33 -34.73
C ILE A 792 -1.95 5.66 -35.28
N PRO A 793 -0.79 5.72 -35.98
CA PRO A 793 -0.35 6.97 -36.60
C PRO A 793 -1.32 7.57 -37.61
N GLN A 794 -1.72 6.79 -38.62
CA GLN A 794 -2.60 7.28 -39.69
C GLN A 794 -4.07 7.11 -39.32
N SER A 795 -4.45 7.56 -38.11
CA SER A 795 -5.82 7.50 -37.62
C SER A 795 -6.26 8.87 -37.09
N SER A 796 -7.58 9.10 -37.10
CA SER A 796 -8.17 10.30 -36.52
C SER A 796 -8.05 10.25 -35.00
N PRO A 797 -7.97 11.40 -34.29
CA PRO A 797 -7.83 11.40 -32.83
C PRO A 797 -8.89 10.60 -32.09
N GLU A 798 -10.13 10.58 -32.61
CA GLU A 798 -11.23 9.85 -32.00
C GLU A 798 -11.04 8.34 -32.17
N GLU A 799 -10.65 7.91 -33.38
CA GLU A 799 -10.40 6.50 -33.66
C GLU A 799 -9.15 6.00 -32.95
N ALA A 800 -8.15 6.88 -32.79
CA ALA A 800 -6.88 6.52 -32.16
C ALA A 800 -7.09 6.09 -30.70
N VAL A 801 -8.05 6.72 -30.01
CA VAL A 801 -8.33 6.42 -28.62
C VAL A 801 -8.79 4.97 -28.51
N LEU A 802 -9.64 4.55 -29.46
CA LEU A 802 -10.21 3.22 -29.45
C LEU A 802 -9.12 2.20 -29.75
N LEU A 803 -8.26 2.46 -30.74
CA LEU A 803 -7.20 1.54 -31.11
C LEU A 803 -6.23 1.37 -29.95
N ASP A 804 -5.96 2.47 -29.24
CA ASP A 804 -5.06 2.44 -28.11
C ASP A 804 -5.63 1.54 -27.02
N LYS A 805 -6.94 1.68 -26.76
CA LYS A 805 -7.64 0.80 -25.83
C LYS A 805 -7.54 -0.66 -26.29
N GLN A 806 -7.68 -0.92 -27.59
CA GLN A 806 -7.65 -2.29 -28.08
C GLN A 806 -6.28 -2.92 -27.87
N GLN A 807 -5.20 -2.17 -28.16
CA GLN A 807 -3.88 -2.77 -28.11
C GLN A 807 -3.51 -3.02 -26.64
N ALA A 808 -3.97 -2.15 -25.76
CA ALA A 808 -3.74 -2.34 -24.35
C ALA A 808 -4.43 -3.61 -23.84
N ALA A 809 -5.63 -3.89 -24.36
CA ALA A 809 -6.39 -5.06 -23.96
C ALA A 809 -5.61 -6.30 -24.34
N ILE A 810 -5.04 -6.29 -25.53
CA ILE A 810 -4.30 -7.44 -26.00
C ILE A 810 -3.09 -7.65 -25.10
N LYS A 811 -2.42 -6.55 -24.70
CA LYS A 811 -1.22 -6.67 -23.91
C LYS A 811 -1.56 -7.32 -22.57
N VAL A 812 -2.62 -6.86 -21.95
CA VAL A 812 -3.07 -7.37 -20.66
C VAL A 812 -3.38 -8.87 -20.76
N VAL A 813 -4.01 -9.31 -21.83
CA VAL A 813 -4.45 -10.69 -21.95
C VAL A 813 -3.26 -11.60 -22.28
N CYS A 814 -2.35 -11.22 -23.20
CA CYS A 814 -1.10 -11.94 -23.40
C CYS A 814 -0.29 -12.13 -22.11
N ASN A 815 -0.23 -11.09 -21.30
CA ASN A 815 0.58 -11.11 -20.10
C ASN A 815 0.03 -12.12 -19.07
N SER A 816 -1.26 -12.40 -19.13
CA SER A 816 -1.91 -13.21 -18.12
C SER A 816 -1.69 -14.71 -18.33
N VAL A 817 -1.15 -15.14 -19.48
CA VAL A 817 -1.16 -16.55 -19.83
C VAL A 817 -0.24 -17.36 -18.91
N TYR A 818 0.96 -16.84 -18.64
CA TYR A 818 1.87 -17.50 -17.73
C TYR A 818 1.22 -17.69 -16.35
N GLY A 819 0.59 -16.65 -15.84
CA GLY A 819 0.00 -16.76 -14.53
C GLY A 819 -1.10 -17.82 -14.48
N PHE A 820 -1.92 -17.87 -15.52
CA PHE A 820 -2.98 -18.86 -15.65
C PHE A 820 -2.44 -20.27 -15.43
N THR A 821 -1.31 -20.61 -16.05
CA THR A 821 -0.75 -21.95 -15.90
C THR A 821 -0.24 -22.20 -14.47
N GLY A 822 0.13 -21.14 -13.75
CA GLY A 822 0.76 -21.29 -12.46
C GLY A 822 -0.21 -21.35 -11.29
N VAL A 823 -1.51 -21.12 -11.51
CA VAL A 823 -2.50 -21.11 -10.43
C VAL A 823 -2.73 -22.53 -9.91
N GLN A 824 -2.27 -22.80 -8.70
CA GLN A 824 -2.66 -24.03 -8.02
C GLN A 824 -4.15 -23.98 -7.67
N HIS A 825 -4.88 -25.03 -8.10
CA HIS A 825 -6.33 -25.14 -7.93
C HIS A 825 -7.10 -24.15 -8.80
N GLY A 826 -6.51 -23.65 -9.88
CA GLY A 826 -7.24 -22.77 -10.77
C GLY A 826 -8.07 -23.56 -11.77
N LEU A 827 -8.73 -22.84 -12.68
CA LEU A 827 -9.21 -23.38 -13.94
C LEU A 827 -8.02 -23.82 -14.76
N LEU A 828 -7.99 -25.08 -15.18
CA LEU A 828 -6.90 -25.60 -15.99
C LEU A 828 -5.50 -25.19 -15.54
N PRO A 829 -5.01 -25.65 -14.38
CA PRO A 829 -3.61 -25.44 -13.99
C PRO A 829 -2.62 -26.30 -14.77
N CYS A 830 -1.40 -25.81 -14.93
CA CYS A 830 -0.31 -26.72 -15.25
C CYS A 830 1.02 -26.17 -14.77
N LEU A 831 1.41 -26.63 -13.59
CA LEU A 831 2.55 -26.07 -12.91
C LEU A 831 3.83 -26.56 -13.56
N HIS A 832 3.74 -27.60 -14.39
CA HIS A 832 4.87 -28.01 -15.20
C HIS A 832 5.15 -26.93 -16.26
N VAL A 833 4.13 -26.42 -16.92
CA VAL A 833 4.39 -25.33 -17.84
C VAL A 833 4.91 -24.11 -17.07
N ALA A 834 4.25 -23.74 -15.98
CA ALA A 834 4.59 -22.49 -15.29
C ALA A 834 6.03 -22.53 -14.79
N ALA A 835 6.42 -23.66 -14.21
CA ALA A 835 7.76 -23.90 -13.74
C ALA A 835 8.78 -23.96 -14.88
N THR A 836 8.41 -24.52 -16.01
CA THR A 836 9.32 -24.57 -17.13
C THR A 836 9.60 -23.16 -17.63
N VAL A 837 8.58 -22.31 -17.68
CA VAL A 837 8.75 -20.96 -18.18
C VAL A 837 9.82 -20.26 -17.37
N THR A 838 9.68 -20.30 -16.04
CA THR A 838 10.63 -19.61 -15.17
C THR A 838 12.00 -20.29 -15.17
N THR A 839 12.05 -21.61 -15.36
CA THR A 839 13.32 -22.30 -15.47
C THR A 839 14.08 -21.81 -16.69
N ILE A 840 13.40 -21.73 -17.84
CA ILE A 840 14.06 -21.31 -19.07
C ILE A 840 14.48 -19.86 -18.94
N GLY A 841 13.65 -19.04 -18.30
CA GLY A 841 13.96 -17.65 -18.11
C GLY A 841 15.22 -17.48 -17.27
N ARG A 842 15.36 -18.32 -16.25
CA ARG A 842 16.52 -18.29 -15.40
C ARG A 842 17.78 -18.61 -16.21
N GLU A 843 17.68 -19.63 -17.06
CA GLU A 843 18.80 -20.06 -17.87
C GLU A 843 19.19 -18.96 -18.86
N MET A 844 18.22 -18.28 -19.46
CA MET A 844 18.48 -17.20 -20.40
C MET A 844 19.16 -16.00 -19.75
N LEU A 845 18.76 -15.64 -18.53
CA LEU A 845 19.35 -14.50 -17.87
C LEU A 845 20.84 -14.76 -17.62
N LEU A 846 21.16 -15.98 -17.16
CA LEU A 846 22.53 -16.37 -16.93
C LEU A 846 23.29 -16.49 -18.25
N ALA A 847 22.65 -16.99 -19.29
CA ALA A 847 23.32 -17.14 -20.57
C ALA A 847 23.73 -15.78 -21.12
N THR A 848 22.84 -14.81 -21.00
CA THR A 848 23.11 -13.45 -21.44
C THR A 848 24.33 -12.91 -20.72
N ARG A 849 24.41 -13.14 -19.40
CA ARG A 849 25.54 -12.70 -18.60
C ARG A 849 26.84 -13.37 -19.06
N GLU A 850 26.84 -14.70 -19.24
CA GLU A 850 28.03 -15.40 -19.67
C GLU A 850 28.48 -14.90 -21.04
N TYR A 851 27.54 -14.61 -21.92
CA TYR A 851 27.93 -14.25 -23.27
C TYR A 851 28.63 -12.91 -23.24
N VAL A 852 28.02 -11.95 -22.54
CA VAL A 852 28.49 -10.58 -22.48
C VAL A 852 29.87 -10.56 -21.87
N HIS A 853 30.06 -11.29 -20.76
CA HIS A 853 31.34 -11.32 -20.09
C HIS A 853 32.44 -11.88 -20.98
N ALA A 854 32.14 -12.95 -21.71
CA ALA A 854 33.14 -13.57 -22.56
C ALA A 854 33.46 -12.68 -23.78
N ARG A 855 32.43 -12.18 -24.47
CA ARG A 855 32.60 -11.70 -25.82
C ARG A 855 33.19 -10.30 -25.84
N TRP A 856 32.83 -9.47 -24.87
CA TRP A 856 33.25 -8.08 -24.89
C TRP A 856 34.05 -7.75 -23.64
N ALA A 857 34.90 -8.67 -23.21
CA ALA A 857 35.81 -8.42 -22.11
C ALA A 857 36.83 -7.36 -22.48
N ALA A 858 37.20 -7.28 -23.77
CA ALA A 858 38.21 -6.33 -24.20
C ALA A 858 37.67 -5.40 -25.26
N PHE A 859 38.13 -4.14 -25.27
CA PHE A 859 37.58 -3.12 -26.13
C PHE A 859 37.83 -3.46 -27.59
N GLU A 860 38.98 -4.08 -27.86
CA GLU A 860 39.30 -4.54 -29.20
C GLU A 860 38.18 -5.45 -29.73
N GLN A 861 37.64 -6.30 -28.85
CA GLN A 861 36.64 -7.27 -29.25
C GLN A 861 35.30 -6.58 -29.52
N LEU A 862 35.02 -5.51 -28.78
CA LEU A 862 33.82 -4.75 -29.00
C LEU A 862 33.91 -4.03 -30.34
N LEU A 863 35.08 -3.44 -30.61
CA LEU A 863 35.31 -2.72 -31.85
C LEU A 863 35.23 -3.65 -33.06
N ALA A 864 35.64 -4.92 -32.87
CA ALA A 864 35.56 -5.92 -33.92
C ALA A 864 34.12 -6.20 -34.34
N ASP A 865 33.15 -5.93 -33.45
CA ASP A 865 31.74 -6.15 -33.76
C ASP A 865 31.06 -4.84 -34.16
N PHE A 866 31.43 -3.73 -33.52
CA PHE A 866 30.73 -2.47 -33.71
C PHE A 866 31.74 -1.37 -34.02
N PRO A 867 32.01 -1.05 -35.31
CA PRO A 867 32.93 0.04 -35.64
C PRO A 867 32.53 1.37 -35.00
N GLU A 868 31.22 1.58 -34.78
CA GLU A 868 30.70 2.84 -34.27
C GLU A 868 31.11 3.01 -32.80
N ALA A 869 31.72 2.00 -32.19
CA ALA A 869 32.22 2.11 -30.83
C ALA A 869 33.55 2.88 -30.80
N ALA A 870 34.24 2.97 -31.95
CA ALA A 870 35.58 3.51 -32.05
C ALA A 870 35.70 4.92 -31.47
N ASP A 871 34.63 5.71 -31.57
CA ASP A 871 34.61 7.10 -31.11
C ASP A 871 33.63 7.27 -29.96
N MET A 872 33.43 6.19 -29.19
CA MET A 872 32.74 6.23 -27.91
C MET A 872 33.75 6.15 -26.75
N ARG A 873 35.01 5.79 -27.03
CA ARG A 873 35.95 5.42 -25.99
C ARG A 873 36.25 6.63 -25.11
N ALA A 874 35.96 6.49 -23.81
CA ALA A 874 36.18 7.50 -22.78
C ALA A 874 37.55 7.25 -22.13
N PRO A 875 38.11 8.19 -21.33
CA PRO A 875 39.33 7.92 -20.57
C PRO A 875 39.19 6.83 -19.50
N GLY A 876 40.28 6.11 -19.24
CA GLY A 876 40.31 5.11 -18.18
C GLY A 876 40.16 3.70 -18.74
N PRO A 877 40.26 2.66 -17.88
CA PRO A 877 40.22 1.27 -18.33
C PRO A 877 38.82 0.84 -18.78
N TYR A 878 38.79 0.07 -19.87
CA TYR A 878 37.57 -0.47 -20.44
C TYR A 878 37.16 -1.70 -19.65
N SER A 879 35.90 -1.75 -19.22
CA SER A 879 35.33 -3.03 -18.83
C SER A 879 33.83 -3.01 -19.04
N MET A 880 33.26 -4.20 -19.22
CA MET A 880 31.84 -4.29 -19.47
C MET A 880 31.28 -5.45 -18.68
N ARG A 881 30.74 -5.16 -17.50
CA ARG A 881 30.36 -6.18 -16.55
C ARG A 881 28.93 -5.99 -16.05
N ILE A 882 28.32 -7.11 -15.74
CA ILE A 882 26.93 -7.12 -15.39
C ILE A 882 26.81 -6.90 -13.91
N ILE A 883 26.15 -5.82 -13.54
CA ILE A 883 26.12 -5.41 -12.14
C ILE A 883 24.80 -5.78 -11.50
N TYR A 884 23.76 -6.03 -12.30
CA TYR A 884 22.45 -6.34 -11.77
C TYR A 884 21.63 -7.06 -12.82
N GLY A 885 20.63 -7.79 -12.38
CA GLY A 885 19.67 -8.31 -13.32
C GLY A 885 18.51 -8.94 -12.57
N ASP A 886 17.32 -8.81 -13.15
CA ASP A 886 16.12 -9.20 -12.45
C ASP A 886 15.11 -9.66 -13.49
N THR A 887 14.85 -10.96 -13.45
CA THR A 887 13.80 -11.64 -14.20
C THR A 887 14.11 -11.65 -15.69
N ASP A 888 14.18 -10.47 -16.30
CA ASP A 888 14.40 -10.38 -17.72
C ASP A 888 15.25 -9.17 -18.12
N SER A 889 15.59 -8.34 -17.14
CA SER A 889 16.48 -7.21 -17.36
C SER A 889 17.86 -7.59 -16.89
N ILE A 890 18.86 -7.02 -17.56
CA ILE A 890 20.23 -7.11 -17.12
C ILE A 890 20.89 -5.75 -17.29
N PHE A 891 21.68 -5.37 -16.28
CA PHE A 891 22.30 -4.07 -16.22
C PHE A 891 23.79 -4.21 -16.44
N VAL A 892 24.36 -3.44 -17.40
CA VAL A 892 25.73 -3.64 -17.81
C VAL A 892 26.50 -2.36 -17.59
N LEU A 893 27.41 -2.39 -16.63
CA LEU A 893 28.27 -1.25 -16.35
C LEU A 893 29.38 -1.22 -17.41
N CYS A 894 29.45 -0.13 -18.14
CA CYS A 894 30.34 0.01 -19.28
C CYS A 894 31.37 1.08 -18.97
N ARG A 895 32.38 0.70 -18.19
CA ARG A 895 33.49 1.59 -17.94
C ARG A 895 34.21 1.80 -19.26
N GLY A 896 34.60 3.05 -19.52
CA GLY A 896 35.53 3.34 -20.58
C GLY A 896 34.82 3.69 -21.88
N LEU A 897 33.48 3.77 -21.83
CA LEU A 897 32.69 4.21 -22.95
C LEU A 897 31.87 5.40 -22.49
N THR A 898 31.51 6.29 -23.45
CA THR A 898 30.69 7.45 -23.15
C THR A 898 29.22 7.10 -23.25
N ALA A 899 28.39 7.74 -22.41
CA ALA A 899 26.97 7.46 -22.39
C ALA A 899 26.30 7.84 -23.72
N ALA A 900 26.87 8.84 -24.39
CA ALA A 900 26.24 9.51 -25.52
C ALA A 900 25.97 8.55 -26.66
N GLY A 901 26.99 7.76 -27.02
CA GLY A 901 26.82 6.79 -28.09
C GLY A 901 26.13 5.52 -27.63
N LEU A 902 26.32 5.15 -26.35
CA LEU A 902 25.92 3.86 -25.83
C LEU A 902 24.54 3.39 -26.26
N THR A 903 23.50 4.21 -26.23
CA THR A 903 22.16 3.73 -26.57
C THR A 903 22.20 2.84 -27.83
N ALA A 904 22.68 3.41 -28.94
CA ALA A 904 22.67 2.73 -30.23
C ALA A 904 23.56 1.49 -30.25
N VAL A 905 24.78 1.60 -29.71
CA VAL A 905 25.69 0.47 -29.75
C VAL A 905 25.05 -0.67 -28.95
N GLY A 906 24.31 -0.34 -27.89
CA GLY A 906 23.67 -1.33 -27.04
C GLY A 906 22.48 -1.99 -27.74
N ASP A 907 21.75 -1.19 -28.52
CA ASP A 907 20.70 -1.76 -29.34
C ASP A 907 21.33 -2.75 -30.34
N LYS A 908 22.52 -2.43 -30.86
CA LYS A 908 23.22 -3.31 -31.77
C LYS A 908 23.66 -4.59 -31.03
N MET A 909 24.14 -4.42 -29.79
CA MET A 909 24.62 -5.54 -28.98
C MET A 909 23.43 -6.41 -28.58
N ALA A 910 22.34 -5.76 -28.18
CA ALA A 910 21.15 -6.49 -27.78
C ALA A 910 20.68 -7.38 -28.93
N SER A 911 20.67 -6.83 -30.15
CA SER A 911 20.26 -7.58 -31.32
C SER A 911 21.28 -8.67 -31.67
N HIS A 912 22.56 -8.39 -31.45
CA HIS A 912 23.58 -9.40 -31.62
C HIS A 912 23.42 -10.54 -30.61
N ILE A 913 23.24 -10.22 -29.33
CA ILE A 913 23.07 -11.26 -28.33
C ILE A 913 21.83 -12.10 -28.66
N SER A 914 20.80 -11.44 -29.16
CA SER A 914 19.55 -12.10 -29.50
C SER A 914 19.80 -13.21 -30.49
N ARG A 915 20.39 -12.88 -31.65
CA ARG A 915 20.53 -13.86 -32.73
C ARG A 915 21.64 -14.85 -32.41
N ALA A 916 22.47 -14.56 -31.40
CA ALA A 916 23.46 -15.50 -30.94
C ALA A 916 22.79 -16.61 -30.14
N LEU A 917 21.98 -16.21 -29.15
CA LEU A 917 21.61 -17.11 -28.07
C LEU A 917 20.22 -17.72 -28.23
N PHE A 918 19.24 -16.99 -28.80
CA PHE A 918 17.84 -17.29 -28.56
C PHE A 918 16.99 -17.45 -29.82
N LEU A 919 15.94 -18.28 -29.70
CA LEU A 919 15.07 -18.64 -30.81
C LEU A 919 14.15 -17.49 -31.17
N PRO A 920 13.82 -17.30 -32.47
CA PRO A 920 13.34 -16.04 -33.02
C PRO A 920 12.20 -15.23 -32.39
N PRO A 921 11.18 -15.73 -31.64
CA PRO A 921 10.26 -14.83 -30.94
C PRO A 921 10.96 -14.06 -29.79
N ILE A 922 11.99 -14.66 -29.21
CA ILE A 922 12.74 -14.04 -28.12
C ILE A 922 13.61 -12.91 -28.68
N LYS A 923 13.61 -11.80 -27.93
CA LYS A 923 14.20 -10.56 -28.39
C LYS A 923 14.65 -9.79 -27.18
N LEU A 924 15.97 -9.59 -27.11
CA LEU A 924 16.58 -8.74 -26.10
C LEU A 924 16.68 -7.35 -26.69
N GLU A 925 16.28 -6.34 -25.92
CA GLU A 925 16.22 -4.98 -26.41
C GLU A 925 17.03 -4.09 -25.47
N CYS A 926 17.57 -2.99 -25.99
CA CYS A 926 18.27 -2.05 -25.14
C CYS A 926 17.34 -0.89 -24.82
N GLU A 927 16.77 -0.90 -23.61
CA GLU A 927 15.72 0.03 -23.25
C GLU A 927 16.29 1.43 -23.00
N LYS A 928 17.30 1.49 -22.13
CA LYS A 928 17.79 2.77 -21.65
C LYS A 928 19.25 2.64 -21.23
N THR A 929 19.90 3.78 -21.07
CA THR A 929 21.18 3.89 -20.40
C THR A 929 21.01 4.82 -19.21
N PHE A 930 21.53 4.42 -18.06
CA PHE A 930 21.65 5.32 -16.94
C PHE A 930 22.98 6.02 -17.00
N THR A 931 23.01 7.30 -16.63
CA THR A 931 24.27 8.02 -16.49
C THR A 931 24.78 7.93 -15.06
N LYS A 932 23.87 7.87 -14.11
CA LYS A 932 24.22 7.57 -12.73
C LYS A 932 23.21 6.57 -12.20
N LEU A 933 23.68 5.65 -11.38
CA LEU A 933 22.81 4.62 -10.84
C LEU A 933 23.22 4.33 -9.41
N LEU A 934 22.31 4.56 -8.45
CA LEU A 934 22.49 4.08 -7.09
C LEU A 934 21.83 2.72 -7.00
N LEU A 935 22.64 1.67 -7.08
CA LEU A 935 22.10 0.33 -7.03
C LEU A 935 22.15 -0.09 -5.59
N ILE A 936 20.99 -0.13 -4.94
CA ILE A 936 20.89 -0.18 -3.50
C ILE A 936 20.82 -1.62 -3.04
N ALA A 937 19.85 -2.36 -3.56
CA ALA A 937 19.62 -3.74 -3.17
C ALA A 937 18.86 -4.47 -4.28
N LYS A 938 18.61 -5.76 -4.12
CA LYS A 938 17.76 -6.44 -5.08
C LYS A 938 16.40 -5.75 -5.10
N LYS A 939 15.96 -5.37 -6.30
CA LYS A 939 14.68 -4.74 -6.54
C LYS A 939 14.62 -3.31 -6.01
N LYS A 940 15.76 -2.67 -5.74
CA LYS A 940 15.80 -1.31 -5.25
C LYS A 940 16.96 -0.54 -5.87
N TYR A 941 16.64 0.48 -6.68
CA TYR A 941 17.67 1.29 -7.30
C TYR A 941 17.09 2.65 -7.68
N ILE A 942 17.97 3.64 -7.76
CA ILE A 942 17.62 4.99 -8.18
C ILE A 942 18.62 5.35 -9.26
N GLY A 943 18.17 5.88 -10.38
CA GLY A 943 19.13 6.28 -11.39
C GLY A 943 18.57 7.35 -12.32
N VAL A 944 19.46 7.94 -13.13
CA VAL A 944 19.02 8.97 -14.06
C VAL A 944 19.31 8.51 -15.50
N ILE A 945 18.28 8.54 -16.34
CA ILE A 945 18.34 8.07 -17.71
C ILE A 945 19.05 9.12 -18.56
N TYR A 946 19.72 8.72 -19.65
CA TYR A 946 20.63 9.59 -20.38
C TYR A 946 19.96 10.87 -20.87
N GLY A 947 18.66 10.83 -21.17
CA GLY A 947 17.89 12.04 -21.50
C GLY A 947 17.79 13.05 -20.35
N GLY A 948 17.87 12.56 -19.10
CA GLY A 948 17.88 13.41 -17.91
C GLY A 948 16.93 12.96 -16.79
N LYS A 949 16.04 12.00 -17.07
CA LYS A 949 14.90 11.72 -16.20
C LYS A 949 15.28 10.76 -15.06
N MET A 950 14.84 11.08 -13.83
CA MET A 950 15.08 10.24 -12.68
C MET A 950 14.08 9.08 -12.67
N LEU A 951 14.60 7.86 -12.52
CA LEU A 951 13.80 6.66 -12.32
C LEU A 951 14.08 6.09 -10.93
N ILE A 952 13.01 5.92 -10.14
CA ILE A 952 13.08 5.44 -8.76
C ILE A 952 12.32 4.12 -8.71
N LYS A 953 12.95 3.09 -8.17
CA LYS A 953 12.40 1.75 -8.17
C LYS A 953 12.53 1.16 -6.77
N GLY A 954 11.42 0.70 -6.21
CA GLY A 954 11.47 -0.14 -5.02
C GLY A 954 11.65 0.62 -3.72
N VAL A 955 12.28 1.78 -3.75
CA VAL A 955 12.67 2.44 -2.51
C VAL A 955 11.50 3.18 -1.87
N ASP A 956 11.69 3.49 -0.59
CA ASP A 956 10.77 4.18 0.29
C ASP A 956 10.10 5.38 -0.38
N LEU A 957 10.82 6.17 -1.19
CA LEU A 957 10.27 7.35 -1.83
C LEU A 957 9.04 7.03 -2.68
N VAL A 958 8.95 5.83 -3.24
CA VAL A 958 7.85 5.48 -4.13
C VAL A 958 6.88 4.47 -3.50
N ARG A 959 7.05 4.13 -2.24
CA ARG A 959 6.11 3.27 -1.54
C ARG A 959 5.04 4.13 -0.91
N LYS A 960 3.79 3.60 -0.89
CA LYS A 960 2.63 4.35 -0.49
C LYS A 960 2.61 4.63 0.99
N ASN A 961 3.26 3.79 1.79
CA ASN A 961 3.02 3.73 3.21
C ASN A 961 3.54 4.96 3.93
N ASN A 962 4.70 5.50 3.51
CA ASN A 962 5.43 6.47 4.29
C ASN A 962 4.85 7.86 4.08
N CYS A 963 5.04 8.72 5.09
CA CYS A 963 4.40 10.02 5.14
C CYS A 963 5.10 11.06 4.28
N ALA A 964 4.36 12.14 4.00
CA ALA A 964 4.80 13.13 3.04
C ALA A 964 6.09 13.80 3.48
N PHE A 965 6.21 14.09 4.78
CA PHE A 965 7.40 14.74 5.31
C PHE A 965 8.67 13.96 4.99
N ILE A 966 8.65 12.66 5.29
CA ILE A 966 9.81 11.80 5.07
C ILE A 966 10.07 11.68 3.58
N ASN A 967 9.02 11.54 2.77
CA ASN A 967 9.20 11.42 1.33
C ASN A 967 9.86 12.67 0.76
N ARG A 968 9.37 13.87 1.08
CA ARG A 968 9.92 15.08 0.51
C ARG A 968 11.39 15.22 0.86
N THR A 969 11.72 14.96 2.14
CA THR A 969 13.09 15.05 2.60
C THR A 969 13.97 14.04 1.86
N SER A 970 13.48 12.82 1.69
CA SER A 970 14.19 11.77 0.98
C SER A 970 14.41 12.18 -0.46
N ARG A 971 13.39 12.73 -1.11
CA ARG A 971 13.53 13.19 -2.48
C ARG A 971 14.55 14.32 -2.58
N ALA A 972 14.63 15.21 -1.58
CA ALA A 972 15.65 16.25 -1.56
C ALA A 972 17.06 15.66 -1.50
N LEU A 973 17.29 14.68 -0.61
CA LEU A 973 18.60 14.04 -0.48
C LEU A 973 18.98 13.35 -1.79
N VAL A 974 18.01 12.73 -2.45
CA VAL A 974 18.26 12.01 -3.67
C VAL A 974 18.58 13.00 -4.79
N ASP A 975 17.82 14.09 -4.88
CA ASP A 975 18.04 15.13 -5.89
C ASP A 975 19.40 15.80 -5.67
N LEU A 976 19.90 15.90 -4.44
CA LEU A 976 21.28 16.31 -4.24
C LEU A 976 22.26 15.29 -4.82
N LEU A 977 22.13 14.01 -4.47
CA LEU A 977 23.11 13.02 -4.87
C LEU A 977 23.20 12.93 -6.39
N PHE A 978 22.10 13.20 -7.11
CA PHE A 978 22.06 12.96 -8.54
C PHE A 978 22.22 14.25 -9.36
N TYR A 979 21.69 15.36 -8.86
CA TYR A 979 21.62 16.58 -9.63
C TYR A 979 22.43 17.74 -9.03
N ASP A 980 23.25 17.48 -8.00
CA ASP A 980 24.28 18.42 -7.61
C ASP A 980 25.64 17.83 -7.94
N ASP A 981 26.47 18.61 -8.66
CA ASP A 981 27.79 18.17 -9.11
C ASP A 981 28.69 17.89 -7.91
N THR A 982 28.67 18.81 -6.95
CA THR A 982 29.52 18.78 -5.78
C THR A 982 29.29 17.52 -4.97
N VAL A 983 28.03 17.27 -4.58
CA VAL A 983 27.67 16.06 -3.83
C VAL A 983 27.92 14.81 -4.66
N SER A 984 27.62 14.80 -5.95
CA SER A 984 27.88 13.64 -6.81
C SER A 984 29.32 13.17 -6.70
N GLY A 985 30.25 14.15 -6.78
CA GLY A 985 31.68 13.85 -6.70
C GLY A 985 32.06 13.35 -5.31
N ALA A 986 31.47 13.92 -4.27
CA ALA A 986 31.79 13.51 -2.92
C ALA A 986 31.33 12.07 -2.70
N ALA A 987 30.13 11.74 -3.14
CA ALA A 987 29.60 10.38 -3.05
C ALA A 987 30.46 9.38 -3.85
N ALA A 988 30.97 9.80 -5.01
CA ALA A 988 31.88 8.96 -5.79
C ALA A 988 33.18 8.72 -5.02
N ALA A 989 33.59 9.70 -4.19
CA ALA A 989 34.87 9.69 -3.48
C ALA A 989 34.82 8.87 -2.20
N LEU A 990 33.62 8.70 -1.59
CA LEU A 990 33.48 7.77 -0.46
C LEU A 990 33.97 6.38 -0.85
N ALA A 991 33.76 5.98 -2.11
CA ALA A 991 34.01 4.61 -2.53
C ALA A 991 35.50 4.31 -2.61
N GLU A 992 36.38 5.30 -2.38
CA GLU A 992 37.82 5.11 -2.52
C GLU A 992 38.38 4.29 -1.36
N ARG A 993 37.62 4.22 -0.25
CA ARG A 993 38.10 3.67 1.01
C ARG A 993 37.11 2.66 1.56
N PRO A 994 37.58 1.68 2.37
CA PRO A 994 36.66 0.84 3.15
C PRO A 994 35.75 1.66 4.05
N ALA A 995 34.51 1.20 4.22
CA ALA A 995 33.46 1.99 4.85
C ALA A 995 33.76 2.30 6.31
N GLU A 996 34.53 1.45 6.99
CA GLU A 996 34.83 1.62 8.41
C GLU A 996 35.79 2.80 8.62
N GLU A 997 36.61 3.12 7.62
CA GLU A 997 37.56 4.20 7.72
C GLU A 997 36.84 5.55 7.80
N TRP A 998 35.63 5.63 7.23
CA TRP A 998 34.90 6.89 7.24
C TRP A 998 34.36 7.20 8.64
N LEU A 999 34.38 6.25 9.56
CA LEU A 999 34.06 6.55 10.95
C LEU A 999 35.20 7.32 11.61
N ALA A 1000 36.39 7.35 10.99
CA ALA A 1000 37.60 7.84 11.63
C ALA A 1000 38.32 8.91 10.80
N ARG A 1001 37.67 9.44 9.77
CA ARG A 1001 38.22 10.53 8.98
C ARG A 1001 37.11 11.55 8.72
N PRO A 1002 37.44 12.85 8.49
CA PRO A 1002 36.42 13.81 8.09
C PRO A 1002 35.76 13.42 6.77
N LEU A 1003 34.42 13.51 6.74
CA LEU A 1003 33.64 13.10 5.58
C LEU A 1003 33.82 14.14 4.48
N PRO A 1004 33.96 13.76 3.19
CA PRO A 1004 34.41 14.68 2.13
C PRO A 1004 33.62 15.98 2.02
N GLU A 1005 34.32 17.04 1.62
CA GLU A 1005 33.84 18.41 1.77
C GLU A 1005 32.49 18.61 1.06
N GLY A 1006 32.30 17.93 -0.07
CA GLY A 1006 31.12 18.13 -0.89
C GLY A 1006 29.83 17.63 -0.27
N LEU A 1007 29.89 16.67 0.67
CA LEU A 1007 28.68 16.10 1.24
C LEU A 1007 28.11 16.96 2.38
N GLN A 1008 28.58 18.21 2.46
CA GLN A 1008 28.07 19.16 3.43
C GLN A 1008 26.62 19.52 3.10
N ALA A 1009 26.27 19.56 1.81
CA ALA A 1009 24.94 19.99 1.39
C ALA A 1009 23.89 18.95 1.78
N PHE A 1010 24.27 17.68 1.63
CA PHE A 1010 23.46 16.53 2.01
C PHE A 1010 23.19 16.57 3.52
N GLY A 1011 24.22 16.92 4.29
CA GLY A 1011 24.06 17.22 5.70
C GLY A 1011 23.05 18.33 5.95
N ALA A 1012 23.12 19.43 5.18
CA ALA A 1012 22.27 20.59 5.39
C ALA A 1012 20.79 20.21 5.32
N VAL A 1013 20.45 19.29 4.42
CA VAL A 1013 19.07 18.87 4.24
C VAL A 1013 18.58 18.12 5.47
N LEU A 1014 19.41 17.25 6.05
CA LEU A 1014 18.98 16.50 7.22
C LEU A 1014 18.79 17.45 8.38
N VAL A 1015 19.68 18.43 8.52
CA VAL A 1015 19.61 19.39 9.61
C VAL A 1015 18.32 20.19 9.49
N ASP A 1016 17.97 20.61 8.28
CA ASP A 1016 16.76 21.38 8.05
C ASP A 1016 15.53 20.54 8.37
N ALA A 1017 15.53 19.27 8.00
CA ALA A 1017 14.42 18.37 8.26
C ALA A 1017 14.26 18.16 9.76
N HIS A 1018 15.36 17.99 10.49
CA HIS A 1018 15.30 17.86 11.94
C HIS A 1018 14.64 19.10 12.55
N ARG A 1019 15.05 20.27 12.08
CA ARG A 1019 14.55 21.54 12.58
C ARG A 1019 13.05 21.67 12.32
N ARG A 1020 12.60 21.28 11.11
CA ARG A 1020 11.19 21.41 10.72
C ARG A 1020 10.28 20.39 11.40
N ILE A 1021 10.79 19.20 11.70
CA ILE A 1021 9.96 18.15 12.26
C ILE A 1021 9.46 18.54 13.65
N THR A 1022 10.24 19.34 14.38
CA THR A 1022 9.91 19.76 15.75
C THR A 1022 9.32 21.18 15.77
N ASP A 1023 8.93 21.70 14.60
CA ASP A 1023 8.21 22.95 14.49
C ASP A 1023 6.82 22.77 15.08
N PRO A 1024 6.40 23.54 16.11
CA PRO A 1024 5.04 23.39 16.66
C PRO A 1024 3.92 23.81 15.72
N GLU A 1025 4.24 24.51 14.61
CA GLU A 1025 3.25 24.96 13.65
C GLU A 1025 3.28 24.09 12.38
N ARG A 1026 3.81 22.87 12.51
CA ARG A 1026 3.74 21.85 11.47
C ARG A 1026 2.30 21.50 11.11
N ASP A 1027 2.08 21.05 9.87
CA ASP A 1027 0.78 20.54 9.45
C ASP A 1027 0.76 19.03 9.59
N ILE A 1028 -0.21 18.50 10.35
CA ILE A 1028 -0.24 17.10 10.74
C ILE A 1028 -0.47 16.18 9.53
N GLN A 1029 -1.04 16.69 8.44
CA GLN A 1029 -1.18 15.88 7.25
C GLN A 1029 0.16 15.44 6.70
N ASP A 1030 1.24 16.16 6.99
CA ASP A 1030 2.54 15.75 6.48
C ASP A 1030 3.04 14.49 7.18
N PHE A 1031 2.40 14.10 8.27
CA PHE A 1031 2.87 13.04 9.12
C PHE A 1031 1.96 11.81 9.04
N VAL A 1032 0.98 11.83 8.14
CA VAL A 1032 0.05 10.73 8.03
C VAL A 1032 0.71 9.58 7.32
N LEU A 1033 0.81 8.43 8.02
CA LEU A 1033 1.19 7.15 7.46
C LEU A 1033 -0.05 6.42 7.03
N THR A 1034 0.08 5.38 6.19
CA THR A 1034 -1.06 4.61 5.76
C THR A 1034 -0.66 3.16 5.54
N ALA A 1035 -1.61 2.25 5.68
CA ALA A 1035 -1.42 0.87 5.30
C ALA A 1035 -2.75 0.30 4.81
N GLU A 1036 -2.72 -0.72 3.95
CA GLU A 1036 -3.92 -1.37 3.48
C GLU A 1036 -4.35 -2.48 4.42
N LEU A 1037 -5.67 -2.59 4.71
CA LEU A 1037 -6.23 -3.82 5.24
C LEU A 1037 -6.18 -4.87 4.15
N SER A 1038 -5.26 -5.82 4.25
CA SER A 1038 -5.15 -6.79 3.18
C SER A 1038 -6.30 -7.76 3.23
N ARG A 1039 -6.87 -7.93 4.42
CA ARG A 1039 -7.72 -9.06 4.72
C ARG A 1039 -8.60 -8.66 5.90
N HIS A 1040 -9.56 -9.50 6.24
CA HIS A 1040 -10.48 -9.23 7.32
C HIS A 1040 -9.68 -9.21 8.61
N PRO A 1041 -9.95 -8.29 9.56
CA PRO A 1041 -9.14 -8.22 10.77
C PRO A 1041 -8.99 -9.51 11.60
N ARG A 1042 -9.90 -10.47 11.49
CA ARG A 1042 -9.76 -11.70 12.26
C ARG A 1042 -9.06 -12.79 11.43
N ALA A 1043 -8.59 -12.45 10.23
CA ALA A 1043 -7.73 -13.31 9.44
C ALA A 1043 -6.25 -12.96 9.61
N TYR A 1044 -5.94 -12.00 10.51
CA TYR A 1044 -4.57 -11.70 10.85
C TYR A 1044 -4.09 -12.62 11.95
N THR A 1045 -2.80 -13.00 11.86
CA THR A 1045 -2.12 -13.74 12.91
C THR A 1045 -1.48 -12.77 13.90
N ASN A 1046 -0.64 -11.86 13.37
CA ASN A 1046 -0.02 -10.83 14.17
C ASN A 1046 -1.03 -9.70 14.36
N LYS A 1047 -1.76 -9.70 15.46
CA LYS A 1047 -2.82 -8.75 15.66
C LYS A 1047 -2.28 -7.35 15.99
N ARG A 1048 -1.02 -7.24 16.43
CA ARG A 1048 -0.51 -5.98 16.96
C ARG A 1048 0.13 -5.16 15.85
N LEU A 1049 -0.73 -4.47 15.06
CA LEU A 1049 -0.31 -3.64 13.94
C LEU A 1049 -0.97 -2.28 14.06
N ALA A 1050 -0.32 -1.26 13.52
CA ALA A 1050 -0.75 0.11 13.70
C ALA A 1050 -2.08 0.33 13.02
N HIS A 1051 -2.27 -0.21 11.81
CA HIS A 1051 -3.52 -0.01 11.12
C HIS A 1051 -4.68 -0.78 11.69
N LEU A 1052 -4.44 -1.97 12.27
CA LEU A 1052 -5.48 -2.69 12.99
C LEU A 1052 -5.77 -1.97 14.30
N THR A 1053 -4.78 -1.32 14.90
CA THR A 1053 -5.03 -0.58 16.11
C THR A 1053 -6.00 0.53 15.81
N VAL A 1054 -5.74 1.24 14.71
CA VAL A 1054 -6.63 2.35 14.33
C VAL A 1054 -7.96 1.81 13.85
N TYR A 1055 -7.97 0.65 13.21
CA TYR A 1055 -9.20 0.04 12.78
C TYR A 1055 -10.13 -0.20 13.95
N TYR A 1056 -9.65 -0.78 15.03
CA TYR A 1056 -10.52 -1.05 16.16
C TYR A 1056 -10.87 0.22 16.91
N LYS A 1057 -10.00 1.25 16.88
CA LYS A 1057 -10.32 2.53 17.51
C LYS A 1057 -11.43 3.19 16.75
N LEU A 1058 -11.41 3.11 15.43
CA LEU A 1058 -12.47 3.73 14.65
C LEU A 1058 -13.76 3.03 14.97
N MET A 1059 -13.77 1.72 15.01
CA MET A 1059 -14.97 0.97 15.29
C MET A 1059 -15.49 1.27 16.69
N ALA A 1060 -14.62 1.37 17.70
CA ALA A 1060 -15.04 1.77 19.03
C ALA A 1060 -15.76 3.12 19.03
N ARG A 1061 -15.26 4.06 18.22
CA ARG A 1061 -15.76 5.42 18.17
C ARG A 1061 -16.95 5.49 17.24
N ARG A 1062 -17.40 4.37 16.72
CA ARG A 1062 -18.45 4.33 15.70
C ARG A 1062 -18.14 5.31 14.55
N ALA A 1063 -16.88 5.38 14.17
CA ALA A 1063 -16.48 6.18 13.05
C ALA A 1063 -16.77 5.30 11.88
N GLN A 1064 -16.55 5.82 10.67
CA GLN A 1064 -16.67 5.04 9.49
C GLN A 1064 -15.58 3.97 9.53
N VAL A 1065 -15.99 2.71 9.58
CA VAL A 1065 -15.03 1.62 9.62
C VAL A 1065 -14.51 1.38 8.20
N PRO A 1066 -13.19 1.26 8.00
CA PRO A 1066 -12.63 0.97 6.68
C PRO A 1066 -13.03 -0.38 6.12
N SER A 1067 -13.12 -0.43 4.79
CA SER A 1067 -13.40 -1.68 4.12
C SER A 1067 -12.10 -2.43 3.96
N ILE A 1068 -12.19 -3.75 3.81
CA ILE A 1068 -11.02 -4.52 3.43
C ILE A 1068 -10.54 -3.91 2.12
N LYS A 1069 -9.23 -3.82 1.96
CA LYS A 1069 -8.54 -3.28 0.80
C LYS A 1069 -8.44 -1.76 0.85
N ASP A 1070 -9.05 -1.09 1.82
CA ASP A 1070 -8.86 0.34 1.95
C ASP A 1070 -7.54 0.61 2.64
N ARG A 1071 -6.98 1.79 2.37
CA ARG A 1071 -5.81 2.29 3.07
C ARG A 1071 -6.25 3.06 4.31
N ILE A 1072 -5.76 2.64 5.46
CA ILE A 1072 -6.15 3.22 6.72
C ILE A 1072 -5.07 4.24 7.06
N PRO A 1073 -5.40 5.55 7.16
CA PRO A 1073 -4.43 6.54 7.59
C PRO A 1073 -4.26 6.56 9.09
N TYR A 1074 -3.04 6.82 9.54
CA TYR A 1074 -2.76 6.99 10.94
C TYR A 1074 -1.58 7.91 11.16
N VAL A 1075 -1.49 8.46 12.37
CA VAL A 1075 -0.34 9.18 12.84
C VAL A 1075 0.13 8.48 14.10
N ILE A 1076 1.39 8.71 14.45
CA ILE A 1076 1.95 8.14 15.64
C ILE A 1076 2.13 9.23 16.66
N VAL A 1077 1.50 9.05 17.83
CA VAL A 1077 1.29 10.12 18.77
C VAL A 1077 2.34 10.04 19.88
N ALA A 1078 2.57 11.19 20.52
CA ALA A 1078 3.50 11.26 21.62
C ALA A 1078 3.02 10.34 22.74
N GLN A 1079 3.97 9.61 23.32
CA GLN A 1079 3.71 8.76 24.46
C GLN A 1079 3.60 9.61 25.73
N THR A 1080 2.43 10.25 25.91
CA THR A 1080 2.13 10.92 27.18
C THR A 1080 1.70 9.87 28.19
N ARG A 1081 1.75 10.23 29.48
CA ARG A 1081 1.32 9.35 30.54
C ARG A 1081 -0.17 9.01 30.39
N GLU A 1082 -0.95 9.95 29.83
CA GLU A 1082 -2.37 9.75 29.61
C GLU A 1082 -2.59 8.61 28.60
N VAL A 1083 -1.75 8.56 27.54
CA VAL A 1083 -1.82 7.51 26.54
C VAL A 1083 -1.39 6.17 27.14
N GLU A 1084 -0.29 6.17 27.89
CA GLU A 1084 0.21 4.95 28.49
C GLU A 1084 -0.89 4.35 29.36
N GLU A 1085 -1.78 5.23 29.85
CA GLU A 1085 -2.93 4.82 30.66
C GLU A 1085 -3.94 4.07 29.80
N THR A 1086 -4.47 4.74 28.77
CA THR A 1086 -5.53 4.19 27.95
C THR A 1086 -5.20 2.75 27.52
N VAL A 1087 -3.91 2.44 27.34
CA VAL A 1087 -3.49 1.13 26.85
C VAL A 1087 -3.70 0.07 27.93
N ALA A 1088 -3.06 0.24 29.09
CA ALA A 1088 -3.33 -0.65 30.22
C ALA A 1088 -4.79 -0.51 30.62
N ARG A 1089 -5.44 0.59 30.21
CA ARG A 1089 -6.87 0.75 30.36
C ARG A 1089 -7.60 0.06 29.21
N LEU A 1090 -6.89 -0.83 28.48
CA LEU A 1090 -7.51 -1.66 27.46
C LEU A 1090 -7.53 -3.12 27.89
N ALA A 1091 -6.93 -3.41 29.05
CA ALA A 1091 -6.85 -4.78 29.55
C ALA A 1091 -8.11 -5.11 30.37
N ARG A 1135 6.05 2.63 30.18
CA ARG A 1135 7.30 2.16 29.51
C ARG A 1135 7.21 2.48 28.03
N LYS A 1136 8.25 2.14 27.25
CA LYS A 1136 8.22 2.34 25.81
C LYS A 1136 7.13 1.45 25.21
N LEU A 1137 6.21 2.06 24.44
CA LEU A 1137 5.10 1.35 23.83
C LEU A 1137 5.39 1.15 22.35
N LEU A 1138 4.76 0.15 21.72
CA LEU A 1138 5.06 -0.16 20.33
C LEU A 1138 4.43 0.91 19.44
N VAL A 1139 4.86 0.99 18.17
CA VAL A 1139 4.25 1.88 17.20
C VAL A 1139 2.74 1.67 17.19
N SER A 1140 2.32 0.40 17.19
CA SER A 1140 0.93 0.03 17.10
C SER A 1140 0.14 0.72 18.18
N GLU A 1141 0.67 0.77 19.41
CA GLU A 1141 -0.04 1.35 20.54
C GLU A 1141 -0.14 2.87 20.42
N LEU A 1142 0.84 3.50 19.77
CA LEU A 1142 0.91 4.95 19.67
C LEU A 1142 0.30 5.43 18.36
N ALA A 1143 -0.45 4.55 17.68
CA ALA A 1143 -1.08 4.89 16.41
C ALA A 1143 -2.46 5.46 16.67
N GLU A 1144 -2.90 6.34 15.78
CA GLU A 1144 -4.14 7.07 16.00
C GLU A 1144 -4.67 7.58 14.68
N ASP A 1145 -6.00 7.69 14.60
CA ASP A 1145 -6.69 8.27 13.46
C ASP A 1145 -6.31 9.74 13.33
N PRO A 1146 -5.86 10.25 12.16
CA PRO A 1146 -5.45 11.64 12.05
C PRO A 1146 -6.56 12.66 12.30
N ALA A 1147 -7.82 12.31 11.97
CA ALA A 1147 -8.93 13.21 12.23
C ALA A 1147 -9.10 13.43 13.72
N TYR A 1148 -9.00 12.33 14.49
CA TYR A 1148 -9.07 12.38 15.94
C TYR A 1148 -7.88 13.16 16.48
N ALA A 1149 -6.70 12.92 15.92
CA ALA A 1149 -5.47 13.55 16.40
C ALA A 1149 -5.53 15.06 16.22
N ILE A 1150 -6.11 15.51 15.10
CA ILE A 1150 -6.32 16.92 14.86
C ILE A 1150 -7.29 17.46 15.91
N ALA A 1151 -8.46 16.83 16.02
CA ALA A 1151 -9.56 17.37 16.79
C ALA A 1151 -9.20 17.53 18.26
N HIS A 1152 -8.58 16.49 18.86
CA HIS A 1152 -8.29 16.48 20.28
C HIS A 1152 -6.90 17.06 20.59
N GLY A 1153 -6.23 17.62 19.57
CA GLY A 1153 -4.95 18.28 19.77
C GLY A 1153 -3.88 17.33 20.32
N VAL A 1154 -3.85 16.10 19.79
CA VAL A 1154 -2.87 15.11 20.20
C VAL A 1154 -1.54 15.40 19.49
N ALA A 1155 -0.44 15.42 20.25
CA ALA A 1155 0.88 15.73 19.71
C ALA A 1155 1.50 14.52 19.00
N LEU A 1156 2.28 14.79 17.95
CA LEU A 1156 2.94 13.75 17.17
C LEU A 1156 4.19 13.28 17.90
N ASN A 1157 4.60 12.06 17.60
CA ASN A 1157 5.77 11.43 18.21
C ASN A 1157 7.00 11.79 17.40
N THR A 1158 7.70 12.88 17.76
CA THR A 1158 8.82 13.33 16.94
C THR A 1158 9.97 12.33 16.95
N ASP A 1159 10.18 11.61 18.06
CA ASP A 1159 11.21 10.59 18.07
C ASP A 1159 10.94 9.55 16.98
N TYR A 1160 9.67 9.14 16.80
CA TYR A 1160 9.32 8.18 15.76
C TYR A 1160 9.65 8.76 14.39
N TYR A 1161 9.09 9.92 14.06
CA TYR A 1161 9.15 10.42 12.71
C TYR A 1161 10.56 10.79 12.34
N PHE A 1162 11.34 11.29 13.28
CA PHE A 1162 12.71 11.62 12.96
C PHE A 1162 13.55 10.34 12.84
N SER A 1163 13.36 9.36 13.72
CA SER A 1163 14.03 8.08 13.55
C SER A 1163 13.75 7.47 12.19
N HIS A 1164 12.52 7.67 11.70
CA HIS A 1164 12.00 7.01 10.53
C HIS A 1164 12.56 7.70 9.28
N LEU A 1165 12.81 9.02 9.41
CA LEU A 1165 13.49 9.79 8.40
C LEU A 1165 14.92 9.30 8.25
N LEU A 1166 15.67 9.33 9.37
CA LEU A 1166 17.02 8.84 9.36
C LEU A 1166 17.08 7.39 8.89
N GLY A 1167 16.04 6.60 9.18
CA GLY A 1167 15.95 5.24 8.68
C GLY A 1167 15.84 5.18 7.17
N ALA A 1168 14.91 5.94 6.59
CA ALA A 1168 14.71 5.98 5.15
C ALA A 1168 15.98 6.42 4.44
N ALA A 1169 16.62 7.46 4.99
CA ALA A 1169 17.91 7.93 4.50
C ALA A 1169 18.92 6.81 4.57
N CYS A 1170 19.09 6.23 5.77
CA CYS A 1170 20.06 5.18 6.00
C CYS A 1170 19.89 4.02 5.01
N VAL A 1171 18.68 3.49 4.86
CA VAL A 1171 18.37 2.40 3.94
C VAL A 1171 18.78 2.76 2.51
N THR A 1172 18.51 3.97 2.07
CA THR A 1172 18.78 4.37 0.69
C THR A 1172 20.29 4.53 0.46
N PHE A 1173 21.02 5.14 1.40
CA PHE A 1173 22.40 5.53 1.18
C PHE A 1173 23.39 4.58 1.86
N LYS A 1174 22.94 3.45 2.40
CA LYS A 1174 23.83 2.34 2.71
C LYS A 1174 24.82 2.13 1.59
N ALA A 1175 24.35 2.17 0.34
CA ALA A 1175 25.16 1.74 -0.80
C ALA A 1175 26.34 2.68 -1.06
N LEU A 1176 26.32 3.90 -0.50
CA LEU A 1176 27.48 4.77 -0.56
C LEU A 1176 28.60 4.26 0.35
N PHE A 1177 28.23 3.55 1.43
CA PHE A 1177 29.15 3.14 2.48
C PHE A 1177 29.18 1.61 2.58
N GLY A 1178 29.63 0.96 1.52
CA GLY A 1178 29.88 -0.46 1.56
C GLY A 1178 28.63 -1.27 1.90
N ASN A 1179 27.45 -0.69 1.65
CA ASN A 1179 26.16 -1.35 1.84
C ASN A 1179 25.94 -1.72 3.31
N ASN A 1180 26.49 -0.90 4.22
CA ASN A 1180 26.52 -1.17 5.64
C ASN A 1180 25.60 -0.20 6.38
N ALA A 1181 24.57 -0.73 7.05
CA ALA A 1181 23.54 0.08 7.64
C ALA A 1181 24.03 0.74 8.94
N LYS A 1182 24.85 0.03 9.73
CA LYS A 1182 25.33 0.56 11.00
C LYS A 1182 26.29 1.72 10.79
N ILE A 1183 27.18 1.60 9.79
CA ILE A 1183 28.10 2.67 9.48
C ILE A 1183 27.32 3.86 8.94
N THR A 1184 26.39 3.63 8.00
CA THR A 1184 25.59 4.70 7.43
C THR A 1184 24.76 5.41 8.49
N GLU A 1185 24.10 4.67 9.38
CA GLU A 1185 23.31 5.29 10.43
C GLU A 1185 24.19 6.20 11.28
N SER A 1186 25.42 5.75 11.59
CA SER A 1186 26.38 6.52 12.36
C SER A 1186 26.74 7.81 11.62
N LEU A 1187 27.17 7.67 10.37
CA LEU A 1187 27.67 8.80 9.59
C LEU A 1187 26.58 9.83 9.29
N LEU A 1188 25.34 9.38 9.06
CA LEU A 1188 24.23 10.30 8.83
C LEU A 1188 23.89 11.01 10.15
N LYS A 1189 23.95 10.30 11.27
CA LYS A 1189 23.54 10.87 12.54
C LYS A 1189 24.55 11.93 12.98
N ARG A 1190 25.80 11.85 12.49
CA ARG A 1190 26.83 12.83 12.81
C ARG A 1190 26.52 14.19 12.18
N PHE A 1191 25.54 14.31 11.28
CA PHE A 1191 25.21 15.60 10.67
C PHE A 1191 24.33 16.46 11.56
N ILE A 1192 23.62 15.85 12.50
CA ILE A 1192 22.60 16.57 13.26
C ILE A 1192 23.28 17.38 14.35
N PRO A 1193 22.84 18.64 14.61
CA PRO A 1193 23.33 19.40 15.76
C PRO A 1193 22.79 18.81 17.06
N GLU A 1194 23.68 18.16 17.82
CA GLU A 1194 23.35 17.61 19.12
C GLU A 1194 23.35 18.71 20.17
N VAL A 1195 22.44 18.59 21.13
CA VAL A 1195 22.30 19.57 22.21
C VAL A 1195 22.21 18.82 23.52
N TRP A 1196 22.96 19.31 24.52
CA TRP A 1196 22.86 18.78 25.88
C TRP A 1196 22.62 19.92 26.85
N HIS A 1197 21.58 19.78 27.69
CA HIS A 1197 21.40 20.60 28.86
C HIS A 1197 20.55 19.82 29.86
N PRO A 1198 20.75 20.03 31.19
CA PRO A 1198 20.03 19.24 32.19
C PRO A 1198 18.55 19.59 32.24
N PRO A 1199 17.70 18.72 32.85
CA PRO A 1199 16.29 19.04 33.06
C PRO A 1199 16.10 20.36 33.81
N ASP A 1200 15.01 21.07 33.48
CA ASP A 1200 14.80 22.44 33.91
C ASP A 1200 14.70 22.54 35.44
N ASP A 1201 14.09 21.53 36.07
CA ASP A 1201 13.98 21.49 37.53
C ASP A 1201 15.37 21.43 38.17
N VAL A 1202 16.23 20.56 37.62
CA VAL A 1202 17.58 20.37 38.14
C VAL A 1202 18.39 21.65 37.91
N ALA A 1203 18.28 22.22 36.71
CA ALA A 1203 18.96 23.46 36.37
C ALA A 1203 18.59 24.55 37.37
N ALA A 1204 17.29 24.68 37.68
CA ALA A 1204 16.80 25.68 38.60
C ALA A 1204 17.39 25.45 39.99
N ARG A 1205 17.31 24.21 40.48
CA ARG A 1205 17.79 23.87 41.81
C ARG A 1205 19.28 24.19 41.91
N LEU A 1206 20.06 23.80 40.90
CA LEU A 1206 21.50 24.08 40.88
C LEU A 1206 21.77 25.57 40.91
N ARG A 1207 20.99 26.37 40.16
CA ARG A 1207 21.13 27.81 40.17
C ARG A 1207 20.93 28.36 41.59
N THR A 1208 19.95 27.84 42.34
CA THR A 1208 19.71 28.32 43.70
C THR A 1208 20.85 27.94 44.64
N ALA A 1209 21.74 27.03 44.21
CA ALA A 1209 22.88 26.59 44.99
C ALA A 1209 24.18 27.20 44.45
N GLY A 1210 24.08 28.27 43.66
CA GLY A 1210 25.22 29.11 43.34
C GLY A 1210 26.14 28.55 42.25
N PHE A 1211 25.69 27.50 41.55
CA PHE A 1211 26.46 27.00 40.41
C PHE A 1211 26.49 28.05 39.31
N GLY A 1212 27.66 28.20 38.68
CA GLY A 1212 27.83 29.08 37.53
C GLY A 1212 27.69 28.33 36.22
N ALA A 1213 27.54 29.08 35.12
CA ALA A 1213 27.23 28.50 33.81
C ALA A 1213 28.47 28.44 32.92
N VAL A 1214 28.42 27.46 32.00
CA VAL A 1214 29.36 27.30 30.90
C VAL A 1214 28.51 27.04 29.65
N GLY A 1215 28.93 27.59 28.50
CA GLY A 1215 28.27 27.35 27.22
C GLY A 1215 27.38 28.53 26.80
N ALA A 1216 26.17 28.21 26.31
CA ALA A 1216 25.20 29.22 25.91
C ALA A 1216 24.64 29.94 27.13
N GLY A 1217 23.96 31.07 26.88
CA GLY A 1217 23.43 31.91 27.94
C GLY A 1217 24.48 32.85 28.54
N ALA A 1218 25.71 32.79 28.00
CA ALA A 1218 26.84 33.54 28.52
C ALA A 1218 27.80 33.88 27.39
N THR A 1219 28.59 34.95 27.58
CA THR A 1219 29.67 35.28 26.68
C THR A 1219 30.79 34.27 26.87
N ALA A 1220 31.57 33.99 25.82
CA ALA A 1220 32.55 32.92 25.87
C ALA A 1220 33.55 33.13 27.00
N GLU A 1221 33.92 34.41 27.25
CA GLU A 1221 34.89 34.74 28.29
C GLU A 1221 34.34 34.39 29.68
N GLU A 1222 33.02 34.55 29.91
CA GLU A 1222 32.40 34.12 31.15
C GLU A 1222 32.52 32.59 31.30
N THR A 1223 32.43 31.85 30.19
CA THR A 1223 32.56 30.40 30.24
C THR A 1223 33.99 30.01 30.58
N ARG A 1224 34.97 30.74 30.04
CA ARG A 1224 36.38 30.52 30.38
C ARG A 1224 36.59 30.79 31.87
N ARG A 1225 36.15 31.98 32.32
CA ARG A 1225 36.25 32.36 33.73
C ARG A 1225 35.69 31.23 34.60
N MET A 1226 34.52 30.70 34.26
CA MET A 1226 33.81 29.81 35.17
C MET A 1226 34.60 28.50 35.31
N LEU A 1227 35.16 27.97 34.21
CA LEU A 1227 36.03 26.80 34.26
C LEU A 1227 37.17 27.00 35.25
N HIS A 1228 37.79 28.18 35.26
CA HIS A 1228 38.97 28.42 36.09
C HIS A 1228 38.60 28.43 37.58
N ARG A 1229 37.33 28.68 37.88
CA ARG A 1229 36.80 28.51 39.23
C ARG A 1229 36.48 27.04 39.49
N ALA A 1230 35.92 26.37 38.47
CA ALA A 1230 35.43 25.00 38.59
C ALA A 1230 36.55 24.03 38.92
N PHE A 1231 37.62 24.01 38.11
CA PHE A 1231 38.69 23.05 38.28
C PHE A 1231 39.26 23.14 39.70
N ASP A 1232 39.41 24.37 40.23
CA ASP A 1232 40.04 24.58 41.52
C ASP A 1232 39.10 24.31 42.68
N THR A 1233 37.77 24.29 42.43
CA THR A 1233 36.80 23.92 43.46
C THR A 1233 36.50 22.42 43.41
N LEU A 1234 36.63 21.80 42.22
CA LEU A 1234 36.56 20.37 42.07
C LEU A 1234 37.73 19.70 42.78
N ALA A 1235 38.92 20.31 42.68
CA ALA A 1235 40.10 19.89 43.43
C ALA A 1235 39.78 19.87 44.94
N GLY B 28 51.37 20.78 11.62
CA GLY B 28 50.91 20.52 13.00
C GLY B 28 49.45 20.91 13.21
N ALA B 29 48.73 20.11 14.00
CA ALA B 29 47.32 20.36 14.29
C ALA B 29 47.16 21.64 15.11
N PRO B 30 46.06 22.40 14.95
CA PRO B 30 45.90 23.67 15.67
C PRO B 30 45.80 23.48 17.18
N CYS B 31 45.27 22.33 17.63
CA CYS B 31 45.27 21.98 19.04
C CYS B 31 45.69 20.52 19.21
N GLN B 32 46.52 20.28 20.25
CA GLN B 32 47.28 19.06 20.46
C GLN B 32 47.20 18.66 21.94
N VAL B 33 47.00 17.37 22.22
CA VAL B 33 47.08 16.82 23.57
C VAL B 33 47.74 15.44 23.51
N VAL B 34 48.69 15.15 24.40
CA VAL B 34 49.39 13.87 24.37
C VAL B 34 49.48 13.28 25.77
N LEU B 35 49.20 11.99 25.89
CA LEU B 35 49.57 11.18 27.03
C LEU B 35 50.47 10.04 26.58
N GLN B 36 51.59 9.85 27.25
CA GLN B 36 52.54 8.81 26.87
C GLN B 36 53.39 8.44 28.08
N GLY B 37 53.97 7.22 28.08
CA GLY B 37 54.85 6.78 29.16
C GLY B 37 54.19 6.92 30.52
N ALA B 38 54.96 7.39 31.52
CA ALA B 38 54.48 7.52 32.89
C ALA B 38 53.27 8.43 32.97
N GLU B 39 53.25 9.52 32.18
CA GLU B 39 52.09 10.41 32.15
C GLU B 39 50.85 9.61 31.77
N LEU B 40 50.95 8.76 30.75
CA LEU B 40 49.84 7.88 30.39
C LEU B 40 49.71 6.80 31.47
N ASN B 41 50.82 6.46 32.13
CA ASN B 41 50.76 5.53 33.26
C ASN B 41 50.01 6.21 34.41
N GLY B 42 50.23 7.52 34.59
CA GLY B 42 49.51 8.31 35.58
C GLY B 42 48.02 8.32 35.30
N ILE B 43 47.62 8.90 34.15
CA ILE B 43 46.20 9.01 33.84
C ILE B 43 45.52 7.65 33.98
N LEU B 44 46.20 6.57 33.57
CA LEU B 44 45.63 5.24 33.73
C LEU B 44 45.53 4.88 35.22
N GLN B 45 46.57 5.19 36.00
CA GLN B 45 46.58 4.96 37.44
C GLN B 45 45.41 5.69 38.09
N ALA B 46 45.13 6.90 37.58
CA ALA B 46 44.01 7.72 38.05
C ALA B 46 42.68 7.11 37.66
N PHE B 47 42.55 6.59 36.43
CA PHE B 47 41.27 6.11 35.93
C PHE B 47 40.90 4.71 36.41
N ALA B 48 41.89 3.88 36.78
CA ALA B 48 41.66 2.47 37.07
C ALA B 48 40.48 2.28 38.03
N PRO B 49 40.37 3.01 39.17
CA PRO B 49 39.23 2.85 40.08
C PRO B 49 37.88 3.38 39.62
N LEU B 50 37.82 4.13 38.50
CA LEU B 50 36.58 4.74 38.04
C LEU B 50 35.54 3.67 37.70
N ARG B 51 35.98 2.53 37.15
CA ARG B 51 35.13 1.37 36.89
C ARG B 51 33.94 1.71 35.98
N THR B 52 34.19 2.19 34.76
CA THR B 52 33.16 2.33 33.73
C THR B 52 31.95 3.13 34.19
N SER B 53 32.08 3.94 35.25
CA SER B 53 30.98 4.76 35.69
C SER B 53 30.87 6.03 34.85
N LEU B 54 32.03 6.63 34.53
CA LEU B 54 32.09 7.94 33.89
C LEU B 54 31.99 7.86 32.36
N LEU B 55 31.89 6.66 31.79
CA LEU B 55 32.10 6.47 30.36
C LEU B 55 31.06 7.23 29.56
N ASP B 56 29.81 7.25 30.03
CA ASP B 56 28.82 8.21 29.56
C ASP B 56 29.06 9.53 30.30
N SER B 57 29.34 10.60 29.55
CA SER B 57 29.64 11.89 30.16
C SER B 57 29.67 13.00 29.13
N LEU B 58 29.55 14.24 29.64
CA LEU B 58 29.99 15.43 28.95
C LEU B 58 31.50 15.58 29.18
N LEU B 59 32.26 15.89 28.12
CA LEU B 59 33.68 16.21 28.22
C LEU B 59 33.88 17.65 27.75
N VAL B 60 34.51 18.52 28.54
CA VAL B 60 34.70 19.91 28.14
C VAL B 60 36.15 20.29 28.29
N MET B 61 36.61 21.16 27.38
CA MET B 61 38.03 21.33 27.14
C MET B 61 38.35 22.82 27.08
N GLY B 62 39.49 23.19 27.65
CA GLY B 62 40.01 24.54 27.60
C GLY B 62 41.52 24.54 27.84
N ASP B 63 42.06 25.72 28.14
CA ASP B 63 43.48 25.92 28.42
C ASP B 63 43.88 25.31 29.76
N ARG B 64 42.94 25.21 30.71
CA ARG B 64 43.20 24.69 32.05
C ARG B 64 43.27 23.17 32.04
N GLY B 65 42.67 22.50 31.03
CA GLY B 65 42.70 21.06 30.91
C GLY B 65 41.38 20.47 30.40
N ILE B 66 41.12 19.22 30.81
CA ILE B 66 39.94 18.44 30.40
C ILE B 66 39.04 18.29 31.63
N LEU B 67 37.73 18.41 31.46
CA LEU B 67 36.82 18.16 32.55
C LEU B 67 35.74 17.21 32.08
N ILE B 68 35.51 16.15 32.89
CA ILE B 68 34.49 15.15 32.65
C ILE B 68 33.35 15.41 33.63
N HIS B 69 32.10 15.30 33.15
CA HIS B 69 30.92 15.55 33.95
C HIS B 69 29.85 14.52 33.62
N ASN B 70 29.18 14.03 34.66
CA ASN B 70 28.06 13.11 34.50
C ASN B 70 27.14 13.16 35.73
N THR B 71 25.88 12.73 35.57
CA THR B 71 24.99 12.54 36.70
C THR B 71 24.83 11.05 36.99
N ILE B 72 24.99 10.68 38.26
CA ILE B 72 24.72 9.33 38.72
C ILE B 72 23.67 9.42 39.81
N PHE B 73 22.55 8.69 39.60
CA PHE B 73 21.36 8.72 40.43
C PHE B 73 20.92 10.15 40.72
N GLY B 74 20.99 11.01 39.69
CA GLY B 74 20.49 12.37 39.77
C GLY B 74 21.52 13.37 40.28
N GLU B 75 22.51 12.90 41.06
CA GLU B 75 23.47 13.78 41.69
C GLU B 75 24.67 13.99 40.77
N GLN B 76 25.36 15.12 40.97
CA GLN B 76 26.37 15.59 40.05
C GLN B 76 27.71 14.90 40.32
N VAL B 77 28.45 14.58 39.25
CA VAL B 77 29.74 13.89 39.34
C VAL B 77 30.69 14.53 38.32
N PHE B 78 31.98 14.65 38.71
CA PHE B 78 32.97 15.32 37.88
C PHE B 78 34.33 14.66 38.04
N LEU B 79 35.14 14.72 36.98
CA LEU B 79 36.57 14.45 37.09
C LEU B 79 37.33 15.55 36.34
N PRO B 80 37.95 16.50 37.05
CA PRO B 80 38.84 17.45 36.41
C PRO B 80 40.18 16.79 36.15
N LEU B 81 40.82 17.23 35.05
CA LEU B 81 42.16 16.80 34.68
C LEU B 81 42.91 18.04 34.21
N GLU B 82 43.73 18.63 35.09
CA GLU B 82 44.42 19.87 34.77
C GLU B 82 45.49 19.58 33.71
N HIS B 83 45.80 20.61 32.91
CA HIS B 83 46.81 20.55 31.87
C HIS B 83 48.14 19.98 32.38
N SER B 84 48.39 20.09 33.70
CA SER B 84 49.59 19.57 34.34
C SER B 84 49.76 18.05 34.17
N GLN B 85 48.66 17.32 33.93
CA GLN B 85 48.72 15.87 33.82
C GLN B 85 49.03 15.39 32.40
N PHE B 86 49.23 16.32 31.45
CA PHE B 86 49.39 15.97 30.04
C PHE B 86 50.81 16.25 29.55
N SER B 87 51.37 15.30 28.79
CA SER B 87 52.77 15.32 28.36
C SER B 87 53.06 16.50 27.44
N ARG B 88 52.04 16.90 26.68
CA ARG B 88 52.07 18.14 25.93
C ARG B 88 50.63 18.56 25.70
N TYR B 89 50.41 19.86 25.53
CA TYR B 89 49.08 20.42 25.52
C TYR B 89 49.05 21.68 24.66
N ARG B 90 47.83 22.20 24.43
CA ARG B 90 47.58 23.46 23.74
C ARG B 90 46.12 23.84 24.01
N TRP B 91 45.74 25.09 23.76
CA TRP B 91 44.32 25.41 23.73
C TRP B 91 44.05 26.72 22.99
N ARG B 92 43.81 26.61 21.69
CA ARG B 92 43.42 27.75 20.86
C ARG B 92 41.95 27.61 20.50
N GLY B 93 41.14 28.61 20.87
CA GLY B 93 39.71 28.63 20.56
C GLY B 93 38.90 28.73 21.85
N PRO B 94 37.56 28.89 21.78
CA PRO B 94 36.75 29.02 22.99
C PRO B 94 36.76 27.68 23.72
N THR B 95 36.10 27.60 24.88
CA THR B 95 35.86 26.29 25.47
C THR B 95 35.21 25.41 24.42
N ALA B 96 35.49 24.10 24.45
CA ALA B 96 34.85 23.13 23.58
C ALA B 96 34.14 22.09 24.43
N ALA B 97 33.11 21.45 23.88
CA ALA B 97 32.32 20.51 24.66
C ALA B 97 31.87 19.35 23.77
N PHE B 98 32.01 18.14 24.31
CA PHE B 98 31.72 16.90 23.60
C PHE B 98 30.86 16.01 24.49
N LEU B 99 30.21 15.01 23.89
CA LEU B 99 29.72 13.88 24.66
C LEU B 99 30.66 12.70 24.45
N SER B 100 30.96 11.98 25.54
CA SER B 100 31.96 10.93 25.54
C SER B 100 31.57 9.81 24.57
N LEU B 101 30.29 9.47 24.52
CA LEU B 101 29.81 8.35 23.72
C LEU B 101 29.91 8.68 22.24
N VAL B 102 30.69 7.87 21.51
CA VAL B 102 30.84 8.00 20.07
C VAL B 102 29.85 7.04 19.40
N ASP B 103 28.94 7.60 18.59
CA ASP B 103 27.93 6.86 17.87
C ASP B 103 27.15 5.91 18.81
N GLN B 104 26.96 6.37 20.06
CA GLN B 104 26.16 5.71 21.09
C GLN B 104 26.69 4.31 21.46
N LYS B 105 27.95 3.99 21.13
CA LYS B 105 28.50 2.66 21.37
C LYS B 105 29.88 2.74 22.02
N ARG B 106 30.89 3.16 21.25
CA ARG B 106 32.24 3.34 21.79
C ARG B 106 32.26 4.65 22.58
N SER B 107 33.40 4.99 23.19
CA SER B 107 33.49 6.25 23.90
C SER B 107 34.92 6.78 23.95
N LEU B 108 35.02 8.10 24.09
CA LEU B 108 36.29 8.79 24.17
C LEU B 108 37.05 8.43 25.46
N LEU B 109 36.37 7.83 26.46
CA LEU B 109 37.00 7.40 27.70
C LEU B 109 37.28 5.89 27.74
N SER B 110 36.81 5.15 26.72
CA SER B 110 36.97 3.71 26.71
C SER B 110 38.45 3.34 26.84
N VAL B 111 39.33 4.18 26.28
CA VAL B 111 40.77 3.93 26.27
C VAL B 111 41.30 3.71 27.68
N PHE B 112 40.70 4.37 28.69
CA PHE B 112 41.27 4.38 30.03
C PHE B 112 40.70 3.30 30.94
N ARG B 113 39.74 2.52 30.44
CA ARG B 113 39.29 1.31 31.12
C ARG B 113 40.40 0.27 30.99
N ALA B 114 41.34 0.29 31.95
CA ALA B 114 42.74 -0.09 31.73
C ALA B 114 42.91 -1.55 31.28
N ASN B 115 41.96 -2.43 31.62
CA ASN B 115 42.08 -3.84 31.27
C ASN B 115 41.67 -4.09 29.81
N GLN B 116 40.96 -3.12 29.20
CA GLN B 116 40.51 -3.18 27.81
C GLN B 116 41.67 -2.93 26.86
N TYR B 117 42.67 -2.16 27.31
CA TYR B 117 43.94 -2.00 26.60
C TYR B 117 45.11 -2.03 27.58
N PRO B 118 45.63 -3.24 27.95
CA PRO B 118 46.87 -3.33 28.72
C PRO B 118 48.12 -2.85 27.98
N ASP B 119 47.99 -2.62 26.66
CA ASP B 119 49.09 -2.60 25.71
C ASP B 119 49.57 -1.19 25.37
N LEU B 120 48.93 -0.15 25.94
CA LEU B 120 49.05 1.23 25.49
C LEU B 120 50.47 1.78 25.65
N ARG B 121 50.83 2.72 24.76
CA ARG B 121 52.10 3.43 24.86
C ARG B 121 51.93 4.94 24.62
N ARG B 122 51.01 5.33 23.72
CA ARG B 122 50.63 6.73 23.56
C ARG B 122 49.15 6.83 23.23
N VAL B 123 48.54 7.95 23.67
CA VAL B 123 47.25 8.38 23.15
C VAL B 123 47.30 9.88 22.91
N GLU B 124 46.67 10.30 21.82
CA GLU B 124 46.66 11.70 21.42
C GLU B 124 45.21 12.14 21.26
N LEU B 125 44.93 13.39 21.62
CA LEU B 125 43.76 14.11 21.13
C LEU B 125 44.25 15.23 20.23
N ALA B 126 43.50 15.50 19.17
CA ALA B 126 43.69 16.68 18.35
C ALA B 126 42.31 17.25 18.01
N ILE B 127 42.23 18.57 17.80
CA ILE B 127 40.99 19.18 17.38
C ILE B 127 41.22 19.94 16.06
N THR B 128 40.17 19.95 15.22
CA THR B 128 40.17 20.64 13.94
C THR B 128 38.79 21.25 13.69
N GLY B 129 38.73 22.19 12.74
CA GLY B 129 37.50 22.90 12.42
C GLY B 129 37.44 24.23 13.17
N GLN B 130 36.62 25.16 12.66
CA GLN B 130 36.54 26.50 13.21
C GLN B 130 35.61 26.51 14.43
N ALA B 131 35.73 27.59 15.22
CA ALA B 131 35.35 27.63 16.63
C ALA B 131 33.89 27.29 16.90
N PRO B 132 32.91 27.60 16.01
CA PRO B 132 31.53 27.17 16.23
C PRO B 132 31.17 25.70 15.97
N PHE B 133 32.07 24.93 15.35
CA PHE B 133 31.70 23.62 14.81
C PHE B 133 32.93 22.69 14.71
N ARG B 134 33.65 22.51 15.83
CA ARG B 134 34.89 21.77 15.86
C ARG B 134 34.66 20.26 15.95
N THR B 135 35.72 19.51 15.65
CA THR B 135 35.71 18.05 15.78
C THR B 135 37.00 17.59 16.47
N LEU B 136 36.84 16.71 17.47
CA LEU B 136 37.94 16.06 18.16
C LEU B 136 38.26 14.74 17.46
N VAL B 137 39.56 14.41 17.39
CA VAL B 137 40.03 13.13 16.90
C VAL B 137 40.94 12.52 17.96
N GLN B 138 40.79 11.21 18.22
CA GLN B 138 41.57 10.52 19.25
C GLN B 138 42.31 9.34 18.61
N ARG B 139 43.62 9.24 18.88
CA ARG B 139 44.47 8.24 18.24
C ARG B 139 45.27 7.47 19.28
N ILE B 140 45.62 6.21 18.95
CA ILE B 140 46.07 5.21 19.90
C ILE B 140 47.28 4.47 19.34
N TRP B 141 48.29 4.22 20.18
CA TRP B 141 49.42 3.37 19.81
C TRP B 141 49.78 2.40 20.93
N THR B 142 50.37 1.25 20.54
CA THR B 142 50.52 0.11 21.44
C THR B 142 51.90 -0.55 21.33
N THR B 143 52.24 -1.30 22.38
CA THR B 143 53.35 -2.25 22.39
C THR B 143 53.18 -3.28 21.26
N THR B 144 54.30 -3.74 20.69
CA THR B 144 54.30 -4.61 19.53
C THR B 144 55.41 -5.66 19.65
N SER B 145 55.50 -6.31 20.82
CA SER B 145 56.63 -7.18 21.18
C SER B 145 57.91 -6.36 21.31
N ASP B 146 57.78 -5.03 21.21
CA ASP B 146 58.86 -4.06 21.22
C ASP B 146 58.19 -2.69 21.34
N GLY B 147 58.97 -1.63 21.64
CA GLY B 147 58.42 -0.31 21.89
C GLY B 147 58.31 0.56 20.63
N GLU B 148 58.08 -0.08 19.47
CA GLU B 148 58.06 0.63 18.20
C GLU B 148 56.72 1.34 17.96
N ALA B 149 55.76 1.16 18.89
CA ALA B 149 54.53 1.95 18.94
C ALA B 149 53.72 1.85 17.65
N VAL B 150 53.20 0.65 17.36
CA VAL B 150 52.32 0.46 16.20
C VAL B 150 50.97 1.11 16.49
N GLU B 151 50.38 1.74 15.47
CA GLU B 151 49.11 2.43 15.62
C GLU B 151 47.94 1.46 15.53
N LEU B 152 46.98 1.60 16.46
CA LEU B 152 45.74 0.85 16.44
C LEU B 152 44.72 1.62 15.61
N ALA B 153 45.00 1.72 14.31
CA ALA B 153 44.33 2.66 13.41
C ALA B 153 42.82 2.50 13.44
N SER B 154 42.34 1.25 13.54
CA SER B 154 40.92 0.94 13.50
C SER B 154 40.16 1.53 14.69
N GLU B 155 40.87 1.78 15.80
CA GLU B 155 40.26 2.22 17.04
C GLU B 155 40.14 3.75 17.09
N THR B 156 40.75 4.47 16.13
CA THR B 156 40.73 5.93 16.15
C THR B 156 39.29 6.45 16.12
N LEU B 157 39.02 7.49 16.92
CA LEU B 157 37.68 7.99 17.19
C LEU B 157 37.54 9.44 16.73
N MET B 158 36.33 9.82 16.31
CA MET B 158 36.02 11.19 15.93
C MET B 158 34.69 11.63 16.55
N LYS B 159 34.65 12.84 17.11
CA LYS B 159 33.42 13.35 17.71
C LYS B 159 33.30 14.86 17.51
N ARG B 160 32.11 15.31 17.08
CA ARG B 160 31.83 16.73 16.87
C ARG B 160 31.48 17.41 18.19
N GLU B 161 31.73 18.72 18.22
CA GLU B 161 31.41 19.63 19.30
C GLU B 161 29.89 19.79 19.44
N LEU B 162 29.41 19.86 20.69
CA LEU B 162 28.04 20.25 21.01
C LEU B 162 27.83 21.73 20.67
N THR B 163 26.81 22.01 19.85
CA THR B 163 26.61 23.34 19.30
C THR B 163 26.14 24.32 20.37
N SER B 164 25.29 23.86 21.29
CA SER B 164 24.55 24.77 22.17
C SER B 164 24.39 24.14 23.56
N PHE B 165 25.48 23.60 24.10
CA PHE B 165 25.48 22.97 25.42
C PHE B 165 25.32 24.01 26.51
N VAL B 166 24.75 23.59 27.65
CA VAL B 166 24.67 24.41 28.86
C VAL B 166 24.88 23.46 30.04
N VAL B 167 25.95 23.71 30.80
CA VAL B 167 26.29 22.87 31.93
C VAL B 167 26.62 23.75 33.14
N LEU B 168 26.16 23.30 34.32
CA LEU B 168 26.36 24.04 35.57
C LEU B 168 27.44 23.34 36.38
N VAL B 169 28.40 24.13 36.91
CA VAL B 169 29.61 23.61 37.51
C VAL B 169 29.91 24.32 38.83
N PRO B 170 30.70 23.71 39.75
CA PRO B 170 31.08 24.35 41.01
C PRO B 170 31.83 25.67 40.92
N GLN B 171 31.69 26.49 41.98
CA GLN B 171 32.11 27.87 41.99
C GLN B 171 32.47 28.27 43.43
N GLY B 172 33.38 29.25 43.54
CA GLY B 172 33.73 29.83 44.82
C GLY B 172 34.78 28.99 45.53
N THR B 173 34.51 28.66 46.80
CA THR B 173 35.34 27.76 47.58
C THR B 173 34.44 26.99 48.54
N PRO B 174 34.76 25.72 48.87
CA PRO B 174 34.09 25.03 49.96
C PRO B 174 34.23 25.84 51.24
N ASP B 175 33.16 25.89 52.02
CA ASP B 175 33.13 26.66 53.25
C ASP B 175 33.84 25.89 54.36
N VAL B 176 33.72 24.55 54.34
CA VAL B 176 34.37 23.67 55.31
C VAL B 176 34.86 22.42 54.59
N GLN B 177 36.07 21.97 54.95
CA GLN B 177 36.67 20.77 54.38
C GLN B 177 37.01 19.79 55.50
N LEU B 178 36.78 18.49 55.26
CA LEU B 178 37.16 17.42 56.17
C LEU B 178 37.72 16.24 55.39
N ARG B 179 38.75 15.58 55.94
CA ARG B 179 39.58 14.61 55.22
C ARG B 179 39.46 13.23 55.88
N LEU B 180 38.98 12.23 55.13
CA LEU B 180 38.71 10.90 55.66
C LEU B 180 39.54 9.84 54.92
N THR B 181 39.95 8.78 55.63
CA THR B 181 40.59 7.62 55.02
C THR B 181 39.53 6.65 54.52
N ARG B 182 39.94 5.61 53.76
CA ARG B 182 39.04 4.59 53.22
C ARG B 182 38.20 3.94 54.33
N PRO B 183 38.76 3.50 55.49
CA PRO B 183 37.93 3.06 56.61
C PRO B 183 36.90 4.09 57.10
N GLN B 184 37.32 5.36 57.21
CA GLN B 184 36.48 6.41 57.78
C GLN B 184 35.34 6.79 56.83
N LEU B 185 35.64 6.98 55.55
CA LEU B 185 34.65 7.41 54.58
C LEU B 185 33.60 6.32 54.36
N THR B 186 34.03 5.05 54.31
CA THR B 186 33.07 3.95 54.19
C THR B 186 32.17 3.88 55.42
N LYS B 187 32.73 4.16 56.61
CA LYS B 187 31.93 4.15 57.83
C LYS B 187 30.91 5.30 57.83
N VAL B 188 31.22 6.43 57.20
CA VAL B 188 30.24 7.50 57.00
C VAL B 188 29.11 7.01 56.09
N LEU B 189 29.45 6.24 55.03
CA LEU B 189 28.43 5.68 54.16
C LEU B 189 27.57 4.66 54.91
N ASN B 190 28.15 3.97 55.89
CA ASN B 190 27.42 3.06 56.78
C ASN B 190 26.48 3.86 57.70
N ALA B 191 26.92 5.07 58.09
CA ALA B 191 26.23 5.91 59.05
C ALA B 191 24.99 6.60 58.46
N THR B 192 24.93 6.76 57.14
CA THR B 192 23.69 7.20 56.51
C THR B 192 22.75 6.01 56.33
N GLY B 193 21.45 6.28 56.49
CA GLY B 193 20.42 5.37 56.00
C GLY B 193 20.53 5.19 54.48
N ALA B 194 19.79 4.19 53.98
CA ALA B 194 19.98 3.70 52.62
C ALA B 194 19.01 4.38 51.64
N ASP B 195 17.98 5.09 52.13
CA ASP B 195 16.88 5.53 51.27
C ASP B 195 16.16 6.74 51.86
N SER B 196 15.17 7.25 51.09
CA SER B 196 14.36 8.40 51.49
C SER B 196 13.47 8.09 52.70
N ALA B 197 13.20 6.79 52.95
CA ALA B 197 12.50 6.36 54.15
C ALA B 197 13.42 6.39 55.37
N THR B 198 14.73 6.62 55.15
CA THR B 198 15.72 6.72 56.22
C THR B 198 16.59 7.97 56.04
N PRO B 199 16.03 9.20 56.19
CA PRO B 199 16.82 10.43 56.04
C PRO B 199 17.94 10.58 57.08
N THR B 200 19.04 11.23 56.66
CA THR B 200 20.23 11.36 57.47
C THR B 200 20.59 12.84 57.65
N THR B 201 21.22 13.18 58.79
CA THR B 201 21.68 14.53 59.07
C THR B 201 23.19 14.51 59.32
N PHE B 202 23.94 15.32 58.54
CA PHE B 202 25.35 15.57 58.81
C PHE B 202 25.48 16.81 59.71
N GLU B 203 26.43 16.80 60.64
CA GLU B 203 26.58 17.91 61.58
C GLU B 203 28.03 18.13 62.00
N LEU B 204 28.30 19.34 62.50
CA LEU B 204 29.46 19.56 63.34
C LEU B 204 29.02 20.31 64.61
N GLY B 205 29.34 19.72 65.76
CA GLY B 205 29.12 20.33 67.06
C GLY B 205 30.34 21.10 67.54
N VAL B 206 30.12 22.03 68.49
CA VAL B 206 31.14 22.93 69.00
C VAL B 206 32.31 22.11 69.56
N ASN B 207 33.54 22.63 69.37
CA ASN B 207 34.81 22.00 69.74
C ASN B 207 35.08 20.74 68.91
N GLY B 208 34.52 20.69 67.68
CA GLY B 208 34.99 19.77 66.65
C GLY B 208 34.32 18.40 66.68
N LYS B 209 33.05 18.32 67.09
CA LYS B 209 32.33 17.07 67.08
C LYS B 209 31.62 16.89 65.74
N PHE B 210 32.35 16.48 64.69
CA PHE B 210 31.70 16.11 63.45
C PHE B 210 30.82 14.90 63.69
N SER B 211 29.68 14.83 63.00
CA SER B 211 28.73 13.74 63.21
C SER B 211 27.85 13.52 61.98
N VAL B 212 27.28 12.31 61.90
CA VAL B 212 26.13 12.02 61.06
C VAL B 212 25.28 10.97 61.77
N PHE B 213 23.97 11.02 61.54
CA PHE B 213 23.02 10.13 62.19
C PHE B 213 21.72 10.07 61.39
N THR B 214 20.93 9.03 61.68
CA THR B 214 19.77 8.66 60.87
C THR B 214 18.69 8.11 61.81
N THR B 215 18.52 8.78 62.96
CA THR B 215 17.86 8.24 64.15
C THR B 215 18.66 7.04 64.68
N SER B 216 18.81 6.01 63.84
CA SER B 216 19.81 4.96 64.03
C SER B 216 21.15 5.42 63.45
N THR B 217 22.15 4.53 63.47
CA THR B 217 23.43 4.64 62.77
C THR B 217 24.16 5.96 63.08
N CYS B 218 24.14 6.38 64.35
CA CYS B 218 24.83 7.60 64.77
C CYS B 218 26.34 7.36 64.90
N VAL B 219 27.14 8.28 64.34
CA VAL B 219 28.60 8.22 64.40
C VAL B 219 29.20 9.62 64.56
N THR B 220 30.49 9.66 64.93
CA THR B 220 31.20 10.91 65.21
C THR B 220 32.68 10.81 64.85
N PHE B 221 33.26 11.95 64.45
CA PHE B 221 34.69 12.11 64.31
C PHE B 221 35.17 13.42 64.97
N ALA B 222 36.36 13.36 65.61
CA ALA B 222 36.93 14.50 66.32
C ALA B 222 37.81 15.33 65.38
N ALA B 223 37.42 16.60 65.16
CA ALA B 223 37.98 17.42 64.09
C ALA B 223 39.25 18.14 64.54
N ARG B 224 40.18 18.30 63.58
CA ARG B 224 41.39 19.08 63.73
C ARG B 224 41.58 19.96 62.49
N GLU B 225 42.08 21.19 62.69
CA GLU B 225 42.06 22.22 61.66
C GLU B 225 43.20 21.99 60.66
N ASN B 252 43.30 7.13 67.83
CA ASN B 252 43.42 8.00 66.62
C ASN B 252 42.28 7.75 65.64
N ALA B 253 41.62 6.58 65.73
CA ALA B 253 40.77 6.03 64.68
C ALA B 253 39.66 6.99 64.25
N LYS B 254 39.12 7.77 65.20
CA LYS B 254 37.94 8.60 64.93
C LYS B 254 38.32 10.07 64.73
N THR B 255 39.60 10.39 64.55
CA THR B 255 40.01 11.78 64.31
C THR B 255 39.84 12.12 62.83
N VAL B 256 39.48 13.39 62.55
CA VAL B 256 39.33 13.89 61.19
C VAL B 256 40.07 15.22 61.05
N TYR B 257 40.79 15.39 59.94
CA TYR B 257 41.52 16.62 59.65
C TYR B 257 40.72 17.45 58.65
N GLY B 258 41.02 18.76 58.52
CA GLY B 258 40.30 19.60 57.57
C GLY B 258 40.69 21.07 57.60
N GLU B 259 39.81 21.90 57.02
CA GLU B 259 39.94 23.36 57.08
C GLU B 259 38.56 23.99 57.29
N ASN B 260 38.56 25.11 58.02
CA ASN B 260 37.36 25.80 58.51
C ASN B 260 36.47 24.86 59.34
N THR B 261 37.11 23.92 60.05
CA THR B 261 36.42 22.94 60.88
C THR B 261 35.75 23.60 62.09
N HIS B 262 36.06 24.88 62.31
CA HIS B 262 35.69 25.63 63.51
C HIS B 262 34.19 25.89 63.66
N ARG B 263 33.41 25.88 62.55
CA ARG B 263 32.03 26.37 62.62
C ARG B 263 31.04 25.20 62.77
N THR B 264 30.11 25.37 63.72
CA THR B 264 29.07 24.39 64.01
C THR B 264 27.92 24.56 63.02
N PHE B 265 27.36 23.44 62.55
CA PHE B 265 26.23 23.45 61.63
C PHE B 265 25.51 22.10 61.61
N SER B 266 24.32 22.10 60.99
CA SER B 266 23.51 20.90 60.78
C SER B 266 22.84 20.96 59.41
N VAL B 267 22.95 19.88 58.62
CA VAL B 267 22.26 19.75 57.33
C VAL B 267 21.68 18.35 57.19
N VAL B 268 20.47 18.26 56.62
CA VAL B 268 19.73 17.00 56.54
C VAL B 268 19.49 16.65 55.06
N VAL B 269 19.35 15.34 54.79
CA VAL B 269 19.32 14.80 53.43
C VAL B 269 18.30 13.66 53.33
N ASP B 270 17.26 13.88 52.51
CA ASP B 270 16.27 12.86 52.19
C ASP B 270 16.72 12.01 51.00
N ASP B 271 17.74 12.46 50.26
CA ASP B 271 18.22 11.79 49.06
C ASP B 271 18.84 10.45 49.40
N CYS B 272 18.49 9.41 48.62
CA CYS B 272 19.00 8.06 48.76
C CYS B 272 20.47 7.95 48.36
N SER B 273 20.96 8.90 47.54
CA SER B 273 22.02 8.69 46.57
C SER B 273 23.34 8.19 47.16
N MET B 274 23.77 8.73 48.32
CA MET B 274 25.16 8.64 48.77
C MET B 274 25.64 7.19 48.86
N ARG B 275 24.80 6.30 49.42
CA ARG B 275 25.13 4.89 49.60
C ARG B 275 25.47 4.23 48.26
N ALA B 276 24.87 4.73 47.17
CA ALA B 276 25.05 4.15 45.85
C ALA B 276 26.16 4.85 45.07
N VAL B 277 26.10 6.19 44.98
CA VAL B 277 27.03 6.96 44.15
C VAL B 277 28.46 6.76 44.63
N LEU B 278 28.72 7.02 45.91
CA LEU B 278 30.08 7.05 46.41
C LEU B 278 30.67 5.65 46.46
N ARG B 279 29.83 4.61 46.57
CA ARG B 279 30.27 3.25 46.42
C ARG B 279 30.68 2.97 44.96
N ARG B 280 29.87 3.38 43.97
CA ARG B 280 30.12 3.01 42.58
C ARG B 280 30.97 4.05 41.84
N LEU B 281 31.65 4.93 42.58
CA LEU B 281 32.85 5.61 42.11
C LEU B 281 34.07 5.07 42.86
N GLN B 282 33.86 4.04 43.68
CA GLN B 282 34.89 3.30 44.38
C GLN B 282 35.87 4.24 45.09
N VAL B 283 35.31 5.04 46.02
CA VAL B 283 36.08 6.00 46.79
C VAL B 283 37.07 5.26 47.70
N GLY B 284 38.32 5.73 47.69
CA GLY B 284 39.29 5.42 48.73
C GLY B 284 39.20 6.46 49.85
N GLY B 285 40.36 6.97 50.28
CA GLY B 285 40.40 8.19 51.06
C GLY B 285 39.82 9.36 50.28
N GLY B 286 39.18 10.30 50.97
CA GLY B 286 38.43 11.35 50.32
C GLY B 286 38.05 12.51 51.25
N THR B 287 37.77 13.67 50.64
CA THR B 287 37.40 14.84 51.41
C THR B 287 35.91 15.14 51.23
N LEU B 288 35.27 15.46 52.35
CA LEU B 288 34.07 16.26 52.34
C LEU B 288 34.48 17.71 52.09
N LYS B 289 33.78 18.36 51.15
CA LYS B 289 33.95 19.77 50.85
C LYS B 289 32.56 20.42 50.81
N PHE B 290 32.15 21.02 51.93
CA PHE B 290 30.81 21.60 52.07
C PHE B 290 30.71 22.93 51.33
N PHE B 291 29.59 23.14 50.64
CA PHE B 291 29.13 24.46 50.25
C PHE B 291 27.88 24.77 51.06
N LEU B 292 28.13 25.21 52.31
CA LEU B 292 27.13 25.33 53.36
C LEU B 292 26.41 26.68 53.28
N THR B 293 27.03 27.67 52.64
CA THR B 293 26.64 29.07 52.79
C THR B 293 25.33 29.40 52.06
N THR B 294 25.10 28.76 50.90
CA THR B 294 24.11 29.22 49.92
C THR B 294 22.68 28.92 50.36
N PRO B 295 21.65 29.60 49.76
CA PRO B 295 20.24 29.35 50.09
C PRO B 295 19.84 27.88 50.02
N VAL B 296 20.33 27.16 48.99
CA VAL B 296 20.41 25.72 49.00
C VAL B 296 21.89 25.34 49.18
N PRO B 297 22.28 24.68 50.28
CA PRO B 297 23.64 24.17 50.42
C PRO B 297 23.83 22.83 49.72
N SER B 298 25.09 22.48 49.43
CA SER B 298 25.45 21.24 48.76
C SER B 298 26.83 20.78 49.20
N LEU B 299 27.09 19.46 49.11
CA LEU B 299 28.32 18.88 49.62
C LEU B 299 29.07 18.17 48.50
N CYS B 300 30.27 18.69 48.18
CA CYS B 300 31.18 18.04 47.24
C CYS B 300 32.01 17.00 47.99
N VAL B 301 31.81 15.70 47.69
CA VAL B 301 32.63 14.65 48.28
C VAL B 301 33.69 14.24 47.27
N THR B 302 34.95 14.60 47.51
CA THR B 302 36.04 14.35 46.55
C THR B 302 36.81 13.09 46.98
N ALA B 303 37.55 12.48 46.04
CA ALA B 303 38.42 11.35 46.35
C ALA B 303 39.78 11.86 46.82
N THR B 304 40.88 11.20 46.41
CA THR B 304 42.24 11.62 46.73
C THR B 304 43.15 11.41 45.51
N GLY B 305 44.29 12.11 45.48
CA GLY B 305 45.21 12.05 44.36
C GLY B 305 44.64 12.77 43.12
N PRO B 306 45.40 12.90 42.02
CA PRO B 306 44.93 13.61 40.82
C PRO B 306 43.75 12.92 40.13
N ASN B 307 43.43 11.70 40.56
CA ASN B 307 42.13 11.09 40.33
C ASN B 307 41.10 11.72 41.26
N ALA B 308 41.00 13.05 41.24
CA ALA B 308 40.11 13.76 42.14
C ALA B 308 38.68 13.72 41.61
N VAL B 309 38.21 12.54 41.21
CA VAL B 309 36.79 12.37 40.91
C VAL B 309 35.97 12.82 42.12
N SER B 310 34.90 13.57 41.85
CA SER B 310 34.15 14.27 42.89
C SER B 310 32.67 14.26 42.55
N ALA B 311 31.81 14.25 43.57
CA ALA B 311 30.37 14.25 43.37
C ALA B 311 29.76 15.26 44.32
N VAL B 312 28.77 16.02 43.84
CA VAL B 312 28.17 17.08 44.63
C VAL B 312 26.71 16.73 44.92
N PHE B 313 26.40 16.71 46.23
CA PHE B 313 25.13 16.22 46.75
C PHE B 313 24.31 17.41 47.24
N LEU B 314 23.11 17.60 46.66
CA LEU B 314 22.23 18.67 47.07
C LEU B 314 21.50 18.24 48.33
N LEU B 315 21.26 19.21 49.24
CA LEU B 315 20.81 18.93 50.59
C LEU B 315 19.49 19.66 50.86
N LYS B 316 18.97 19.52 52.08
CA LYS B 316 17.78 20.24 52.51
C LYS B 316 18.13 21.71 52.74
N PRO B 317 17.40 22.68 52.13
CA PRO B 317 17.54 24.09 52.50
C PRO B 317 16.84 24.45 53.81
N GLN B 318 17.34 23.88 54.92
CA GLN B 318 16.79 24.14 56.25
C GLN B 318 17.35 25.45 56.77
N LYS B 319 16.84 26.56 56.22
CA LYS B 319 17.22 27.94 56.56
C LYS B 319 18.72 28.19 56.31
#